data_3D9F
#
_entry.id   3D9F
#
_cell.length_a   108.325
_cell.length_b   108.325
_cell.length_c   339.432
_cell.angle_alpha   90.00
_cell.angle_beta   90.00
_cell.angle_gamma   120.00
#
_symmetry.space_group_name_H-M   'P 32 2 1'
#
loop_
_entity.id
_entity.type
_entity.pdbx_description
1 polymer 'Nitroalkane oxidase'
2 non-polymer 'FLAVIN-ADENINE DINUCLEOTIDE'
3 non-polymer 1-nitrohexane
4 non-polymer GLYCEROL
5 water water
#
_entity_poly.entity_id   1
_entity_poly.type   'polypeptide(L)'
_entity_poly.pdbx_seq_one_letter_code
;VDFKLSPSQLEARRHAQAFANTVLTKASAEYSTQKDQLSRFQATRPFYREAVRHGLIKAQVPIPLGGTMESLVHESIILE
ELFAVEPATSITIVATALGLMPVILCDSPSLQEKFLKPFISGEGEPLASLMHSEPNGTANWLQKGGPGLQTTARKVGNEW
VISGEKLWPSNSGGWDYKGADLACVVCRVSDDPSKPQDPNVDPATQIAVLLVTRETIANNKKDAYQILGEPELAGHITTS
GPHTRFTEFHVPHENLLCTPGLKAQGLVETAFAMAAALVGAMAIGTARAAFEEALVFAKSDTRGGSKHIIEHQSVADKLI
DCKIRLETSRLLVWKAVTTLEDEALEWKVKLEMAMQTKIYTTDVAVECVIDAMKAVGMKSYAKDMSFPRLLNEVMCYPLF
DGGNIGLRRRQMQRVMALEDYEPWAATYGSSKVDKSRL
;
_entity_poly.pdbx_strand_id   A,B,C,D
#
# COMPACT_ATOMS: atom_id res chain seq x y z
N VAL A 1 12.77 22.47 -20.80
CA VAL A 1 11.99 21.20 -20.71
C VAL A 1 10.59 21.42 -21.28
N ASP A 2 10.09 20.40 -21.98
CA ASP A 2 8.98 20.56 -22.90
C ASP A 2 8.10 19.32 -22.93
N PHE A 3 6.79 19.52 -22.83
CA PHE A 3 5.86 18.40 -22.87
C PHE A 3 4.94 18.39 -24.08
N LYS A 4 5.04 19.43 -24.91
CA LYS A 4 4.13 19.63 -26.04
C LYS A 4 4.35 18.62 -27.12
N LEU A 5 3.26 18.16 -27.74
CA LEU A 5 3.34 17.17 -28.82
C LEU A 5 3.33 17.85 -30.18
N SER A 6 4.16 17.33 -31.09
CA SER A 6 4.24 17.83 -32.47
C SER A 6 3.06 17.33 -33.31
N PRO A 7 2.79 18.00 -34.44
CA PRO A 7 1.79 17.51 -35.40
C PRO A 7 1.95 16.02 -35.74
N SER A 8 3.18 15.53 -35.91
CA SER A 8 3.35 14.12 -36.28
C SER A 8 3.07 13.18 -35.10
N GLN A 9 3.30 13.67 -33.89
CA GLN A 9 2.98 12.92 -32.68
C GLN A 9 1.48 12.83 -32.50
N LEU A 10 0.80 13.97 -32.64
CA LEU A 10 -0.65 14.01 -32.65
C LEU A 10 -1.28 13.21 -33.81
N GLU A 11 -0.63 13.20 -34.98
CA GLU A 11 -1.11 12.36 -36.09
C GLU A 11 -0.91 10.87 -35.81
N ALA A 12 0.24 10.54 -35.22
CA ALA A 12 0.52 9.16 -34.87
C ALA A 12 -0.59 8.64 -33.94
N ARG A 13 -0.96 9.45 -32.95
CA ARG A 13 -2.04 9.11 -32.04
C ARG A 13 -3.36 8.89 -32.78
N ARG A 14 -3.75 9.86 -33.63
CA ARG A 14 -5.01 9.79 -34.40
C ARG A 14 -5.03 8.53 -35.22
N HIS A 15 -3.92 8.26 -35.87
CA HIS A 15 -3.80 7.09 -36.73
C HIS A 15 -3.92 5.79 -35.93
N ALA A 16 -3.29 5.73 -34.76
CA ALA A 16 -3.37 4.53 -33.93
C ALA A 16 -4.82 4.34 -33.44
N GLN A 17 -5.44 5.42 -32.99
CA GLN A 17 -6.84 5.39 -32.54
C GLN A 17 -7.80 4.92 -33.64
N ALA A 18 -7.73 5.57 -34.81
CA ALA A 18 -8.47 5.15 -35.99
C ALA A 18 -8.31 3.67 -36.29
N PHE A 19 -7.07 3.18 -36.33
CA PHE A 19 -6.83 1.76 -36.56
C PHE A 19 -7.42 0.87 -35.46
N ALA A 20 -7.25 1.28 -34.20
CA ALA A 20 -7.78 0.50 -33.09
C ALA A 20 -9.31 0.42 -33.18
N ASN A 21 -9.94 1.56 -33.43
CA ASN A 21 -11.40 1.66 -33.44
C ASN A 21 -12.06 0.93 -34.60
N THR A 22 -11.50 1.11 -35.81
CA THR A 22 -12.13 0.59 -37.02
C THR A 22 -11.66 -0.82 -37.39
N VAL A 23 -10.45 -1.20 -36.98
CA VAL A 23 -9.96 -2.54 -37.32
C VAL A 23 -9.98 -3.51 -36.13
N LEU A 24 -9.30 -3.13 -35.04
CA LEU A 24 -9.09 -4.02 -33.89
C LEU A 24 -10.35 -4.39 -33.13
N THR A 25 -11.29 -3.44 -32.99
CA THR A 25 -12.59 -3.72 -32.35
C THR A 25 -13.39 -4.87 -32.99
N LYS A 26 -13.05 -5.24 -34.22
CA LYS A 26 -13.71 -6.33 -34.92
C LYS A 26 -13.05 -7.68 -34.67
N ALA A 27 -11.88 -7.65 -34.01
CA ALA A 27 -11.06 -8.86 -33.82
C ALA A 27 -11.73 -9.90 -32.94
N SER A 28 -12.43 -9.43 -31.92
CA SER A 28 -13.05 -10.27 -30.89
C SER A 28 -14.09 -11.26 -31.46
N ALA A 29 -14.93 -10.77 -32.36
CA ALA A 29 -15.95 -11.60 -32.99
C ALA A 29 -15.32 -12.86 -33.58
N GLU A 30 -14.08 -12.73 -34.07
CA GLU A 30 -13.37 -13.83 -34.74
C GLU A 30 -12.63 -14.75 -33.80
N TYR A 31 -11.91 -14.21 -32.81
CA TYR A 31 -11.15 -15.07 -31.89
C TYR A 31 -11.97 -15.71 -30.77
N SER A 32 -13.06 -15.05 -30.37
CA SER A 32 -13.91 -15.55 -29.26
C SER A 32 -14.46 -16.96 -29.46
N THR A 33 -14.70 -17.32 -30.72
CA THR A 33 -15.33 -18.60 -31.08
C THR A 33 -14.32 -19.73 -31.26
N GLN A 34 -13.03 -19.41 -31.24
CA GLN A 34 -12.00 -20.43 -31.38
C GLN A 34 -11.81 -21.16 -30.06
N LYS A 35 -11.22 -22.35 -30.13
CA LYS A 35 -11.21 -23.31 -29.03
C LYS A 35 -9.99 -23.23 -28.10
N ASP A 36 -8.84 -22.87 -28.67
CA ASP A 36 -7.60 -22.85 -27.91
C ASP A 36 -6.70 -21.66 -28.25
N GLN A 37 -5.57 -21.58 -27.57
CA GLN A 37 -4.69 -20.43 -27.70
C GLN A 37 -4.24 -20.26 -29.17
N LEU A 38 -3.69 -21.31 -29.77
CA LEU A 38 -3.23 -21.25 -31.17
C LEU A 38 -4.30 -20.78 -32.17
N SER A 39 -5.45 -21.47 -32.16
CA SER A 39 -6.62 -21.09 -33.00
C SER A 39 -7.03 -19.64 -32.82
N ARG A 40 -7.01 -19.14 -31.59
CA ARG A 40 -7.32 -17.74 -31.32
C ARG A 40 -6.26 -16.83 -31.96
N PHE A 41 -4.98 -17.18 -31.77
CA PHE A 41 -3.86 -16.50 -32.44
C PHE A 41 -4.05 -16.50 -33.97
N GLN A 42 -4.29 -17.68 -34.55
CA GLN A 42 -4.50 -17.83 -36.01
C GLN A 42 -5.68 -16.99 -36.54
N ALA A 43 -6.76 -16.92 -35.77
CA ALA A 43 -7.93 -16.09 -36.09
C ALA A 43 -7.59 -14.60 -36.16
N THR A 44 -6.45 -14.25 -35.58
CA THR A 44 -5.96 -12.88 -35.48
C THR A 44 -5.22 -12.41 -36.77
N ARG A 45 -4.74 -13.38 -37.54
CA ARG A 45 -3.94 -13.12 -38.75
C ARG A 45 -4.44 -11.99 -39.66
N PRO A 46 -5.74 -11.98 -40.02
CA PRO A 46 -6.22 -10.87 -40.85
C PRO A 46 -6.14 -9.45 -40.22
N PHE A 47 -6.04 -9.37 -38.90
CA PHE A 47 -5.92 -8.04 -38.27
C PHE A 47 -4.47 -7.56 -38.28
N TYR A 48 -3.55 -8.50 -38.10
CA TYR A 48 -2.13 -8.29 -38.31
C TYR A 48 -1.83 -7.90 -39.76
N ARG A 49 -2.46 -8.60 -40.72
CA ARG A 49 -2.45 -8.20 -42.14
C ARG A 49 -2.83 -6.72 -42.28
N GLU A 50 -3.94 -6.34 -41.67
CA GLU A 50 -4.39 -4.94 -41.70
C GLU A 50 -3.43 -3.96 -41.03
N ALA A 51 -2.72 -4.43 -40.01
CA ALA A 51 -1.73 -3.64 -39.27
C ALA A 51 -0.52 -3.35 -40.15
N VAL A 52 -0.04 -4.38 -40.83
CA VAL A 52 1.03 -4.22 -41.83
C VAL A 52 0.58 -3.20 -42.89
N ARG A 53 -0.60 -3.43 -43.46
CA ARG A 53 -1.20 -2.53 -44.47
C ARG A 53 -1.30 -1.08 -43.99
N HIS A 54 -1.44 -0.89 -42.67
CA HIS A 54 -1.52 0.45 -42.09
C HIS A 54 -0.15 1.05 -41.74
N GLY A 55 0.91 0.28 -41.99
CA GLY A 55 2.29 0.75 -41.83
C GLY A 55 2.87 0.50 -40.45
N LEU A 56 2.12 -0.24 -39.63
CA LEU A 56 2.42 -0.27 -38.20
C LEU A 56 3.60 -1.16 -37.87
N ILE A 57 3.85 -2.15 -38.71
CA ILE A 57 4.97 -3.05 -38.53
C ILE A 57 6.24 -2.35 -39.03
N LYS A 58 6.09 -1.58 -40.11
CA LYS A 58 7.17 -0.81 -40.70
C LYS A 58 7.64 0.27 -39.71
N ALA A 59 6.70 0.83 -38.96
CA ALA A 59 6.95 1.85 -37.96
C ALA A 59 7.65 1.32 -36.70
N GLN A 60 7.86 0.01 -36.63
CA GLN A 60 8.67 -0.61 -35.58
C GLN A 60 10.19 -0.52 -35.86
N VAL A 61 10.54 -0.11 -37.07
CA VAL A 61 11.93 -0.14 -37.57
C VAL A 61 12.41 1.30 -37.80
N PRO A 62 13.59 1.67 -37.26
CA PRO A 62 14.13 3.02 -37.45
C PRO A 62 14.20 3.47 -38.93
N ILE A 63 14.01 4.76 -39.16
CA ILE A 63 14.07 5.36 -40.50
C ILE A 63 15.39 5.04 -41.24
N PRO A 64 16.57 5.19 -40.58
CA PRO A 64 17.82 4.90 -41.27
C PRO A 64 17.97 3.42 -41.65
N LEU A 65 17.05 2.58 -41.17
CA LEU A 65 17.08 1.15 -41.46
C LEU A 65 15.97 0.79 -42.45
N GLY A 66 15.38 1.80 -43.07
CA GLY A 66 14.29 1.57 -44.00
C GLY A 66 12.89 1.75 -43.44
N GLY A 67 12.75 1.73 -42.11
CA GLY A 67 11.43 1.79 -41.47
C GLY A 67 10.85 3.17 -41.43
N THR A 68 9.84 3.36 -40.60
CA THR A 68 9.20 4.67 -40.46
C THR A 68 9.08 5.12 -39.01
N MET A 69 9.76 4.44 -38.08
CA MET A 69 9.70 4.86 -36.69
C MET A 69 10.24 6.26 -36.49
N GLU A 70 9.37 7.18 -36.05
CA GLU A 70 9.76 8.57 -35.92
C GLU A 70 10.50 8.90 -34.61
N SER A 71 10.33 8.04 -33.60
CA SER A 71 10.95 8.17 -32.26
C SER A 71 10.23 7.26 -31.28
N LEU A 72 10.82 7.12 -30.09
CA LEU A 72 10.27 6.22 -29.09
C LEU A 72 9.06 6.80 -28.39
N VAL A 73 8.95 8.12 -28.33
CA VAL A 73 7.74 8.78 -27.83
C VAL A 73 6.57 8.49 -28.80
N HIS A 74 6.80 8.67 -30.12
CA HIS A 74 5.80 8.33 -31.12
C HIS A 74 5.32 6.90 -30.86
N GLU A 75 6.28 5.98 -30.76
CA GLU A 75 6.03 4.57 -30.42
C GLU A 75 5.17 4.40 -29.15
N SER A 76 5.47 5.20 -28.12
CA SER A 76 4.78 5.13 -26.82
C SER A 76 3.33 5.53 -26.95
N ILE A 77 3.10 6.61 -27.68
CA ILE A 77 1.78 7.10 -28.01
C ILE A 77 0.97 6.03 -28.74
N ILE A 78 1.58 5.38 -29.72
CA ILE A 78 0.89 4.39 -30.53
C ILE A 78 0.49 3.19 -29.67
N LEU A 79 1.44 2.67 -28.91
CA LEU A 79 1.20 1.47 -28.10
C LEU A 79 0.08 1.66 -27.08
N GLU A 80 0.01 2.85 -26.48
CA GLU A 80 -1.00 3.14 -25.47
C GLU A 80 -2.40 3.12 -26.11
N GLU A 81 -2.53 3.75 -27.28
CA GLU A 81 -3.78 3.78 -28.05
C GLU A 81 -4.28 2.41 -28.47
N LEU A 82 -3.36 1.59 -28.96
CA LEU A 82 -3.66 0.23 -29.38
C LEU A 82 -4.10 -0.60 -28.20
N PHE A 83 -3.30 -0.57 -27.13
CA PHE A 83 -3.59 -1.40 -25.96
C PHE A 83 -4.79 -0.92 -25.14
N ALA A 84 -5.12 0.37 -25.23
CA ALA A 84 -6.32 0.88 -24.61
C ALA A 84 -7.60 0.30 -25.24
N VAL A 85 -7.50 -0.35 -26.41
CA VAL A 85 -8.68 -0.89 -27.12
C VAL A 85 -8.64 -2.43 -27.18
N GLU A 86 -7.57 -2.99 -27.72
CA GLU A 86 -7.50 -4.42 -27.95
C GLU A 86 -6.04 -4.86 -27.99
N PRO A 87 -5.58 -5.62 -26.97
CA PRO A 87 -4.22 -6.15 -27.03
C PRO A 87 -4.02 -7.31 -28.02
N ALA A 88 -5.10 -7.91 -28.53
CA ALA A 88 -4.98 -8.89 -29.62
C ALA A 88 -4.43 -8.18 -30.85
N THR A 89 -3.51 -8.84 -31.56
CA THR A 89 -2.76 -8.25 -32.69
C THR A 89 -1.75 -7.17 -32.26
N SER A 90 -2.16 -6.25 -31.41
CA SER A 90 -1.27 -5.27 -30.81
C SER A 90 -0.03 -5.94 -30.16
N ILE A 91 -0.27 -6.99 -29.39
CA ILE A 91 0.80 -7.79 -28.79
C ILE A 91 1.69 -8.45 -29.84
N THR A 92 1.13 -8.71 -31.02
CA THR A 92 1.87 -9.40 -32.07
C THR A 92 2.82 -8.39 -32.71
N ILE A 93 2.34 -7.17 -32.91
CA ILE A 93 3.15 -6.05 -33.38
C ILE A 93 4.38 -5.80 -32.50
N VAL A 94 4.18 -5.71 -31.18
CA VAL A 94 5.25 -5.43 -30.25
C VAL A 94 6.17 -6.62 -30.00
N ALA A 95 5.66 -7.85 -30.12
CA ALA A 95 6.52 -9.04 -29.99
C ALA A 95 7.47 -9.16 -31.17
N THR A 96 6.98 -8.74 -32.34
CA THR A 96 7.78 -8.65 -33.57
C THR A 96 8.86 -7.60 -33.40
N ALA A 97 8.50 -6.41 -32.93
CA ALA A 97 9.48 -5.34 -32.71
C ALA A 97 10.62 -5.83 -31.80
N LEU A 98 10.27 -6.54 -30.74
CA LEU A 98 11.27 -7.12 -29.86
C LEU A 98 12.17 -8.11 -30.61
N GLY A 99 11.54 -8.91 -31.47
CA GLY A 99 12.25 -9.91 -32.28
C GLY A 99 13.19 -9.25 -33.26
N LEU A 100 12.81 -8.09 -33.76
CA LEU A 100 13.62 -7.32 -34.69
C LEU A 100 14.75 -6.54 -34.01
N MET A 101 14.60 -6.31 -32.70
CA MET A 101 15.56 -5.47 -31.95
C MET A 101 17.03 -5.88 -32.01
N PRO A 102 17.37 -7.15 -31.72
CA PRO A 102 18.81 -7.44 -31.78
C PRO A 102 19.41 -7.18 -33.15
N VAL A 103 18.63 -7.36 -34.22
CA VAL A 103 19.08 -7.00 -35.57
C VAL A 103 19.16 -5.47 -35.75
N ILE A 104 18.10 -4.78 -35.35
CA ILE A 104 18.08 -3.31 -35.39
C ILE A 104 19.31 -2.70 -34.66
N LEU A 105 19.77 -3.36 -33.63
CA LEU A 105 20.77 -2.80 -32.73
C LEU A 105 22.20 -3.23 -33.07
N CYS A 106 22.32 -4.26 -33.90
CA CYS A 106 23.64 -4.75 -34.29
C CYS A 106 24.33 -3.72 -35.18
N ASP A 107 25.60 -3.91 -35.46
CA ASP A 107 26.29 -2.90 -36.26
C ASP A 107 26.60 -3.31 -37.70
N SER A 108 25.89 -4.30 -38.21
CA SER A 108 26.13 -4.81 -39.56
C SER A 108 25.06 -4.43 -40.56
N PRO A 109 25.35 -3.42 -41.39
CA PRO A 109 24.41 -2.95 -42.42
C PRO A 109 23.87 -4.04 -43.36
N SER A 110 24.70 -5.00 -43.77
CA SER A 110 24.24 -6.03 -44.69
C SER A 110 23.23 -7.00 -44.05
N LEU A 111 23.57 -7.50 -42.86
CA LEU A 111 22.68 -8.37 -42.07
C LEU A 111 21.32 -7.72 -41.77
N GLN A 112 21.36 -6.45 -41.36
CA GLN A 112 20.15 -5.65 -41.16
C GLN A 112 19.33 -5.55 -42.45
N GLU A 113 19.98 -5.18 -43.54
CA GLU A 113 19.32 -5.04 -44.83
C GLU A 113 18.65 -6.35 -45.29
N LYS A 114 19.39 -7.44 -45.16
CA LYS A 114 18.88 -8.75 -45.50
C LYS A 114 17.68 -9.13 -44.60
N PHE A 115 17.90 -9.18 -43.30
CA PHE A 115 16.93 -9.77 -42.37
C PHE A 115 15.71 -8.91 -42.04
N LEU A 116 15.80 -7.61 -42.31
CA LEU A 116 14.71 -6.67 -41.99
C LEU A 116 13.78 -6.39 -43.16
N LYS A 117 14.21 -6.81 -44.36
CA LYS A 117 13.51 -6.51 -45.61
C LYS A 117 12.01 -6.87 -45.59
N PRO A 118 11.66 -8.12 -45.17
CA PRO A 118 10.25 -8.50 -45.11
C PRO A 118 9.43 -7.55 -44.24
N PHE A 119 10.05 -7.06 -43.16
CA PHE A 119 9.33 -6.27 -42.15
C PHE A 119 9.15 -4.80 -42.55
N ILE A 120 9.96 -4.32 -43.51
CA ILE A 120 9.79 -2.94 -43.99
C ILE A 120 9.04 -2.87 -45.32
N SER A 121 8.63 -4.04 -45.81
CA SER A 121 8.04 -4.23 -47.14
C SER A 121 6.64 -3.64 -47.32
N GLY A 122 5.87 -3.59 -46.24
CA GLY A 122 4.46 -3.14 -46.31
C GLY A 122 3.50 -4.26 -46.75
N GLU A 123 4.05 -5.47 -46.89
CA GLU A 123 3.27 -6.58 -47.41
C GLU A 123 3.42 -7.87 -46.59
N GLY A 124 2.47 -8.79 -46.75
CA GLY A 124 2.44 -10.04 -46.00
C GLY A 124 2.08 -9.85 -44.53
N GLU A 125 2.32 -10.89 -43.75
CA GLU A 125 2.15 -10.84 -42.29
C GLU A 125 3.41 -11.42 -41.61
N PRO A 126 4.57 -10.79 -41.83
CA PRO A 126 5.80 -11.38 -41.30
C PRO A 126 5.89 -11.22 -39.79
N LEU A 127 6.38 -12.26 -39.13
CA LEU A 127 6.48 -12.31 -37.69
C LEU A 127 7.93 -12.48 -37.27
N ALA A 128 8.28 -11.86 -36.14
CA ALA A 128 9.61 -11.99 -35.55
C ALA A 128 9.45 -12.32 -34.07
N SER A 129 10.44 -12.99 -33.50
CA SER A 129 10.38 -13.34 -32.09
C SER A 129 11.80 -13.42 -31.55
N LEU A 130 12.02 -12.80 -30.39
CA LEU A 130 13.25 -12.99 -29.64
C LEU A 130 13.07 -14.13 -28.64
N MET A 131 13.72 -15.25 -28.92
CA MET A 131 13.55 -16.47 -28.15
C MET A 131 14.59 -16.61 -27.05
N HIS A 132 14.25 -16.08 -25.89
CA HIS A 132 15.17 -16.08 -24.76
C HIS A 132 14.71 -17.03 -23.66
N SER A 133 13.45 -16.84 -23.21
CA SER A 133 12.84 -17.56 -22.07
C SER A 133 12.79 -19.08 -22.25
N GLU A 134 12.84 -19.77 -21.11
CA GLU A 134 13.00 -21.22 -21.06
C GLU A 134 12.13 -21.86 -19.97
N PRO A 135 11.85 -23.17 -20.13
CA PRO A 135 11.06 -23.93 -19.15
C PRO A 135 11.57 -23.78 -17.72
N ASN A 136 12.89 -23.76 -17.55
CA ASN A 136 13.48 -23.74 -16.21
C ASN A 136 13.62 -22.32 -15.63
N GLY A 137 13.26 -21.33 -16.42
CA GLY A 137 13.42 -19.92 -16.04
C GLY A 137 14.68 -19.30 -16.61
N THR A 138 14.79 -17.98 -16.46
CA THR A 138 15.89 -17.19 -17.01
C THR A 138 16.32 -16.06 -16.06
N ALA A 139 15.63 -15.92 -14.92
CA ALA A 139 15.99 -14.87 -13.98
C ALA A 139 17.48 -14.93 -13.62
N ASN A 140 18.04 -16.15 -13.68
CA ASN A 140 19.41 -16.43 -13.25
C ASN A 140 20.34 -16.87 -14.38
N TRP A 141 19.97 -16.57 -15.62
CA TRP A 141 20.77 -17.01 -16.76
C TRP A 141 22.22 -16.51 -16.72
N LEU A 142 22.46 -15.39 -16.05
CA LEU A 142 23.81 -14.81 -15.98
C LEU A 142 24.48 -15.04 -14.64
N GLN A 143 23.90 -15.89 -13.80
CA GLN A 143 24.49 -16.21 -12.49
C GLN A 143 25.71 -17.09 -12.64
N LYS A 144 26.86 -16.54 -12.29
CA LYS A 144 28.10 -17.30 -12.28
C LYS A 144 27.98 -18.45 -11.28
N GLY A 145 28.33 -19.64 -11.73
CA GLY A 145 28.19 -20.86 -10.93
C GLY A 145 26.84 -21.57 -11.11
N GLY A 146 25.94 -20.94 -11.87
CA GLY A 146 24.59 -21.48 -12.11
C GLY A 146 24.59 -22.38 -13.34
N PRO A 147 23.47 -23.11 -13.58
CA PRO A 147 23.36 -23.96 -14.77
C PRO A 147 23.36 -23.20 -16.08
N GLY A 148 22.99 -21.92 -16.05
CA GLY A 148 22.92 -21.11 -17.28
C GLY A 148 21.76 -21.50 -18.17
N LEU A 149 21.65 -20.86 -19.34
CA LEU A 149 20.63 -21.24 -20.32
C LEU A 149 20.70 -22.74 -20.65
N GLN A 150 19.54 -23.35 -20.82
CA GLN A 150 19.48 -24.77 -21.18
C GLN A 150 19.45 -24.98 -22.70
N THR A 151 19.20 -23.91 -23.44
CA THR A 151 19.37 -23.92 -24.86
C THR A 151 20.82 -23.54 -25.15
N THR A 152 21.60 -24.53 -25.58
CA THR A 152 23.03 -24.34 -25.88
C THR A 152 23.30 -24.39 -27.38
N ALA A 153 24.43 -23.82 -27.80
CA ALA A 153 24.93 -23.92 -29.16
C ALA A 153 26.41 -24.30 -29.19
N ARG A 154 26.80 -25.04 -30.23
CA ARG A 154 28.21 -25.37 -30.45
C ARG A 154 28.51 -25.37 -31.93
N LYS A 155 29.73 -24.98 -32.28
CA LYS A 155 30.14 -24.92 -33.68
C LYS A 155 30.61 -26.29 -34.16
N VAL A 156 30.02 -26.78 -35.25
CA VAL A 156 30.47 -28.02 -35.91
C VAL A 156 30.69 -27.75 -37.41
N GLY A 157 31.95 -27.64 -37.81
CA GLY A 157 32.29 -27.24 -39.18
C GLY A 157 32.00 -25.78 -39.43
N ASN A 158 31.32 -25.48 -40.54
CA ASN A 158 30.90 -24.10 -40.87
C ASN A 158 29.45 -23.81 -40.43
N GLU A 159 28.96 -24.57 -39.45
CA GLU A 159 27.65 -24.27 -38.91
C GLU A 159 27.54 -24.43 -37.39
N TRP A 160 26.43 -23.94 -36.83
CA TRP A 160 26.14 -24.05 -35.41
C TRP A 160 25.01 -25.03 -35.14
N VAL A 161 25.13 -25.79 -34.06
CA VAL A 161 24.13 -26.80 -33.68
C VAL A 161 23.47 -26.51 -32.31
N ILE A 162 22.24 -26.00 -32.39
CA ILE A 162 21.40 -25.67 -31.22
C ILE A 162 20.77 -26.91 -30.59
N SER A 163 20.88 -27.00 -29.26
CA SER A 163 20.24 -28.06 -28.49
C SER A 163 19.54 -27.50 -27.26
N GLY A 164 18.21 -27.65 -27.20
CA GLY A 164 17.45 -27.36 -25.98
C GLY A 164 16.07 -26.80 -26.22
N GLU A 165 15.51 -26.16 -25.20
CA GLU A 165 14.11 -25.74 -25.21
C GLU A 165 13.89 -24.28 -24.84
N LYS A 166 13.00 -23.65 -25.60
CA LYS A 166 12.45 -22.35 -25.29
C LYS A 166 10.97 -22.44 -24.85
N LEU A 167 10.52 -21.51 -24.03
CA LEU A 167 9.13 -21.40 -23.59
C LEU A 167 8.78 -19.91 -23.46
N TRP A 168 7.59 -19.53 -23.91
CA TRP A 168 7.03 -18.15 -23.79
C TRP A 168 7.25 -17.18 -24.98
N PRO A 169 8.31 -17.36 -25.79
CA PRO A 169 8.54 -16.29 -26.77
C PRO A 169 7.40 -16.10 -27.76
N SER A 170 6.71 -14.97 -27.64
CA SER A 170 5.60 -14.69 -28.53
C SER A 170 6.07 -14.69 -30.00
N ASN A 171 5.21 -15.25 -30.85
CA ASN A 171 5.41 -15.37 -32.31
C ASN A 171 6.36 -16.46 -32.76
N SER A 172 7.02 -17.14 -31.82
CA SER A 172 8.20 -17.95 -32.16
C SER A 172 7.96 -19.07 -33.18
N GLY A 173 6.78 -19.67 -33.14
CA GLY A 173 6.39 -20.72 -34.09
C GLY A 173 5.80 -20.22 -35.40
N GLY A 174 5.66 -18.91 -35.57
CA GLY A 174 4.94 -18.36 -36.72
C GLY A 174 3.45 -18.65 -36.65
N TRP A 175 2.72 -18.25 -37.70
CA TRP A 175 1.28 -18.52 -37.80
C TRP A 175 0.89 -20.00 -37.84
N ASP A 176 1.83 -20.87 -38.25
CA ASP A 176 1.52 -22.24 -38.66
C ASP A 176 2.44 -23.30 -38.04
N TYR A 177 3.26 -22.87 -37.07
CA TYR A 177 4.21 -23.74 -36.36
C TYR A 177 5.39 -24.20 -37.20
N LYS A 178 5.56 -23.59 -38.38
CA LYS A 178 6.75 -23.80 -39.20
C LYS A 178 7.78 -22.66 -39.01
N GLY A 179 7.60 -21.88 -37.93
CA GLY A 179 8.55 -20.83 -37.49
C GLY A 179 8.15 -19.39 -37.77
N ALA A 180 8.53 -18.47 -36.88
CA ALA A 180 8.46 -17.03 -37.18
C ALA A 180 9.33 -16.73 -38.40
N ASP A 181 8.98 -15.69 -39.17
CA ASP A 181 9.84 -15.29 -40.30
C ASP A 181 11.30 -15.02 -39.90
N LEU A 182 11.48 -14.29 -38.79
CA LEU A 182 12.78 -14.12 -38.14
C LEU A 182 12.69 -14.40 -36.65
N ALA A 183 13.48 -15.36 -36.19
CA ALA A 183 13.66 -15.61 -34.76
C ALA A 183 15.13 -15.46 -34.33
N CYS A 184 15.39 -14.60 -33.35
CA CYS A 184 16.71 -14.51 -32.75
C CYS A 184 16.78 -15.43 -31.55
N VAL A 185 17.53 -16.51 -31.68
CA VAL A 185 17.62 -17.52 -30.63
C VAL A 185 18.85 -17.30 -29.75
N VAL A 186 18.60 -17.12 -28.45
CA VAL A 186 19.66 -16.82 -27.50
C VAL A 186 20.12 -18.12 -26.88
N CYS A 187 21.42 -18.38 -26.96
CA CYS A 187 22.03 -19.64 -26.56
C CYS A 187 23.23 -19.43 -25.65
N ARG A 188 23.50 -20.41 -24.81
CA ARG A 188 24.75 -20.48 -24.10
C ARG A 188 25.70 -21.42 -24.86
N VAL A 189 26.87 -20.92 -25.24
CA VAL A 189 27.86 -21.74 -25.96
C VAL A 189 28.36 -22.88 -25.06
N SER A 190 28.33 -24.10 -25.60
CA SER A 190 28.76 -25.29 -24.87
C SER A 190 29.13 -26.43 -25.81
N ASP A 191 30.43 -26.74 -25.85
CA ASP A 191 30.96 -27.85 -26.64
C ASP A 191 30.36 -29.22 -26.27
N ASP A 192 30.25 -29.52 -24.97
CA ASP A 192 29.47 -30.69 -24.56
C ASP A 192 28.25 -30.30 -23.73
N PRO A 193 27.05 -30.37 -24.35
CA PRO A 193 25.78 -29.98 -23.75
C PRO A 193 25.40 -30.80 -22.52
N SER A 194 25.96 -31.99 -22.37
CA SER A 194 25.65 -32.86 -21.22
C SER A 194 26.57 -32.56 -20.03
N LYS A 195 27.53 -31.66 -20.24
CA LYS A 195 28.36 -31.14 -19.16
C LYS A 195 27.82 -29.79 -18.69
N PRO A 196 27.84 -29.56 -17.36
CA PRO A 196 27.39 -28.30 -16.75
C PRO A 196 28.22 -27.08 -17.15
N GLN A 197 27.61 -25.89 -17.09
CA GLN A 197 28.35 -24.65 -17.25
C GLN A 197 29.53 -24.63 -16.29
N ASP A 198 30.68 -24.24 -16.81
CA ASP A 198 31.89 -24.13 -16.00
C ASP A 198 31.64 -23.04 -14.93
N PRO A 199 31.74 -23.40 -13.64
CA PRO A 199 31.51 -22.40 -12.58
C PRO A 199 32.55 -21.28 -12.52
N ASN A 200 33.59 -21.37 -13.36
CA ASN A 200 34.72 -20.43 -13.35
C ASN A 200 34.71 -19.40 -14.46
N VAL A 201 33.82 -19.59 -15.43
CA VAL A 201 33.70 -18.64 -16.54
C VAL A 201 32.41 -17.82 -16.47
N ASP A 202 32.57 -16.50 -16.56
CA ASP A 202 31.46 -15.57 -16.56
C ASP A 202 30.40 -15.93 -17.62
N PRO A 203 29.17 -16.29 -17.20
CA PRO A 203 28.13 -16.71 -18.13
C PRO A 203 27.92 -15.76 -19.30
N ALA A 204 28.05 -14.45 -19.04
CA ALA A 204 27.91 -13.45 -20.10
C ALA A 204 28.89 -13.64 -21.26
N THR A 205 30.09 -14.17 -20.98
CA THR A 205 31.13 -14.34 -22.00
C THR A 205 30.79 -15.44 -22.99
N GLN A 206 29.76 -16.24 -22.65
CA GLN A 206 29.36 -17.44 -23.39
C GLN A 206 28.04 -17.32 -24.16
N ILE A 207 27.50 -16.11 -24.26
CA ILE A 207 26.22 -15.92 -24.92
C ILE A 207 26.35 -15.74 -26.45
N ALA A 208 25.57 -16.50 -27.22
CA ALA A 208 25.44 -16.27 -28.67
C ALA A 208 23.99 -16.11 -29.10
N VAL A 209 23.77 -15.37 -30.18
CA VAL A 209 22.46 -15.18 -30.76
C VAL A 209 22.49 -15.67 -32.21
N LEU A 210 21.71 -16.71 -32.49
CA LEU A 210 21.62 -17.23 -33.85
C LEU A 210 20.28 -16.87 -34.46
N LEU A 211 20.29 -16.37 -35.69
CA LEU A 211 19.09 -16.06 -36.43
C LEU A 211 18.52 -17.33 -37.05
N VAL A 212 17.23 -17.59 -36.82
CA VAL A 212 16.53 -18.79 -37.34
C VAL A 212 15.32 -18.36 -38.17
N THR A 213 15.37 -18.68 -39.46
CA THR A 213 14.28 -18.34 -40.37
C THR A 213 13.44 -19.60 -40.64
N ARG A 214 12.39 -19.43 -41.43
CA ARG A 214 11.55 -20.57 -41.81
C ARG A 214 12.35 -21.51 -42.72
N GLU A 215 13.33 -20.94 -43.42
CA GLU A 215 14.21 -21.72 -44.27
C GLU A 215 15.13 -22.60 -43.42
N THR A 216 15.72 -22.03 -42.37
CA THR A 216 16.62 -22.78 -41.48
C THR A 216 15.92 -24.05 -40.99
N ILE A 217 14.67 -23.89 -40.58
CA ILE A 217 13.82 -24.98 -40.07
C ILE A 217 13.44 -25.98 -41.18
N ALA A 218 13.13 -25.47 -42.37
CA ALA A 218 12.88 -26.29 -43.54
C ALA A 218 14.09 -27.18 -43.89
N ASN A 219 15.30 -26.67 -43.68
CA ASN A 219 16.53 -27.40 -44.00
C ASN A 219 16.99 -28.36 -42.92
N ASN A 220 16.22 -28.46 -41.84
CA ASN A 220 16.55 -29.45 -40.81
C ASN A 220 15.58 -30.63 -40.82
N LYS A 221 16.03 -31.75 -40.25
CA LYS A 221 15.14 -32.88 -39.98
C LYS A 221 13.89 -32.37 -39.29
N LYS A 222 12.75 -32.99 -39.59
CA LYS A 222 11.47 -32.55 -39.05
C LYS A 222 11.46 -32.52 -37.51
N ASP A 223 12.15 -33.48 -36.89
CA ASP A 223 12.16 -33.60 -35.42
C ASP A 223 13.26 -32.78 -34.72
N ALA A 224 13.98 -31.95 -35.49
CA ALA A 224 15.01 -31.08 -34.94
C ALA A 224 14.40 -29.81 -34.33
N TYR A 225 13.22 -29.45 -34.85
CA TYR A 225 12.41 -28.32 -34.41
C TYR A 225 10.99 -28.83 -34.09
N GLN A 226 10.69 -28.99 -32.81
CA GLN A 226 9.38 -29.47 -32.40
C GLN A 226 8.64 -28.47 -31.48
N ILE A 227 7.38 -28.20 -31.79
CA ILE A 227 6.50 -27.50 -30.85
C ILE A 227 5.84 -28.52 -29.92
N LEU A 228 6.26 -28.52 -28.65
CA LEU A 228 5.76 -29.45 -27.65
C LEU A 228 4.45 -28.98 -26.98
N GLY A 229 4.08 -27.71 -27.16
CA GLY A 229 2.85 -27.22 -26.56
C GLY A 229 2.65 -25.72 -26.62
N GLU A 230 1.46 -25.30 -26.18
CA GLU A 230 1.05 -23.91 -26.25
C GLU A 230 0.29 -23.57 -24.96
N PRO A 231 0.91 -22.73 -24.11
CA PRO A 231 0.31 -22.44 -22.81
C PRO A 231 -1.07 -21.77 -22.96
N GLU A 232 -2.02 -22.18 -22.12
CA GLU A 232 -3.28 -21.47 -22.02
C GLU A 232 -3.06 -20.38 -20.97
N LEU A 233 -3.07 -19.13 -21.44
CA LEU A 233 -2.77 -17.97 -20.59
C LEU A 233 -4.02 -17.36 -20.03
N ALA A 234 -3.92 -16.76 -18.84
CA ALA A 234 -5.03 -16.06 -18.21
C ALA A 234 -5.56 -14.90 -19.06
N GLY A 235 -4.63 -14.16 -19.66
CA GLY A 235 -4.99 -13.00 -20.46
C GLY A 235 -4.09 -12.96 -21.66
N HIS A 236 -4.36 -12.02 -22.58
CA HIS A 236 -3.68 -12.00 -23.86
C HIS A 236 -3.85 -13.36 -24.51
N ILE A 237 -5.10 -13.81 -24.57
CA ILE A 237 -5.42 -15.20 -24.90
C ILE A 237 -5.25 -15.50 -26.39
N THR A 238 -5.00 -14.45 -27.17
CA THR A 238 -4.83 -14.57 -28.62
C THR A 238 -3.35 -14.56 -29.09
N THR A 239 -2.41 -14.58 -28.16
CA THR A 239 -1.00 -14.60 -28.54
C THR A 239 -0.51 -16.04 -28.66
N SER A 240 0.51 -16.27 -29.47
CA SER A 240 1.17 -17.59 -29.41
C SER A 240 2.57 -17.43 -28.90
N GLY A 241 2.95 -18.27 -27.95
CA GLY A 241 4.30 -18.27 -27.39
C GLY A 241 4.61 -19.67 -26.93
N PRO A 242 4.84 -20.59 -27.88
CA PRO A 242 4.91 -22.02 -27.59
C PRO A 242 6.13 -22.53 -26.81
N HIS A 243 6.02 -23.77 -26.36
CA HIS A 243 7.13 -24.58 -25.88
C HIS A 243 7.80 -25.19 -27.12
N THR A 244 9.07 -24.84 -27.36
CA THR A 244 9.84 -25.35 -28.50
C THR A 244 11.03 -26.20 -28.07
N ARG A 245 11.27 -27.30 -28.80
CA ARG A 245 12.45 -28.12 -28.58
C ARG A 245 13.33 -28.15 -29.82
N PHE A 246 14.59 -27.79 -29.62
CA PHE A 246 15.65 -27.90 -30.62
C PHE A 246 16.42 -29.18 -30.36
N THR A 247 16.49 -30.05 -31.35
CA THR A 247 17.33 -31.23 -31.21
C THR A 247 18.28 -31.32 -32.40
N GLU A 248 19.57 -31.14 -32.13
CA GLU A 248 20.63 -31.12 -33.15
C GLU A 248 20.20 -30.26 -34.34
N PHE A 249 19.85 -29.02 -34.06
CA PHE A 249 19.27 -28.13 -35.05
C PHE A 249 20.38 -27.27 -35.68
N HIS A 250 20.60 -27.50 -36.98
CA HIS A 250 21.72 -26.90 -37.69
C HIS A 250 21.38 -25.51 -38.22
N VAL A 251 22.25 -24.57 -37.91
CA VAL A 251 22.13 -23.17 -38.33
C VAL A 251 23.45 -22.78 -39.00
N PRO A 252 23.37 -22.13 -40.19
CA PRO A 252 24.55 -21.61 -40.88
C PRO A 252 25.25 -20.51 -40.07
N HIS A 253 26.59 -20.54 -40.07
CA HIS A 253 27.42 -19.51 -39.43
C HIS A 253 27.07 -18.07 -39.86
N GLU A 254 26.67 -17.89 -41.12
CA GLU A 254 26.23 -16.57 -41.62
C GLU A 254 24.95 -16.08 -40.93
N ASN A 255 24.41 -16.92 -40.06
CA ASN A 255 23.20 -16.54 -39.32
C ASN A 255 23.53 -16.12 -37.89
N LEU A 256 24.79 -16.25 -37.52
CA LEU A 256 25.29 -15.77 -36.24
C LEU A 256 25.28 -14.24 -36.25
N LEU A 257 24.67 -13.66 -35.23
CA LEU A 257 24.45 -12.21 -35.17
C LEU A 257 25.76 -11.44 -34.96
N CYS A 258 26.66 -12.03 -34.19
CA CYS A 258 27.94 -11.42 -33.89
C CYS A 258 28.78 -12.48 -33.18
N THR A 259 30.04 -12.19 -32.85
CA THR A 259 30.85 -13.11 -32.07
C THR A 259 30.16 -13.38 -30.75
N PRO A 260 30.09 -14.65 -30.33
CA PRO A 260 29.62 -14.96 -28.99
C PRO A 260 30.39 -14.14 -27.95
N GLY A 261 29.74 -13.85 -26.83
CA GLY A 261 30.38 -13.16 -25.72
C GLY A 261 29.62 -11.93 -25.31
N LEU A 262 30.31 -11.04 -24.58
CA LEU A 262 29.72 -9.87 -23.95
C LEU A 262 28.93 -8.95 -24.89
N LYS A 263 29.29 -8.98 -26.17
CA LYS A 263 28.64 -8.17 -27.20
C LYS A 263 27.26 -8.76 -27.59
N ALA A 264 27.20 -10.09 -27.66
CA ALA A 264 25.93 -10.78 -27.84
C ALA A 264 25.02 -10.56 -26.63
N GLN A 265 25.50 -10.82 -25.42
CA GLN A 265 24.73 -10.50 -24.19
C GLN A 265 24.24 -9.06 -24.23
N GLY A 266 25.14 -8.14 -24.61
CA GLY A 266 24.84 -6.72 -24.63
C GLY A 266 23.68 -6.39 -25.54
N LEU A 267 23.62 -7.05 -26.70
CA LEU A 267 22.49 -6.84 -27.62
C LEU A 267 21.17 -7.37 -27.05
N VAL A 268 21.20 -8.52 -26.39
CA VAL A 268 20.02 -9.05 -25.70
C VAL A 268 19.59 -8.08 -24.58
N GLU A 269 20.56 -7.59 -23.81
CA GLU A 269 20.28 -6.69 -22.69
C GLU A 269 19.68 -5.36 -23.17
N THR A 270 20.19 -4.85 -24.29
CA THR A 270 19.73 -3.58 -24.84
C THR A 270 18.34 -3.76 -25.44
N ALA A 271 18.08 -4.92 -26.05
CA ALA A 271 16.76 -5.19 -26.62
C ALA A 271 15.72 -5.22 -25.49
N PHE A 272 16.00 -6.00 -24.46
CA PHE A 272 15.09 -6.14 -23.31
C PHE A 272 14.95 -4.89 -22.42
N ALA A 273 15.96 -4.01 -22.41
CA ALA A 273 15.87 -2.71 -21.72
C ALA A 273 14.99 -1.71 -22.48
N MET A 274 15.06 -1.76 -23.81
CA MET A 274 14.16 -0.94 -24.61
C MET A 274 12.70 -1.36 -24.42
N ALA A 275 12.46 -2.67 -24.46
CA ALA A 275 11.15 -3.27 -24.16
C ALA A 275 10.69 -2.88 -22.75
N ALA A 276 11.59 -2.98 -21.77
CA ALA A 276 11.30 -2.61 -20.38
C ALA A 276 10.71 -1.19 -20.24
N ALA A 277 11.22 -0.23 -21.02
CA ALA A 277 10.65 1.12 -20.98
C ALA A 277 9.32 1.20 -21.72
N LEU A 278 9.23 0.50 -22.85
CA LEU A 278 8.07 0.62 -23.71
C LEU A 278 6.84 -0.17 -23.22
N VAL A 279 7.08 -1.29 -22.55
CA VAL A 279 6.02 -2.07 -21.91
C VAL A 279 5.11 -1.20 -21.01
N GLY A 280 5.68 -0.14 -20.45
CA GLY A 280 4.92 0.82 -19.66
C GLY A 280 3.73 1.36 -20.43
N ALA A 281 3.91 1.57 -21.75
CA ALA A 281 2.86 2.14 -22.58
C ALA A 281 1.73 1.15 -22.76
N MET A 282 2.09 -0.13 -22.79
CA MET A 282 1.12 -1.22 -22.87
C MET A 282 0.29 -1.32 -21.57
N ALA A 283 0.97 -1.28 -20.43
CA ALA A 283 0.33 -1.23 -19.12
C ALA A 283 -0.62 -0.03 -18.96
N ILE A 284 -0.16 1.15 -19.39
CA ILE A 284 -0.96 2.38 -19.38
C ILE A 284 -2.24 2.29 -20.19
N GLY A 285 -2.16 1.67 -21.39
CA GLY A 285 -3.33 1.51 -22.23
C GLY A 285 -4.42 0.67 -21.58
N THR A 286 -4.01 -0.49 -21.09
CA THR A 286 -4.90 -1.42 -20.39
C THR A 286 -5.58 -0.78 -19.17
N ALA A 287 -4.77 -0.18 -18.29
CA ALA A 287 -5.24 0.49 -17.10
C ALA A 287 -6.06 1.75 -17.41
N ARG A 288 -5.73 2.43 -18.51
CA ARG A 288 -6.53 3.58 -19.00
C ARG A 288 -7.94 3.16 -19.49
N ALA A 289 -7.99 2.05 -20.22
CA ALA A 289 -9.28 1.45 -20.57
C ALA A 289 -10.12 1.25 -19.30
N ALA A 290 -9.52 0.63 -18.27
CA ALA A 290 -10.20 0.39 -17.00
C ALA A 290 -10.65 1.67 -16.32
N PHE A 291 -9.78 2.66 -16.28
CA PHE A 291 -10.10 3.93 -15.63
C PHE A 291 -11.21 4.70 -16.36
N GLU A 292 -11.19 4.68 -17.70
CA GLU A 292 -12.17 5.42 -18.50
C GLU A 292 -13.54 4.74 -18.42
N GLU A 293 -13.56 3.41 -18.53
CA GLU A 293 -14.81 2.69 -18.32
C GLU A 293 -15.42 3.03 -16.94
N ALA A 294 -14.64 2.88 -15.86
CA ALA A 294 -15.13 3.23 -14.53
C ALA A 294 -15.56 4.68 -14.36
N LEU A 295 -14.80 5.61 -14.96
CA LEU A 295 -15.11 7.03 -14.91
C LEU A 295 -16.45 7.36 -15.60
N VAL A 296 -16.64 6.86 -16.82
CA VAL A 296 -17.88 7.08 -17.56
C VAL A 296 -19.10 6.55 -16.75
N PHE A 297 -18.96 5.31 -16.28
CA PHE A 297 -19.91 4.72 -15.35
C PHE A 297 -20.20 5.60 -14.14
N ALA A 298 -19.16 6.09 -13.47
CA ALA A 298 -19.33 6.85 -12.23
C ALA A 298 -20.05 8.15 -12.50
N LYS A 299 -19.94 8.63 -13.72
CA LYS A 299 -20.50 9.91 -14.10
C LYS A 299 -21.92 9.81 -14.67
N SER A 300 -22.39 8.59 -14.93
CA SER A 300 -23.69 8.42 -15.57
C SER A 300 -24.61 7.45 -14.82
N ASP A 301 -24.19 7.04 -13.61
CA ASP A 301 -24.91 6.03 -12.87
C ASP A 301 -24.98 6.30 -11.36
N THR A 302 -26.20 6.26 -10.83
CA THR A 302 -26.44 6.66 -9.45
C THR A 302 -26.44 5.45 -8.54
N ARG A 303 -26.35 4.26 -9.13
CA ARG A 303 -26.45 3.00 -8.41
C ARG A 303 -27.64 2.94 -7.43
N GLY A 304 -28.81 3.41 -7.91
CA GLY A 304 -30.06 3.40 -7.14
C GLY A 304 -30.15 4.54 -6.14
N GLY A 305 -29.17 5.43 -6.15
CA GLY A 305 -29.23 6.57 -5.25
C GLY A 305 -29.75 7.78 -5.98
N SER A 306 -29.57 8.95 -5.36
CA SER A 306 -30.05 10.20 -5.87
C SER A 306 -29.01 10.94 -6.73
N LYS A 307 -27.72 10.62 -6.53
CA LYS A 307 -26.65 11.35 -7.24
C LYS A 307 -25.67 10.40 -7.95
N HIS A 308 -25.03 10.88 -9.01
CA HIS A 308 -24.04 10.06 -9.73
C HIS A 308 -22.99 9.58 -8.72
N ILE A 309 -22.53 8.34 -8.86
CA ILE A 309 -21.60 7.81 -7.83
C ILE A 309 -20.25 8.54 -7.70
N ILE A 310 -19.81 9.21 -8.78
CA ILE A 310 -18.63 10.10 -8.67
C ILE A 310 -18.75 11.11 -7.54
N GLU A 311 -19.97 11.36 -7.05
CA GLU A 311 -20.12 12.33 -5.95
C GLU A 311 -19.81 11.73 -4.57
N HIS A 312 -19.69 10.41 -4.49
CA HIS A 312 -19.28 9.78 -3.25
C HIS A 312 -17.76 9.82 -3.08
N GLN A 313 -17.26 10.41 -1.99
CA GLN A 313 -15.81 10.59 -1.82
C GLN A 313 -14.98 9.31 -2.03
N SER A 314 -15.46 8.17 -1.54
CA SER A 314 -14.73 6.89 -1.64
C SER A 314 -14.59 6.40 -3.08
N VAL A 315 -15.60 6.67 -3.89
CA VAL A 315 -15.55 6.38 -5.33
C VAL A 315 -14.56 7.38 -5.95
N ALA A 316 -14.74 8.66 -5.67
CA ALA A 316 -13.86 9.69 -6.20
C ALA A 316 -12.41 9.35 -5.90
N ASP A 317 -12.12 8.97 -4.65
CA ASP A 317 -10.77 8.58 -4.21
C ASP A 317 -10.14 7.52 -5.09
N LYS A 318 -10.91 6.51 -5.45
CA LYS A 318 -10.40 5.42 -6.32
C LYS A 318 -10.01 5.97 -7.68
N LEU A 319 -10.92 6.74 -8.29
CA LEU A 319 -10.70 7.33 -9.62
C LEU A 319 -9.52 8.30 -9.60
N ILE A 320 -9.46 9.16 -8.58
CA ILE A 320 -8.27 10.00 -8.34
C ILE A 320 -6.98 9.17 -8.30
N ASP A 321 -6.99 8.07 -7.55
CA ASP A 321 -5.82 7.20 -7.48
C ASP A 321 -5.46 6.58 -8.82
N CYS A 322 -6.46 6.12 -9.58
CA CYS A 322 -6.20 5.57 -10.92
C CYS A 322 -5.55 6.63 -11.81
N LYS A 323 -6.08 7.84 -11.72
CA LYS A 323 -5.66 8.98 -12.55
C LYS A 323 -4.21 9.35 -12.27
N ILE A 324 -3.83 9.32 -11.01
CA ILE A 324 -2.47 9.63 -10.59
C ILE A 324 -1.48 8.57 -11.08
N ARG A 325 -1.88 7.30 -10.98
CA ARG A 325 -1.06 6.18 -11.46
C ARG A 325 -0.78 6.25 -12.95
N LEU A 326 -1.81 6.60 -13.71
CA LEU A 326 -1.71 6.74 -15.14
C LEU A 326 -0.87 7.94 -15.55
N GLU A 327 -1.15 9.10 -14.97
CA GLU A 327 -0.34 10.27 -15.24
C GLU A 327 1.15 10.04 -14.92
N THR A 328 1.46 9.62 -13.69
CA THR A 328 2.83 9.39 -13.32
C THR A 328 3.50 8.35 -14.23
N SER A 329 2.76 7.30 -14.59
CA SER A 329 3.25 6.26 -15.47
C SER A 329 3.65 6.77 -16.86
N ARG A 330 2.78 7.58 -17.47
CA ARG A 330 3.07 8.07 -18.82
C ARG A 330 4.30 8.98 -18.84
N LEU A 331 4.37 9.91 -17.90
CA LEU A 331 5.54 10.76 -17.70
C LEU A 331 6.83 9.95 -17.57
N LEU A 332 6.79 8.86 -16.83
CA LEU A 332 7.98 8.06 -16.58
C LEU A 332 8.41 7.30 -17.85
N VAL A 333 7.43 6.86 -18.64
CA VAL A 333 7.72 6.20 -19.91
C VAL A 333 8.37 7.15 -20.91
N TRP A 334 7.81 8.35 -21.04
CA TRP A 334 8.35 9.37 -21.92
C TRP A 334 9.74 9.79 -21.45
N LYS A 335 9.92 9.90 -20.14
CA LYS A 335 11.23 10.20 -19.59
C LYS A 335 12.20 9.08 -19.96
N ALA A 336 11.75 7.83 -19.82
CA ALA A 336 12.63 6.71 -19.98
C ALA A 336 13.02 6.49 -21.45
N VAL A 337 12.07 6.66 -22.37
CA VAL A 337 12.37 6.45 -23.81
C VAL A 337 13.32 7.55 -24.29
N THR A 338 13.09 8.77 -23.84
CA THR A 338 13.91 9.94 -24.14
C THR A 338 15.33 9.80 -23.56
N THR A 339 15.42 9.14 -22.40
CA THR A 339 16.68 8.76 -21.79
C THR A 339 17.46 7.77 -22.66
N LEU A 340 16.79 6.70 -23.08
CA LEU A 340 17.38 5.72 -24.01
C LEU A 340 17.90 6.32 -25.33
N GLU A 341 17.25 7.39 -25.78
CA GLU A 341 17.61 8.08 -27.02
C GLU A 341 18.78 9.07 -26.84
N ASP A 342 19.14 9.40 -25.60
CA ASP A 342 20.17 10.39 -25.34
C ASP A 342 21.57 9.78 -25.49
N GLU A 343 22.24 10.14 -26.58
CA GLU A 343 23.59 9.61 -26.89
C GLU A 343 24.66 9.99 -25.89
N ALA A 344 24.45 11.09 -25.18
CA ALA A 344 25.41 11.58 -24.21
C ALA A 344 25.36 10.85 -22.87
N LEU A 345 24.46 9.88 -22.71
CA LEU A 345 24.36 9.21 -21.41
C LEU A 345 24.95 7.81 -21.40
N GLU A 346 25.58 7.46 -20.30
CA GLU A 346 26.07 6.11 -20.11
C GLU A 346 24.94 5.09 -20.08
N TRP A 347 25.25 3.88 -20.50
CA TRP A 347 24.28 2.81 -20.53
C TRP A 347 23.65 2.52 -19.14
N LYS A 348 24.48 2.43 -18.09
CA LYS A 348 23.97 2.13 -16.74
C LYS A 348 22.84 3.09 -16.35
N VAL A 349 22.98 4.37 -16.74
CA VAL A 349 21.98 5.40 -16.52
C VAL A 349 20.69 5.12 -17.28
N LYS A 350 20.84 4.66 -18.52
CA LYS A 350 19.72 4.28 -19.36
C LYS A 350 19.05 3.04 -18.81
N LEU A 351 19.85 2.04 -18.45
CA LEU A 351 19.35 0.80 -17.92
C LEU A 351 18.51 1.06 -16.67
N GLU A 352 19.06 1.82 -15.73
CA GLU A 352 18.42 2.08 -14.45
C GLU A 352 17.06 2.72 -14.68
N MET A 353 16.99 3.72 -15.56
CA MET A 353 15.73 4.41 -15.86
C MET A 353 14.72 3.45 -16.48
N ALA A 354 15.21 2.53 -17.29
CA ALA A 354 14.33 1.61 -17.99
C ALA A 354 13.75 0.60 -17.01
N MET A 355 14.56 0.13 -16.06
CA MET A 355 14.10 -0.79 -15.03
C MET A 355 13.06 -0.13 -14.11
N GLN A 356 13.31 1.09 -13.65
CA GLN A 356 12.37 1.86 -12.82
C GLN A 356 10.99 1.90 -13.49
N THR A 357 11.00 2.22 -14.79
CA THR A 357 9.79 2.41 -15.56
C THR A 357 8.99 1.12 -15.64
N LYS A 358 9.67 0.02 -15.91
CA LYS A 358 9.02 -1.25 -16.06
C LYS A 358 8.40 -1.67 -14.73
N ILE A 359 9.18 -1.56 -13.65
CA ILE A 359 8.70 -1.92 -12.32
C ILE A 359 7.49 -1.05 -11.95
N TYR A 360 7.64 0.27 -12.00
CA TYR A 360 6.57 1.12 -11.49
C TYR A 360 5.28 0.97 -12.32
N THR A 361 5.38 1.18 -13.64
CA THR A 361 4.19 1.21 -14.50
C THR A 361 3.40 -0.10 -14.49
N THR A 362 4.10 -1.22 -14.40
CA THR A 362 3.46 -2.53 -14.45
C THR A 362 2.80 -2.92 -13.14
N ASP A 363 3.46 -2.63 -12.01
CA ASP A 363 2.84 -2.84 -10.69
C ASP A 363 1.60 -1.96 -10.49
N VAL A 364 1.79 -0.68 -10.78
CA VAL A 364 0.79 0.33 -10.61
C VAL A 364 -0.44 0.15 -11.58
N ALA A 365 -0.24 -0.49 -12.74
CA ALA A 365 -1.36 -0.76 -13.67
C ALA A 365 -2.37 -1.76 -13.11
N VAL A 366 -1.87 -2.76 -12.39
CA VAL A 366 -2.71 -3.75 -11.74
C VAL A 366 -3.60 -3.09 -10.68
N GLU A 367 -3.01 -2.25 -9.84
CA GLU A 367 -3.75 -1.45 -8.82
C GLU A 367 -4.86 -0.61 -9.45
N CYS A 368 -4.52 0.07 -10.54
CA CYS A 368 -5.45 0.91 -11.26
C CYS A 368 -6.70 0.12 -11.72
N VAL A 369 -6.48 -1.05 -12.33
CA VAL A 369 -7.61 -1.84 -12.86
C VAL A 369 -8.49 -2.28 -11.70
N ILE A 370 -7.86 -2.77 -10.63
CA ILE A 370 -8.55 -3.30 -9.46
C ILE A 370 -9.40 -2.24 -8.75
N ASP A 371 -8.84 -1.05 -8.57
CA ASP A 371 -9.53 0.07 -7.95
C ASP A 371 -10.71 0.53 -8.80
N ALA A 372 -10.50 0.63 -10.11
CA ALA A 372 -11.57 0.92 -11.03
C ALA A 372 -12.71 -0.10 -10.86
N MET A 373 -12.40 -1.41 -10.81
CA MET A 373 -13.40 -2.47 -10.61
C MET A 373 -14.17 -2.29 -9.30
N LYS A 374 -13.43 -1.93 -8.25
CA LYS A 374 -13.98 -1.70 -6.93
C LYS A 374 -14.99 -0.53 -6.91
N ALA A 375 -14.69 0.50 -7.70
CA ALA A 375 -15.51 1.70 -7.80
C ALA A 375 -16.83 1.50 -8.61
N VAL A 376 -16.74 0.72 -9.69
CA VAL A 376 -17.91 0.29 -10.46
C VAL A 376 -18.77 -0.68 -9.60
N GLY A 377 -18.08 -1.44 -8.75
CA GLY A 377 -18.72 -2.42 -7.88
C GLY A 377 -19.01 -3.72 -8.61
N MET A 378 -20.10 -4.37 -8.23
CA MET A 378 -20.43 -5.70 -8.73
C MET A 378 -20.57 -5.82 -10.25
N LYS A 379 -20.97 -4.75 -10.92
CA LYS A 379 -21.13 -4.81 -12.39
C LYS A 379 -19.81 -5.03 -13.17
N SER A 380 -18.67 -4.70 -12.53
CA SER A 380 -17.36 -4.81 -13.17
C SER A 380 -16.96 -6.28 -13.36
N TYR A 381 -17.67 -7.17 -12.66
CA TYR A 381 -17.33 -8.60 -12.56
C TYR A 381 -17.90 -9.48 -13.66
N ALA A 382 -18.74 -8.92 -14.51
CA ALA A 382 -19.40 -9.67 -15.58
C ALA A 382 -18.90 -9.23 -16.93
N LYS A 383 -18.89 -10.19 -17.87
CA LYS A 383 -18.22 -10.00 -19.15
C LYS A 383 -18.94 -9.10 -20.15
N ASP A 384 -20.01 -8.45 -19.70
CA ASP A 384 -20.62 -7.38 -20.49
C ASP A 384 -19.98 -6.02 -20.17
N MET A 385 -19.02 -6.03 -19.23
CA MET A 385 -18.10 -4.91 -19.08
C MET A 385 -16.69 -5.42 -19.44
N SER A 386 -15.75 -4.50 -19.65
CA SER A 386 -14.39 -4.83 -20.11
C SER A 386 -13.53 -5.43 -19.04
N PHE A 387 -13.85 -5.11 -17.78
CA PHE A 387 -12.99 -5.39 -16.63
C PHE A 387 -12.46 -6.82 -16.49
N PRO A 388 -13.33 -7.84 -16.63
CA PRO A 388 -12.79 -9.20 -16.53
C PRO A 388 -11.59 -9.44 -17.46
N ARG A 389 -11.72 -9.02 -18.72
CA ARG A 389 -10.63 -9.08 -19.67
C ARG A 389 -9.44 -8.24 -19.15
N LEU A 390 -9.71 -6.99 -18.79
CA LEU A 390 -8.67 -6.05 -18.35
C LEU A 390 -7.84 -6.57 -17.18
N LEU A 391 -8.51 -7.25 -16.24
CA LEU A 391 -7.87 -7.77 -15.04
C LEU A 391 -6.84 -8.85 -15.36
N ASN A 392 -7.27 -9.78 -16.22
CA ASN A 392 -6.41 -10.87 -16.65
C ASN A 392 -5.25 -10.36 -17.51
N GLU A 393 -5.56 -9.43 -18.41
CA GLU A 393 -4.54 -8.84 -19.29
C GLU A 393 -3.49 -8.02 -18.54
N VAL A 394 -3.92 -7.21 -17.56
CA VAL A 394 -3.02 -6.34 -16.79
C VAL A 394 -2.04 -7.13 -15.90
N MET A 395 -2.43 -8.32 -15.47
CA MET A 395 -1.60 -9.14 -14.59
C MET A 395 -0.43 -9.78 -15.32
N CYS A 396 -0.39 -9.60 -16.63
CA CYS A 396 0.67 -10.14 -17.42
C CYS A 396 1.93 -9.28 -17.23
N TYR A 397 1.70 -7.98 -17.13
CA TYR A 397 2.73 -6.98 -17.28
C TYR A 397 3.80 -7.01 -16.18
N PRO A 398 3.40 -7.11 -14.89
CA PRO A 398 4.46 -7.32 -13.88
C PRO A 398 5.23 -8.62 -14.03
N LEU A 399 4.67 -9.56 -14.78
CA LEU A 399 5.26 -10.89 -14.86
C LEU A 399 6.14 -11.11 -16.09
N PHE A 400 5.76 -10.50 -17.21
CA PHE A 400 6.38 -10.77 -18.49
C PHE A 400 7.45 -9.71 -18.72
N ASP A 401 8.13 -9.82 -19.88
CA ASP A 401 9.20 -8.91 -20.25
C ASP A 401 10.24 -8.76 -19.10
N GLY A 402 10.61 -9.88 -18.49
CA GLY A 402 11.43 -9.89 -17.28
C GLY A 402 10.60 -9.46 -16.09
N GLY A 403 10.19 -10.43 -15.27
CA GLY A 403 9.41 -10.13 -14.06
C GLY A 403 10.08 -9.13 -13.15
N ASN A 404 9.26 -8.37 -12.43
CA ASN A 404 9.78 -7.32 -11.59
C ASN A 404 10.65 -7.88 -10.47
N ILE A 405 10.21 -8.99 -9.87
CA ILE A 405 10.80 -9.51 -8.64
C ILE A 405 12.15 -10.16 -8.95
N GLY A 406 12.14 -11.03 -9.95
CA GLY A 406 13.32 -11.84 -10.27
C GLY A 406 14.36 -11.13 -11.11
N LEU A 407 13.93 -10.33 -12.08
CA LEU A 407 14.85 -9.75 -13.06
C LEU A 407 15.02 -8.24 -12.89
N ARG A 408 13.93 -7.48 -13.06
CA ARG A 408 14.10 -6.02 -13.20
C ARG A 408 14.64 -5.34 -11.93
N ARG A 409 14.16 -5.75 -10.76
CA ARG A 409 14.69 -5.21 -9.49
C ARG A 409 16.14 -5.61 -9.27
N ARG A 410 16.53 -6.79 -9.76
CA ARG A 410 17.92 -7.27 -9.63
C ARG A 410 18.86 -6.51 -10.57
N GLN A 411 18.42 -6.30 -11.81
CA GLN A 411 19.14 -5.45 -12.75
C GLN A 411 19.33 -4.05 -12.18
N MET A 412 18.27 -3.49 -11.58
CA MET A 412 18.33 -2.16 -10.99
C MET A 412 19.24 -2.10 -9.74
N GLN A 413 19.09 -3.09 -8.86
CA GLN A 413 19.93 -3.25 -7.69
C GLN A 413 21.44 -3.27 -8.04
N ARG A 414 21.82 -4.02 -9.07
CA ARG A 414 23.22 -4.15 -9.46
C ARG A 414 23.77 -2.80 -9.89
N VAL A 415 22.97 -2.00 -10.60
CA VAL A 415 23.43 -0.70 -11.03
C VAL A 415 23.58 0.24 -9.84
N MET A 416 22.62 0.17 -8.92
CA MET A 416 22.66 1.04 -7.74
C MET A 416 23.83 0.70 -6.87
N ALA A 417 24.27 -0.56 -6.89
CA ALA A 417 25.37 -1.04 -6.07
C ALA A 417 26.78 -0.64 -6.58
N LEU A 418 26.87 -0.18 -7.82
CA LEU A 418 28.16 0.17 -8.46
C LEU A 418 28.75 1.39 -7.81
N GLU A 419 30.09 1.39 -7.64
CA GLU A 419 30.82 2.53 -7.07
C GLU A 419 30.50 3.88 -7.74
N ASP A 420 30.31 3.87 -9.05
CA ASP A 420 30.12 5.11 -9.80
C ASP A 420 28.66 5.48 -10.14
N TYR A 421 27.72 4.94 -9.36
CA TYR A 421 26.29 5.15 -9.60
C TYR A 421 25.92 6.60 -9.41
N GLU A 422 25.34 7.20 -10.45
CA GLU A 422 24.82 8.56 -10.34
C GLU A 422 23.30 8.57 -10.45
N PRO A 423 22.62 8.60 -9.29
CA PRO A 423 21.17 8.51 -9.25
C PRO A 423 20.40 9.47 -10.19
N TRP A 424 20.87 10.71 -10.31
CA TRP A 424 20.15 11.77 -11.02
C TRP A 424 20.79 12.15 -12.34
N ALA A 425 21.62 11.26 -12.90
CA ALA A 425 22.36 11.62 -14.12
C ALA A 425 21.44 11.83 -15.31
N ALA A 426 20.29 11.16 -15.37
CA ALA A 426 19.37 11.32 -16.51
C ALA A 426 18.56 12.59 -16.36
N THR A 427 18.63 13.19 -15.19
CA THR A 427 17.93 14.42 -14.94
C THR A 427 18.86 15.62 -14.94
N TYR A 428 19.93 15.54 -14.18
CA TYR A 428 20.78 16.71 -13.97
C TYR A 428 22.10 16.65 -14.76
N GLY A 429 22.30 15.57 -15.52
CA GLY A 429 23.55 15.34 -16.21
C GLY A 429 24.62 14.69 -15.34
N SER A 430 25.65 14.14 -15.98
CA SER A 430 26.72 13.45 -15.26
C SER A 430 27.78 14.41 -14.71
N SER A 431 28.63 13.93 -13.78
CA SER A 431 29.76 14.71 -13.25
C SER A 431 31.11 14.01 -13.44
N VAL B 1 -9.03 -16.45 27.24
CA VAL B 1 -8.79 -16.46 25.78
C VAL B 1 -8.02 -17.71 25.37
N ASP B 2 -8.49 -18.35 24.30
CA ASP B 2 -8.03 -19.68 23.93
C ASP B 2 -8.25 -19.88 22.42
N PHE B 3 -7.26 -20.44 21.72
CA PHE B 3 -7.38 -20.68 20.27
C PHE B 3 -7.43 -22.16 19.90
N LYS B 4 -7.54 -23.02 20.90
CA LYS B 4 -7.51 -24.45 20.66
C LYS B 4 -8.81 -24.95 20.04
N LEU B 5 -8.65 -25.88 19.10
CA LEU B 5 -9.75 -26.49 18.39
C LEU B 5 -10.12 -27.80 19.09
N SER B 6 -11.42 -28.06 19.18
CA SER B 6 -11.95 -29.24 19.84
C SER B 6 -11.94 -30.41 18.86
N PRO B 7 -12.09 -31.66 19.36
CA PRO B 7 -12.18 -32.81 18.46
C PRO B 7 -13.22 -32.65 17.34
N SER B 8 -14.36 -32.04 17.64
CA SER B 8 -15.42 -31.83 16.66
C SER B 8 -15.05 -30.78 15.59
N GLN B 9 -14.20 -29.82 15.96
CA GLN B 9 -13.75 -28.81 15.01
C GLN B 9 -12.71 -29.39 14.07
N LEU B 10 -11.81 -30.22 14.62
CA LEU B 10 -10.84 -30.94 13.81
C LEU B 10 -11.50 -32.02 12.94
N GLU B 11 -12.62 -32.57 13.40
CA GLU B 11 -13.37 -33.53 12.59
C GLU B 11 -14.12 -32.85 11.43
N ALA B 12 -14.70 -31.69 11.69
CA ALA B 12 -15.32 -30.88 10.64
C ALA B 12 -14.31 -30.47 9.57
N ARG B 13 -13.08 -30.17 10.00
CA ARG B 13 -12.00 -29.84 9.08
C ARG B 13 -11.62 -31.06 8.24
N ARG B 14 -11.36 -32.18 8.89
CA ARG B 14 -11.03 -33.43 8.20
C ARG B 14 -12.15 -33.84 7.25
N HIS B 15 -13.39 -33.82 7.76
CA HIS B 15 -14.55 -34.13 6.95
C HIS B 15 -14.61 -33.21 5.73
N ALA B 16 -14.50 -31.89 5.98
CA ALA B 16 -14.59 -30.89 4.91
C ALA B 16 -13.48 -31.11 3.88
N GLN B 17 -12.27 -31.42 4.36
CA GLN B 17 -11.13 -31.76 3.50
C GLN B 17 -11.36 -33.02 2.66
N ALA B 18 -11.80 -34.09 3.32
CA ALA B 18 -12.08 -35.35 2.63
C ALA B 18 -13.08 -35.14 1.48
N PHE B 19 -14.14 -34.37 1.74
CA PHE B 19 -15.16 -34.09 0.72
C PHE B 19 -14.58 -33.32 -0.47
N ALA B 20 -13.84 -32.25 -0.19
CA ALA B 20 -13.27 -31.44 -1.27
C ALA B 20 -12.27 -32.25 -2.10
N ASN B 21 -11.46 -33.06 -1.43
CA ASN B 21 -10.46 -33.87 -2.14
C ASN B 21 -11.05 -35.01 -2.98
N THR B 22 -12.02 -35.72 -2.42
CA THR B 22 -12.59 -36.89 -3.11
C THR B 22 -13.77 -36.56 -4.04
N VAL B 23 -14.55 -35.52 -3.69
CA VAL B 23 -15.69 -35.17 -4.51
C VAL B 23 -15.41 -33.94 -5.37
N LEU B 24 -15.15 -32.80 -4.72
CA LEU B 24 -14.98 -31.52 -5.45
C LEU B 24 -13.85 -31.49 -6.50
N THR B 25 -12.75 -32.22 -6.25
CA THR B 25 -11.66 -32.31 -7.23
C THR B 25 -12.13 -32.85 -8.59
N LYS B 26 -13.20 -33.66 -8.58
CA LYS B 26 -13.73 -34.26 -9.81
C LYS B 26 -14.64 -33.33 -10.62
N ALA B 27 -15.10 -32.24 -10.00
CA ALA B 27 -16.10 -31.34 -10.61
C ALA B 27 -15.67 -30.66 -11.91
N SER B 28 -14.42 -30.22 -11.97
CA SER B 28 -13.89 -29.49 -13.14
C SER B 28 -13.98 -30.26 -14.46
N ALA B 29 -13.78 -31.58 -14.41
CA ALA B 29 -13.87 -32.42 -15.61
C ALA B 29 -15.27 -32.38 -16.27
N GLU B 30 -16.30 -32.08 -15.47
CA GLU B 30 -17.68 -31.95 -15.97
C GLU B 30 -18.02 -30.54 -16.47
N TYR B 31 -17.81 -29.53 -15.62
CA TYR B 31 -18.21 -28.17 -15.98
C TYR B 31 -17.32 -27.52 -17.05
N SER B 32 -16.07 -27.98 -17.09
CA SER B 32 -15.07 -27.51 -18.04
C SER B 32 -15.53 -27.61 -19.49
N THR B 33 -16.27 -28.67 -19.80
CA THR B 33 -16.69 -28.92 -21.18
C THR B 33 -17.92 -28.10 -21.58
N GLN B 34 -18.55 -27.44 -20.62
CA GLN B 34 -19.84 -26.78 -20.85
C GLN B 34 -19.71 -25.42 -21.50
N LYS B 35 -20.74 -25.05 -22.27
CA LYS B 35 -20.74 -23.86 -23.14
C LYS B 35 -20.90 -22.49 -22.43
N ASP B 36 -21.73 -22.45 -21.39
CA ASP B 36 -22.03 -21.18 -20.74
C ASP B 36 -22.23 -21.29 -19.23
N GLN B 37 -22.47 -20.15 -18.58
CA GLN B 37 -22.65 -20.07 -17.14
C GLN B 37 -23.67 -21.11 -16.64
N LEU B 38 -24.86 -21.14 -17.28
CA LEU B 38 -25.93 -22.06 -16.84
C LEU B 38 -25.55 -23.51 -17.02
N SER B 39 -25.12 -23.89 -18.22
CA SER B 39 -24.57 -25.24 -18.44
C SER B 39 -23.56 -25.67 -17.38
N ARG B 40 -22.62 -24.77 -17.05
CA ARG B 40 -21.59 -25.06 -16.06
C ARG B 40 -22.18 -25.29 -14.66
N PHE B 41 -23.14 -24.46 -14.30
CA PHE B 41 -23.87 -24.60 -13.04
C PHE B 41 -24.57 -25.96 -12.97
N GLN B 42 -25.37 -26.27 -14.00
CA GLN B 42 -26.13 -27.53 -14.06
C GLN B 42 -25.19 -28.73 -13.93
N ALA B 43 -24.01 -28.60 -14.53
CA ALA B 43 -22.99 -29.63 -14.48
C ALA B 43 -22.46 -29.88 -13.06
N THR B 44 -22.81 -29.02 -12.10
CA THR B 44 -22.33 -29.18 -10.71
C THR B 44 -23.34 -29.85 -9.80
N ARG B 45 -24.52 -30.11 -10.35
CA ARG B 45 -25.64 -30.73 -9.63
C ARG B 45 -25.27 -32.06 -8.99
N PRO B 46 -24.61 -32.97 -9.76
CA PRO B 46 -24.15 -34.20 -9.12
C PRO B 46 -23.31 -33.95 -7.87
N PHE B 47 -22.52 -32.88 -7.87
CA PHE B 47 -21.62 -32.58 -6.75
C PHE B 47 -22.35 -31.97 -5.54
N TYR B 48 -23.35 -31.12 -5.81
CA TYR B 48 -24.24 -30.61 -4.76
C TYR B 48 -25.02 -31.74 -4.09
N ARG B 49 -25.50 -32.69 -4.90
CA ARG B 49 -26.12 -33.94 -4.44
C ARG B 49 -25.22 -34.65 -3.42
N GLU B 50 -23.94 -34.81 -3.78
CA GLU B 50 -22.95 -35.37 -2.86
C GLU B 50 -22.76 -34.57 -1.57
N ALA B 51 -22.83 -33.25 -1.67
CA ALA B 51 -22.75 -32.38 -0.49
C ALA B 51 -23.93 -32.56 0.45
N VAL B 52 -25.12 -32.76 -0.13
CA VAL B 52 -26.32 -33.05 0.65
C VAL B 52 -26.14 -34.40 1.34
N ARG B 53 -25.76 -35.41 0.56
CA ARG B 53 -25.39 -36.73 1.05
C ARG B 53 -24.31 -36.71 2.17
N HIS B 54 -23.37 -35.77 2.09
CA HIS B 54 -22.37 -35.59 3.16
C HIS B 54 -22.89 -34.71 4.31
N GLY B 55 -24.14 -34.28 4.19
CA GLY B 55 -24.82 -33.56 5.27
C GLY B 55 -24.42 -32.10 5.39
N LEU B 56 -23.88 -31.56 4.30
CA LEU B 56 -23.28 -30.22 4.29
C LEU B 56 -24.34 -29.12 4.22
N ILE B 57 -25.44 -29.41 3.53
CA ILE B 57 -26.58 -28.49 3.51
C ILE B 57 -27.26 -28.44 4.89
N LYS B 58 -27.41 -29.60 5.51
CA LYS B 58 -28.00 -29.71 6.84
C LYS B 58 -27.16 -28.98 7.90
N ALA B 59 -25.85 -28.91 7.69
CA ALA B 59 -24.94 -28.23 8.60
C ALA B 59 -25.04 -26.70 8.55
N GLN B 60 -25.82 -26.20 7.59
CA GLN B 60 -26.08 -24.75 7.48
C GLN B 60 -27.24 -24.29 8.36
N VAL B 61 -27.99 -25.25 8.92
CA VAL B 61 -29.18 -25.00 9.73
C VAL B 61 -28.85 -25.31 11.19
N PRO B 62 -29.19 -24.39 12.12
CA PRO B 62 -28.93 -24.65 13.54
C PRO B 62 -29.62 -25.92 14.09
N ILE B 63 -29.06 -26.47 15.17
CA ILE B 63 -29.59 -27.68 15.80
C ILE B 63 -31.02 -27.51 16.33
N PRO B 64 -31.29 -26.40 17.08
CA PRO B 64 -32.67 -26.13 17.52
C PRO B 64 -33.75 -26.15 16.42
N LEU B 65 -33.32 -26.22 15.16
CA LEU B 65 -34.21 -26.13 14.01
C LEU B 65 -34.09 -27.38 13.15
N GLY B 66 -33.48 -28.43 13.70
CA GLY B 66 -33.38 -29.73 13.00
C GLY B 66 -32.20 -29.88 12.05
N GLY B 67 -31.30 -28.91 12.06
CA GLY B 67 -30.07 -29.01 11.29
C GLY B 67 -28.92 -29.42 12.19
N THR B 68 -27.72 -29.50 11.60
CA THR B 68 -26.54 -30.00 12.32
C THR B 68 -25.44 -28.98 12.55
N MET B 69 -25.76 -27.69 12.51
CA MET B 69 -24.72 -26.68 12.71
C MET B 69 -24.24 -26.66 14.17
N GLU B 70 -22.96 -26.96 14.36
CA GLU B 70 -22.37 -26.98 15.70
C GLU B 70 -21.96 -25.59 16.16
N SER B 71 -21.32 -24.82 15.27
CA SER B 71 -20.99 -23.41 15.52
C SER B 71 -20.55 -22.66 14.27
N LEU B 72 -20.40 -21.35 14.43
CA LEU B 72 -19.90 -20.49 13.36
C LEU B 72 -18.39 -20.63 13.13
N VAL B 73 -17.65 -21.08 14.14
CA VAL B 73 -16.25 -21.45 13.96
C VAL B 73 -16.12 -22.74 13.14
N HIS B 74 -16.98 -23.72 13.43
CA HIS B 74 -17.03 -24.95 12.64
C HIS B 74 -17.29 -24.58 11.20
N GLU B 75 -18.24 -23.67 11.00
CA GLU B 75 -18.64 -23.23 9.66
C GLU B 75 -17.48 -22.53 8.92
N SER B 76 -16.78 -21.63 9.61
CA SER B 76 -15.56 -20.95 9.12
C SER B 76 -14.51 -21.96 8.65
N ILE B 77 -14.21 -22.93 9.52
CA ILE B 77 -13.29 -24.01 9.24
C ILE B 77 -13.69 -24.78 7.98
N ILE B 78 -14.97 -25.12 7.87
CA ILE B 78 -15.48 -25.91 6.73
C ILE B 78 -15.33 -25.15 5.45
N LEU B 79 -15.76 -23.89 5.46
CA LEU B 79 -15.74 -23.06 4.25
C LEU B 79 -14.31 -22.80 3.74
N GLU B 80 -13.38 -22.65 4.68
CA GLU B 80 -11.98 -22.43 4.31
C GLU B 80 -11.41 -23.65 3.53
N GLU B 81 -11.69 -24.85 4.03
CA GLU B 81 -11.20 -26.08 3.37
C GLU B 81 -11.86 -26.31 2.03
N LEU B 82 -13.14 -25.98 1.95
CA LEU B 82 -13.87 -26.16 0.71
C LEU B 82 -13.33 -25.20 -0.37
N PHE B 83 -13.27 -23.92 -0.05
CA PHE B 83 -12.83 -22.92 -1.03
C PHE B 83 -11.34 -22.98 -1.40
N ALA B 84 -10.54 -23.65 -0.55
CA ALA B 84 -9.13 -23.90 -0.83
C ALA B 84 -8.92 -24.87 -1.98
N VAL B 85 -9.91 -25.73 -2.21
CA VAL B 85 -9.83 -26.75 -3.25
C VAL B 85 -10.70 -26.36 -4.46
N GLU B 86 -11.97 -26.03 -4.21
CA GLU B 86 -12.88 -25.75 -5.32
C GLU B 86 -14.13 -24.96 -4.89
N PRO B 87 -14.23 -23.69 -5.31
CA PRO B 87 -15.42 -22.87 -5.06
C PRO B 87 -16.67 -23.32 -5.82
N ALA B 88 -16.53 -24.21 -6.81
CA ALA B 88 -17.71 -24.81 -7.47
C ALA B 88 -18.46 -25.73 -6.51
N THR B 89 -19.80 -25.70 -6.60
CA THR B 89 -20.68 -26.32 -5.58
C THR B 89 -20.53 -25.67 -4.21
N SER B 90 -19.30 -25.49 -3.75
CA SER B 90 -19.04 -24.81 -2.48
C SER B 90 -19.81 -23.50 -2.42
N ILE B 91 -19.89 -22.81 -3.56
CA ILE B 91 -20.58 -21.52 -3.63
C ILE B 91 -22.09 -21.72 -3.43
N THR B 92 -22.61 -22.80 -4.03
CA THR B 92 -24.04 -23.14 -4.00
C THR B 92 -24.50 -23.44 -2.56
N ILE B 93 -23.69 -24.19 -1.82
CA ILE B 93 -23.98 -24.51 -0.44
C ILE B 93 -24.19 -23.22 0.34
N VAL B 94 -23.35 -22.23 0.07
CA VAL B 94 -23.24 -21.09 0.93
C VAL B 94 -24.27 -20.01 0.53
N ALA B 95 -24.57 -19.96 -0.76
CA ALA B 95 -25.66 -19.14 -1.27
C ALA B 95 -27.02 -19.68 -0.77
N THR B 96 -27.11 -21.00 -0.61
CA THR B 96 -28.27 -21.64 0.04
C THR B 96 -28.32 -21.23 1.51
N ALA B 97 -27.19 -21.31 2.21
CA ALA B 97 -27.15 -20.90 3.62
C ALA B 97 -27.64 -19.48 3.82
N LEU B 98 -27.23 -18.57 2.93
CA LEU B 98 -27.68 -17.17 3.03
C LEU B 98 -29.19 -17.06 2.71
N GLY B 99 -29.66 -17.85 1.75
CA GLY B 99 -31.08 -17.92 1.39
C GLY B 99 -31.98 -18.41 2.51
N LEU B 100 -31.44 -19.28 3.37
CA LEU B 100 -32.17 -19.80 4.52
C LEU B 100 -32.16 -18.87 5.72
N MET B 101 -31.17 -17.99 5.79
CA MET B 101 -30.96 -17.19 7.00
C MET B 101 -32.13 -16.32 7.47
N PRO B 102 -32.83 -15.63 6.57
CA PRO B 102 -33.92 -14.81 7.14
C PRO B 102 -35.01 -15.69 7.78
N VAL B 103 -35.25 -16.88 7.21
CA VAL B 103 -36.13 -17.88 7.82
C VAL B 103 -35.54 -18.39 9.15
N ILE B 104 -34.26 -18.78 9.14
CA ILE B 104 -33.57 -19.22 10.37
C ILE B 104 -33.65 -18.18 11.47
N LEU B 105 -33.74 -16.91 11.08
CA LEU B 105 -33.63 -15.82 12.03
C LEU B 105 -34.98 -15.26 12.49
N CYS B 106 -36.07 -15.66 11.85
CA CYS B 106 -37.39 -15.06 12.17
C CYS B 106 -37.97 -15.52 13.51
N ASP B 107 -39.07 -14.89 13.91
CA ASP B 107 -39.74 -15.18 15.19
C ASP B 107 -40.87 -16.21 15.07
N SER B 108 -40.87 -16.99 13.98
CA SER B 108 -42.00 -17.86 13.66
C SER B 108 -41.61 -19.33 13.42
N PRO B 109 -41.75 -20.17 14.48
CA PRO B 109 -41.51 -21.62 14.45
C PRO B 109 -42.25 -22.37 13.35
N SER B 110 -43.46 -21.91 13.02
CA SER B 110 -44.26 -22.57 11.98
C SER B 110 -43.75 -22.29 10.57
N LEU B 111 -43.37 -21.04 10.31
CA LEU B 111 -42.68 -20.68 9.05
C LEU B 111 -41.37 -21.44 8.93
N GLN B 112 -40.59 -21.48 10.03
CA GLN B 112 -39.33 -22.24 10.10
C GLN B 112 -39.52 -23.71 9.78
N GLU B 113 -40.51 -24.35 10.42
CA GLU B 113 -40.78 -25.79 10.22
C GLU B 113 -41.14 -26.11 8.78
N LYS B 114 -41.99 -25.27 8.19
CA LYS B 114 -42.53 -25.50 6.85
C LYS B 114 -41.47 -25.30 5.76
N PHE B 115 -40.69 -24.23 5.93
CA PHE B 115 -39.83 -23.76 4.86
C PHE B 115 -38.42 -24.34 4.87
N LEU B 116 -37.92 -24.69 6.06
CA LEU B 116 -36.60 -25.32 6.20
C LEU B 116 -36.60 -26.80 5.85
N LYS B 117 -37.79 -27.40 5.80
CA LYS B 117 -37.98 -28.85 5.73
C LYS B 117 -37.09 -29.62 4.73
N PRO B 118 -37.07 -29.20 3.46
CA PRO B 118 -36.30 -30.02 2.52
C PRO B 118 -34.77 -29.92 2.72
N PHE B 119 -34.32 -28.91 3.45
CA PHE B 119 -32.88 -28.64 3.62
C PHE B 119 -32.27 -29.45 4.75
N ILE B 120 -33.09 -29.83 5.72
CA ILE B 120 -32.66 -30.67 6.82
C ILE B 120 -32.88 -32.15 6.55
N SER B 121 -33.39 -32.46 5.34
CA SER B 121 -33.86 -33.79 5.00
C SER B 121 -32.72 -34.77 4.69
N GLY B 122 -31.63 -34.26 4.12
CA GLY B 122 -30.50 -35.09 3.72
C GLY B 122 -30.69 -35.73 2.36
N GLU B 123 -31.67 -35.25 1.59
CA GLU B 123 -31.95 -35.82 0.28
C GLU B 123 -32.35 -34.79 -0.76
N GLY B 124 -32.21 -35.16 -2.03
CA GLY B 124 -32.43 -34.23 -3.14
C GLY B 124 -31.33 -33.18 -3.22
N GLU B 125 -31.60 -32.13 -4.00
CA GLU B 125 -30.68 -31.02 -4.19
C GLU B 125 -31.39 -29.69 -3.91
N PRO B 126 -31.89 -29.48 -2.68
CA PRO B 126 -32.65 -28.24 -2.47
C PRO B 126 -31.77 -26.98 -2.47
N LEU B 127 -32.22 -25.95 -3.19
CA LEU B 127 -31.56 -24.65 -3.25
C LEU B 127 -32.35 -23.56 -2.51
N ALA B 128 -31.63 -22.69 -1.81
CA ALA B 128 -32.19 -21.43 -1.31
C ALA B 128 -31.47 -20.20 -1.90
N SER B 129 -32.15 -19.06 -1.90
CA SER B 129 -31.60 -17.82 -2.44
C SER B 129 -32.21 -16.62 -1.74
N LEU B 130 -31.37 -15.75 -1.22
CA LEU B 130 -31.80 -14.48 -0.68
C LEU B 130 -31.74 -13.47 -1.82
N MET B 131 -32.90 -13.13 -2.35
CA MET B 131 -32.98 -12.25 -3.51
C MET B 131 -33.11 -10.78 -3.12
N HIS B 132 -31.96 -10.10 -3.07
CA HIS B 132 -31.94 -8.70 -2.68
C HIS B 132 -31.43 -7.79 -3.80
N SER B 133 -30.32 -8.19 -4.45
CA SER B 133 -29.65 -7.38 -5.47
C SER B 133 -30.47 -7.14 -6.76
N GLU B 134 -30.29 -5.96 -7.34
CA GLU B 134 -31.09 -5.50 -8.48
C GLU B 134 -30.21 -4.89 -9.59
N PRO B 135 -30.73 -4.89 -10.85
CA PRO B 135 -30.06 -4.28 -12.00
C PRO B 135 -29.50 -2.89 -11.73
N ASN B 136 -30.21 -2.10 -10.93
CA ASN B 136 -29.90 -0.70 -10.72
C ASN B 136 -29.00 -0.47 -9.51
N GLY B 137 -28.69 -1.56 -8.81
CA GLY B 137 -27.84 -1.55 -7.60
C GLY B 137 -28.63 -1.52 -6.30
N THR B 138 -27.92 -1.76 -5.19
CA THR B 138 -28.55 -1.76 -3.87
C THR B 138 -27.83 -0.95 -2.79
N ALA B 139 -26.64 -0.40 -3.09
CA ALA B 139 -25.86 0.32 -2.08
C ALA B 139 -26.66 1.43 -1.43
N ASN B 140 -27.56 2.03 -2.19
CA ASN B 140 -28.41 3.10 -1.64
C ASN B 140 -29.89 2.69 -1.35
N TRP B 141 -30.15 1.38 -1.24
CA TRP B 141 -31.51 0.87 -0.98
C TRP B 141 -32.20 1.50 0.23
N LEU B 142 -31.44 1.89 1.24
CA LEU B 142 -32.04 2.51 2.43
C LEU B 142 -31.91 4.04 2.48
N GLN B 143 -31.53 4.67 1.37
CA GLN B 143 -31.34 6.12 1.37
C GLN B 143 -32.69 6.83 1.30
N LYS B 144 -32.97 7.67 2.30
CA LYS B 144 -34.17 8.48 2.32
C LYS B 144 -34.11 9.55 1.23
N GLY B 145 -35.13 9.56 0.38
CA GLY B 145 -35.20 10.52 -0.71
C GLY B 145 -34.71 9.91 -2.00
N GLY B 146 -34.27 8.66 -1.96
CA GLY B 146 -33.86 7.94 -3.16
C GLY B 146 -34.93 6.98 -3.63
N PRO B 147 -34.78 6.45 -4.85
CA PRO B 147 -35.81 5.59 -5.46
C PRO B 147 -36.06 4.24 -4.76
N GLY B 148 -35.16 3.84 -3.86
CA GLY B 148 -35.25 2.55 -3.15
C GLY B 148 -35.27 1.35 -4.08
N LEU B 149 -35.55 0.18 -3.52
CA LEU B 149 -35.66 -1.05 -4.31
C LEU B 149 -36.68 -0.90 -5.43
N GLN B 150 -36.34 -1.45 -6.59
CA GLN B 150 -37.20 -1.36 -7.76
C GLN B 150 -37.98 -2.66 -7.96
N THR B 151 -37.77 -3.62 -7.05
CA THR B 151 -38.68 -4.73 -6.87
C THR B 151 -39.62 -4.32 -5.77
N THR B 152 -40.91 -4.29 -6.10
CA THR B 152 -41.94 -3.83 -5.17
C THR B 152 -43.08 -4.82 -5.02
N ALA B 153 -43.69 -4.82 -3.83
CA ALA B 153 -44.86 -5.64 -3.55
C ALA B 153 -46.04 -4.79 -3.10
N ARG B 154 -47.21 -5.10 -3.65
CA ARG B 154 -48.49 -4.55 -3.16
C ARG B 154 -49.41 -5.67 -2.61
N LYS B 155 -50.26 -5.32 -1.66
CA LYS B 155 -51.24 -6.27 -1.14
C LYS B 155 -52.57 -6.14 -1.92
N VAL B 156 -52.93 -7.21 -2.64
CA VAL B 156 -54.19 -7.28 -3.37
C VAL B 156 -54.98 -8.50 -2.88
N GLY B 157 -55.91 -8.25 -1.97
CA GLY B 157 -56.77 -9.31 -1.44
C GLY B 157 -56.09 -10.07 -0.33
N ASN B 158 -55.97 -11.38 -0.53
CA ASN B 158 -55.28 -12.27 0.41
C ASN B 158 -53.87 -12.63 -0.10
N GLU B 159 -53.37 -11.83 -1.05
CA GLU B 159 -52.09 -12.08 -1.69
C GLU B 159 -51.25 -10.82 -1.82
N TRP B 160 -49.92 -11.00 -1.84
CA TRP B 160 -49.01 -9.93 -2.22
C TRP B 160 -48.67 -10.07 -3.70
N VAL B 161 -48.50 -8.95 -4.38
CA VAL B 161 -48.20 -8.94 -5.82
C VAL B 161 -46.82 -8.30 -6.06
N ILE B 162 -45.92 -9.06 -6.67
CA ILE B 162 -44.56 -8.57 -6.90
C ILE B 162 -44.36 -7.99 -8.31
N SER B 163 -43.84 -6.76 -8.36
CA SER B 163 -43.46 -6.14 -9.60
C SER B 163 -41.99 -5.71 -9.51
N GLY B 164 -41.19 -6.15 -10.46
CA GLY B 164 -39.82 -5.69 -10.55
C GLY B 164 -38.76 -6.69 -10.94
N GLU B 165 -37.50 -6.27 -10.82
CA GLU B 165 -36.39 -7.08 -11.32
C GLU B 165 -35.30 -7.35 -10.27
N LYS B 166 -34.76 -8.55 -10.33
CA LYS B 166 -33.64 -8.93 -9.48
C LYS B 166 -32.47 -9.35 -10.36
N LEU B 167 -31.26 -9.16 -9.83
CA LEU B 167 -30.03 -9.50 -10.56
C LEU B 167 -28.97 -9.92 -9.54
N TRP B 168 -28.18 -10.94 -9.89
CA TRP B 168 -27.04 -11.43 -9.08
C TRP B 168 -27.30 -12.51 -8.02
N PRO B 169 -28.56 -12.71 -7.55
CA PRO B 169 -28.67 -13.58 -6.38
C PRO B 169 -28.46 -15.03 -6.75
N SER B 170 -27.44 -15.63 -6.17
CA SER B 170 -27.05 -16.97 -6.52
C SER B 170 -28.13 -17.96 -6.16
N ASN B 171 -28.34 -18.94 -7.03
CA ASN B 171 -29.32 -20.03 -6.86
C ASN B 171 -30.75 -19.63 -7.24
N SER B 172 -30.97 -18.34 -7.52
CA SER B 172 -32.33 -17.77 -7.52
C SER B 172 -33.37 -18.47 -8.43
N GLY B 173 -32.96 -18.85 -9.64
CA GLY B 173 -33.85 -19.58 -10.55
C GLY B 173 -33.76 -21.10 -10.51
N GLY B 174 -33.18 -21.64 -9.43
CA GLY B 174 -32.99 -23.09 -9.29
C GLY B 174 -32.13 -23.72 -10.38
N TRP B 175 -32.13 -25.05 -10.43
CA TRP B 175 -31.39 -25.80 -11.44
C TRP B 175 -31.91 -25.65 -12.87
N ASP B 176 -33.16 -25.22 -13.01
CA ASP B 176 -33.86 -25.32 -14.31
C ASP B 176 -34.60 -24.04 -14.70
N TYR B 177 -34.40 -22.98 -13.91
CA TYR B 177 -35.09 -21.69 -14.09
C TYR B 177 -36.60 -21.77 -13.77
N LYS B 178 -36.98 -22.78 -12.98
CA LYS B 178 -38.33 -22.83 -12.40
C LYS B 178 -38.32 -22.42 -10.93
N GLY B 179 -37.15 -21.94 -10.49
CA GLY B 179 -36.99 -21.32 -9.19
C GLY B 179 -36.23 -22.13 -8.16
N ALA B 180 -35.64 -21.42 -7.21
CA ALA B 180 -35.05 -22.05 -6.05
C ALA B 180 -36.18 -22.70 -5.26
N ASP B 181 -35.88 -23.79 -4.57
CA ASP B 181 -36.82 -24.44 -3.67
C ASP B 181 -37.31 -23.45 -2.63
N LEU B 182 -36.44 -22.48 -2.31
CA LEU B 182 -36.79 -21.39 -1.42
C LEU B 182 -36.05 -20.11 -1.81
N ALA B 183 -36.80 -19.01 -1.94
CA ALA B 183 -36.27 -17.69 -2.21
C ALA B 183 -36.88 -16.69 -1.28
N CYS B 184 -36.03 -15.92 -0.58
CA CYS B 184 -36.52 -14.81 0.20
C CYS B 184 -36.40 -13.55 -0.65
N VAL B 185 -37.55 -13.08 -1.14
CA VAL B 185 -37.56 -11.92 -2.03
C VAL B 185 -37.76 -10.65 -1.21
N VAL B 186 -36.75 -9.78 -1.22
CA VAL B 186 -36.79 -8.54 -0.44
C VAL B 186 -37.41 -7.45 -1.29
N CYS B 187 -38.53 -6.91 -0.82
CA CYS B 187 -39.32 -5.96 -1.61
C CYS B 187 -39.49 -4.64 -0.88
N ARG B 188 -39.73 -3.58 -1.66
CA ARG B 188 -40.22 -2.33 -1.11
C ARG B 188 -41.75 -2.33 -1.26
N VAL B 189 -42.46 -2.01 -0.18
CA VAL B 189 -43.92 -1.95 -0.17
C VAL B 189 -44.35 -0.71 -0.95
N SER B 190 -45.03 -0.92 -2.06
CA SER B 190 -45.58 0.18 -2.85
C SER B 190 -46.94 -0.17 -3.45
N ASP B 191 -47.98 0.52 -2.97
CA ASP B 191 -49.35 0.36 -3.52
C ASP B 191 -49.46 0.75 -4.98
N ASP B 192 -48.65 1.73 -5.40
CA ASP B 192 -48.53 2.06 -6.81
C ASP B 192 -47.07 1.96 -7.27
N PRO B 193 -46.72 0.87 -7.98
CA PRO B 193 -45.37 0.61 -8.48
C PRO B 193 -44.83 1.72 -9.40
N SER B 194 -45.73 2.46 -10.03
CA SER B 194 -45.34 3.56 -10.94
C SER B 194 -45.00 4.85 -10.19
N LYS B 195 -45.50 4.99 -8.96
CA LYS B 195 -45.12 6.13 -8.13
C LYS B 195 -43.75 5.94 -7.46
N PRO B 196 -42.88 6.98 -7.54
CA PRO B 196 -41.60 7.04 -6.84
C PRO B 196 -41.76 6.91 -5.34
N GLN B 197 -40.80 6.27 -4.69
CA GLN B 197 -40.81 6.16 -3.24
C GLN B 197 -40.98 7.55 -2.60
N ASP B 198 -41.88 7.63 -1.63
CA ASP B 198 -42.15 8.87 -0.91
C ASP B 198 -40.88 9.33 -0.18
N PRO B 199 -40.32 10.50 -0.58
CA PRO B 199 -39.13 11.07 0.06
C PRO B 199 -39.29 11.42 1.54
N ASN B 200 -40.51 11.30 2.07
CA ASN B 200 -40.79 11.69 3.46
C ASN B 200 -40.76 10.53 4.45
N VAL B 201 -40.78 9.31 3.93
CA VAL B 201 -40.80 8.11 4.77
C VAL B 201 -39.49 7.31 4.70
N ASP B 202 -38.91 7.01 5.86
CA ASP B 202 -37.72 6.16 5.97
C ASP B 202 -37.91 4.89 5.17
N PRO B 203 -37.04 4.66 4.17
CA PRO B 203 -37.15 3.46 3.33
C PRO B 203 -37.18 2.16 4.11
N ALA B 204 -36.56 2.16 5.30
CA ALA B 204 -36.46 0.94 6.11
C ALA B 204 -37.82 0.47 6.64
N THR B 205 -38.75 1.42 6.79
CA THR B 205 -40.11 1.10 7.25
C THR B 205 -40.97 0.53 6.11
N GLN B 206 -40.45 0.48 4.89
CA GLN B 206 -41.22 -0.05 3.77
C GLN B 206 -40.72 -1.40 3.27
N ILE B 207 -39.86 -2.05 4.05
CA ILE B 207 -39.25 -3.31 3.58
C ILE B 207 -40.12 -4.50 3.93
N ALA B 208 -40.33 -5.38 2.95
CA ALA B 208 -41.01 -6.64 3.20
C ALA B 208 -40.24 -7.78 2.53
N VAL B 209 -40.30 -8.95 3.14
CA VAL B 209 -39.67 -10.14 2.58
C VAL B 209 -40.72 -11.23 2.32
N LEU B 210 -40.73 -11.74 1.09
CA LEU B 210 -41.72 -12.71 0.66
C LEU B 210 -41.07 -13.99 0.17
N LEU B 211 -41.53 -15.09 0.75
CA LEU B 211 -41.01 -16.41 0.46
C LEU B 211 -41.68 -16.93 -0.80
N VAL B 212 -40.86 -17.30 -1.78
CA VAL B 212 -41.34 -17.77 -3.06
C VAL B 212 -40.70 -19.12 -3.31
N THR B 213 -41.53 -20.11 -3.60
CA THR B 213 -41.03 -21.46 -3.83
C THR B 213 -41.31 -21.86 -5.28
N ARG B 214 -40.85 -23.05 -5.66
CA ARG B 214 -41.18 -23.62 -6.95
C ARG B 214 -42.70 -23.76 -7.17
N GLU B 215 -43.41 -24.02 -6.07
CA GLU B 215 -44.87 -24.07 -6.04
C GLU B 215 -45.48 -22.69 -6.37
N THR B 216 -45.04 -21.66 -5.65
CA THR B 216 -45.47 -20.27 -5.92
C THR B 216 -45.30 -19.88 -7.39
N ILE B 217 -44.18 -20.26 -7.98
CA ILE B 217 -43.91 -19.96 -9.39
C ILE B 217 -44.83 -20.76 -10.33
N ALA B 218 -45.08 -22.02 -9.97
CA ALA B 218 -45.94 -22.91 -10.76
C ALA B 218 -47.41 -22.45 -10.77
N ASN B 219 -47.84 -21.85 -9.65
CA ASN B 219 -49.20 -21.32 -9.51
C ASN B 219 -49.39 -19.92 -10.10
N ASN B 220 -48.43 -19.48 -10.92
CA ASN B 220 -48.47 -18.16 -11.58
C ASN B 220 -48.38 -18.35 -13.08
N LYS B 221 -48.76 -17.32 -13.84
CA LYS B 221 -48.59 -17.35 -15.30
C LYS B 221 -47.10 -17.46 -15.65
N LYS B 222 -46.80 -18.11 -16.76
CA LYS B 222 -45.41 -18.36 -17.15
C LYS B 222 -44.59 -17.11 -17.41
N ASP B 223 -45.27 -16.00 -17.73
CA ASP B 223 -44.58 -14.73 -17.98
C ASP B 223 -44.66 -13.76 -16.79
N ALA B 224 -45.02 -14.29 -15.62
CA ALA B 224 -45.02 -13.50 -14.37
C ALA B 224 -43.70 -13.67 -13.61
N TYR B 225 -42.92 -14.66 -14.04
CA TYR B 225 -41.61 -14.94 -13.50
C TYR B 225 -40.79 -15.37 -14.70
N GLN B 226 -39.89 -14.48 -15.10
CA GLN B 226 -39.01 -14.77 -16.23
C GLN B 226 -37.53 -14.52 -15.97
N ILE B 227 -36.71 -15.35 -16.57
CA ILE B 227 -35.28 -15.21 -16.50
C ILE B 227 -34.82 -14.50 -17.77
N LEU B 228 -34.47 -13.22 -17.62
CA LEU B 228 -34.02 -12.39 -18.72
C LEU B 228 -32.59 -12.69 -19.18
N GLY B 229 -31.76 -13.18 -18.27
CA GLY B 229 -30.37 -13.45 -18.57
C GLY B 229 -29.57 -14.06 -17.44
N GLU B 230 -28.33 -14.43 -17.76
CA GLU B 230 -27.44 -15.08 -16.83
C GLU B 230 -26.07 -14.43 -17.05
N PRO B 231 -25.62 -13.55 -16.11
CA PRO B 231 -24.31 -12.90 -16.25
C PRO B 231 -23.15 -13.90 -16.42
N GLU B 232 -22.29 -13.65 -17.40
CA GLU B 232 -21.07 -14.45 -17.53
C GLU B 232 -19.97 -13.85 -16.63
N LEU B 233 -19.64 -14.58 -15.57
CA LEU B 233 -18.79 -14.03 -14.50
C LEU B 233 -17.29 -14.18 -14.80
N ALA B 234 -16.48 -13.25 -14.29
CA ALA B 234 -15.01 -13.37 -14.38
C ALA B 234 -14.50 -14.67 -13.73
N GLY B 235 -14.90 -14.90 -12.49
CA GLY B 235 -14.60 -16.14 -11.77
C GLY B 235 -15.86 -16.68 -11.07
N HIS B 236 -15.72 -17.85 -10.44
CA HIS B 236 -16.89 -18.58 -9.93
C HIS B 236 -17.82 -18.80 -11.12
N ILE B 237 -17.27 -19.39 -12.17
CA ILE B 237 -17.95 -19.45 -13.46
C ILE B 237 -19.11 -20.46 -13.47
N THR B 238 -19.25 -21.21 -12.37
CA THR B 238 -20.22 -22.31 -12.26
C THR B 238 -21.40 -21.97 -11.35
N THR B 239 -21.54 -20.71 -10.96
CA THR B 239 -22.69 -20.30 -10.17
C THR B 239 -23.77 -19.77 -11.11
N SER B 240 -24.95 -19.55 -10.55
CA SER B 240 -26.07 -18.99 -11.28
C SER B 240 -26.66 -17.93 -10.39
N GLY B 241 -26.84 -16.73 -10.96
CA GLY B 241 -27.37 -15.60 -10.23
C GLY B 241 -28.00 -14.69 -11.26
N PRO B 242 -29.09 -15.18 -11.90
CA PRO B 242 -29.63 -14.61 -13.13
C PRO B 242 -30.40 -13.31 -12.95
N HIS B 243 -30.75 -12.74 -14.10
CA HIS B 243 -31.59 -11.57 -14.17
C HIS B 243 -33.05 -12.08 -14.23
N THR B 244 -33.82 -11.74 -13.20
CA THR B 244 -35.18 -12.27 -12.98
C THR B 244 -36.19 -11.12 -12.99
N ARG B 245 -37.21 -11.23 -13.86
CA ARG B 245 -38.31 -10.25 -13.87
C ARG B 245 -39.62 -10.80 -13.25
N PHE B 246 -40.11 -10.06 -12.25
CA PHE B 246 -41.44 -10.29 -11.67
C PHE B 246 -42.43 -9.30 -12.28
N THR B 247 -43.43 -9.85 -13.00
CA THR B 247 -44.54 -9.05 -13.52
C THR B 247 -45.87 -9.61 -13.03
N GLU B 248 -46.51 -8.87 -12.12
CA GLU B 248 -47.74 -9.30 -11.46
C GLU B 248 -47.59 -10.69 -10.82
N PHE B 249 -46.59 -10.84 -9.97
CA PHE B 249 -46.32 -12.15 -9.39
C PHE B 249 -47.05 -12.29 -8.07
N HIS B 250 -47.97 -13.26 -8.01
CA HIS B 250 -48.84 -13.46 -6.86
C HIS B 250 -48.26 -14.40 -5.82
N VAL B 251 -48.31 -13.96 -4.56
CA VAL B 251 -47.74 -14.67 -3.43
C VAL B 251 -48.73 -14.67 -2.24
N PRO B 252 -49.04 -15.85 -1.69
CA PRO B 252 -49.97 -15.92 -0.56
C PRO B 252 -49.49 -15.08 0.61
N HIS B 253 -50.42 -14.45 1.31
CA HIS B 253 -50.05 -13.63 2.47
C HIS B 253 -49.37 -14.44 3.59
N GLU B 254 -49.59 -15.75 3.63
CA GLU B 254 -48.97 -16.55 4.69
C GLU B 254 -47.46 -16.74 4.45
N ASN B 255 -47.04 -16.53 3.19
CA ASN B 255 -45.62 -16.52 2.81
C ASN B 255 -44.92 -15.19 3.12
N LEU B 256 -45.59 -14.29 3.84
CA LEU B 256 -44.95 -13.06 4.27
C LEU B 256 -44.15 -13.42 5.51
N LEU B 257 -42.84 -13.18 5.44
CA LEU B 257 -41.92 -13.68 6.46
C LEU B 257 -42.13 -13.03 7.83
N CYS B 258 -42.53 -11.77 7.84
CA CYS B 258 -42.73 -11.08 9.10
C CYS B 258 -43.44 -9.77 8.78
N THR B 259 -43.70 -8.97 9.81
CA THR B 259 -44.28 -7.65 9.65
C THR B 259 -43.32 -6.81 8.79
N PRO B 260 -43.80 -6.27 7.64
CA PRO B 260 -43.02 -5.30 6.87
C PRO B 260 -42.51 -4.15 7.72
N GLY B 261 -41.37 -3.58 7.34
CA GLY B 261 -40.85 -2.43 8.04
C GLY B 261 -39.54 -2.72 8.73
N LEU B 262 -39.34 -2.12 9.90
CA LEU B 262 -38.06 -2.17 10.60
C LEU B 262 -37.63 -3.60 10.99
N LYS B 263 -38.60 -4.51 10.98
CA LYS B 263 -38.41 -5.89 11.43
C LYS B 263 -37.87 -6.75 10.31
N ALA B 264 -38.42 -6.55 9.11
CA ALA B 264 -37.97 -7.22 7.91
C ALA B 264 -36.58 -6.72 7.51
N GLN B 265 -36.35 -5.41 7.64
CA GLN B 265 -35.02 -4.84 7.37
C GLN B 265 -34.00 -5.51 8.29
N GLY B 266 -34.37 -5.63 9.56
CA GLY B 266 -33.54 -6.28 10.59
C GLY B 266 -33.13 -7.67 10.18
N LEU B 267 -34.07 -8.41 9.61
CA LEU B 267 -33.81 -9.77 9.17
C LEU B 267 -32.79 -9.80 8.04
N VAL B 268 -32.95 -8.90 7.07
CA VAL B 268 -32.06 -8.83 5.92
C VAL B 268 -30.65 -8.41 6.38
N GLU B 269 -30.62 -7.36 7.19
CA GLU B 269 -29.39 -6.84 7.76
C GLU B 269 -28.63 -7.93 8.54
N THR B 270 -29.31 -8.58 9.47
CA THR B 270 -28.71 -9.63 10.27
C THR B 270 -28.15 -10.75 9.39
N ALA B 271 -28.92 -11.19 8.41
CA ALA B 271 -28.49 -12.25 7.51
C ALA B 271 -27.20 -11.86 6.76
N PHE B 272 -27.20 -10.66 6.19
CA PHE B 272 -26.06 -10.18 5.41
C PHE B 272 -24.83 -9.88 6.28
N ALA B 273 -25.06 -9.53 7.55
CA ALA B 273 -23.98 -9.27 8.48
C ALA B 273 -23.27 -10.56 8.92
N MET B 274 -24.03 -11.65 8.97
CA MET B 274 -23.47 -12.97 9.23
C MET B 274 -22.75 -13.46 7.99
N ALA B 275 -23.33 -13.18 6.82
CA ALA B 275 -22.62 -13.42 5.58
C ALA B 275 -21.30 -12.62 5.53
N ALA B 276 -21.32 -11.37 6.00
CA ALA B 276 -20.13 -10.53 6.01
C ALA B 276 -18.96 -11.17 6.77
N ALA B 277 -19.27 -11.80 7.90
CA ALA B 277 -18.26 -12.42 8.75
C ALA B 277 -17.71 -13.72 8.17
N LEU B 278 -18.58 -14.51 7.56
CA LEU B 278 -18.21 -15.84 7.06
C LEU B 278 -17.58 -15.84 5.66
N VAL B 279 -17.87 -14.81 4.89
CA VAL B 279 -17.26 -14.60 3.56
C VAL B 279 -15.71 -14.57 3.63
N GLY B 280 -15.17 -14.03 4.71
CA GLY B 280 -13.74 -14.06 4.99
C GLY B 280 -13.10 -15.44 4.95
N ALA B 281 -13.83 -16.46 5.42
CA ALA B 281 -13.37 -17.85 5.35
C ALA B 281 -13.23 -18.33 3.91
N MET B 282 -14.12 -17.86 3.05
CA MET B 282 -14.07 -18.15 1.62
C MET B 282 -12.86 -17.44 0.98
N ALA B 283 -12.68 -16.17 1.30
CA ALA B 283 -11.54 -15.39 0.81
C ALA B 283 -10.21 -16.02 1.28
N ILE B 284 -10.14 -16.38 2.55
CA ILE B 284 -8.96 -17.09 3.12
C ILE B 284 -8.69 -18.38 2.36
N GLY B 285 -9.73 -19.19 2.11
CA GLY B 285 -9.59 -20.41 1.33
C GLY B 285 -8.94 -20.17 -0.02
N THR B 286 -9.44 -19.20 -0.77
CA THR B 286 -8.91 -18.91 -2.10
C THR B 286 -7.45 -18.42 -2.02
N ALA B 287 -7.20 -17.46 -1.15
CA ALA B 287 -5.86 -16.89 -1.01
C ALA B 287 -4.86 -17.89 -0.41
N ARG B 288 -5.36 -18.76 0.49
CA ARG B 288 -4.55 -19.85 1.10
C ARG B 288 -4.06 -20.82 0.04
N ALA B 289 -4.95 -21.14 -0.91
CA ALA B 289 -4.59 -21.97 -2.06
C ALA B 289 -3.50 -21.31 -2.92
N ALA B 290 -3.55 -19.99 -3.08
CA ALA B 290 -2.53 -19.24 -3.82
C ALA B 290 -1.20 -19.25 -3.07
N PHE B 291 -1.24 -18.88 -1.80
CA PHE B 291 -0.09 -18.94 -0.94
C PHE B 291 0.59 -20.31 -0.91
N GLU B 292 -0.20 -21.39 -0.79
CA GLU B 292 0.39 -22.72 -0.65
C GLU B 292 1.00 -23.24 -1.94
N GLU B 293 0.35 -22.96 -3.07
CA GLU B 293 0.90 -23.35 -4.35
C GLU B 293 2.24 -22.61 -4.58
N ALA B 294 2.29 -21.34 -4.16
CA ALA B 294 3.50 -20.52 -4.32
C ALA B 294 4.63 -20.94 -3.35
N LEU B 295 4.24 -21.31 -2.14
CA LEU B 295 5.15 -21.84 -1.12
C LEU B 295 5.81 -23.13 -1.61
N VAL B 296 5.00 -24.07 -2.09
CA VAL B 296 5.53 -25.34 -2.57
C VAL B 296 6.50 -25.11 -3.75
N PHE B 297 6.11 -24.27 -4.69
CA PHE B 297 6.95 -23.96 -5.85
C PHE B 297 8.28 -23.29 -5.41
N ALA B 298 8.18 -22.31 -4.51
CA ALA B 298 9.36 -21.57 -4.05
C ALA B 298 10.35 -22.44 -3.30
N LYS B 299 9.83 -23.47 -2.64
CA LYS B 299 10.65 -24.41 -1.88
C LYS B 299 11.21 -25.58 -2.70
N SER B 300 10.86 -25.66 -3.98
CA SER B 300 11.24 -26.81 -4.79
C SER B 300 11.85 -26.44 -6.16
N ASP B 301 11.77 -25.16 -6.55
CA ASP B 301 12.22 -24.70 -7.85
C ASP B 301 13.29 -23.61 -7.69
N THR B 302 14.37 -23.74 -8.45
CA THR B 302 15.51 -22.82 -8.39
C THR B 302 15.45 -21.76 -9.50
N ARG B 303 14.47 -21.92 -10.39
CA ARG B 303 14.31 -21.07 -11.58
C ARG B 303 15.62 -20.85 -12.36
N GLY B 304 16.32 -21.97 -12.56
CA GLY B 304 17.57 -22.01 -13.33
C GLY B 304 18.74 -21.40 -12.58
N GLY B 305 18.66 -21.41 -11.24
CA GLY B 305 19.72 -20.89 -10.38
C GLY B 305 20.34 -21.98 -9.53
N SER B 306 21.01 -21.58 -8.45
CA SER B 306 21.71 -22.52 -7.60
C SER B 306 20.95 -22.87 -6.32
N LYS B 307 19.91 -22.10 -6.01
CA LYS B 307 19.14 -22.32 -4.78
C LYS B 307 17.65 -22.13 -5.04
N HIS B 308 16.83 -22.83 -4.24
CA HIS B 308 15.38 -22.66 -4.28
C HIS B 308 15.07 -21.19 -4.08
N ILE B 309 14.11 -20.69 -4.85
CA ILE B 309 13.82 -19.28 -4.91
C ILE B 309 13.31 -18.66 -3.60
N ILE B 310 12.83 -19.49 -2.67
CA ILE B 310 12.49 -19.02 -1.32
C ILE B 310 13.71 -18.41 -0.61
N GLU B 311 14.91 -18.76 -1.09
CA GLU B 311 16.14 -18.23 -0.55
C GLU B 311 16.42 -16.78 -0.94
N HIS B 312 15.69 -16.28 -1.93
CA HIS B 312 15.81 -14.91 -2.36
C HIS B 312 14.92 -14.04 -1.46
N GLN B 313 15.53 -13.04 -0.83
CA GLN B 313 14.81 -12.20 0.13
C GLN B 313 13.54 -11.58 -0.42
N SER B 314 13.54 -11.20 -1.70
CA SER B 314 12.34 -10.58 -2.29
C SER B 314 11.18 -11.56 -2.46
N VAL B 315 11.52 -12.80 -2.79
CA VAL B 315 10.53 -13.89 -2.91
C VAL B 315 9.93 -14.23 -1.55
N ALA B 316 10.80 -14.47 -0.55
CA ALA B 316 10.37 -14.67 0.83
C ALA B 316 9.54 -13.49 1.34
N ASP B 317 9.95 -12.26 1.06
CA ASP B 317 9.13 -11.11 1.50
C ASP B 317 7.65 -11.24 1.03
N LYS B 318 7.44 -11.66 -0.22
CA LYS B 318 6.10 -11.84 -0.77
C LYS B 318 5.35 -12.93 -0.03
N LEU B 319 6.03 -14.07 0.20
CA LEU B 319 5.42 -15.18 0.95
C LEU B 319 5.11 -14.79 2.38
N ILE B 320 5.99 -13.99 2.97
CA ILE B 320 5.78 -13.55 4.33
C ILE B 320 4.49 -12.73 4.39
N ASP B 321 4.31 -11.86 3.40
CA ASP B 321 3.22 -10.94 3.40
C ASP B 321 1.90 -11.70 3.23
N CYS B 322 1.92 -12.71 2.36
CA CYS B 322 0.80 -13.62 2.17
C CYS B 322 0.44 -14.28 3.48
N LYS B 323 1.42 -14.91 4.13
CA LYS B 323 1.23 -15.63 5.37
C LYS B 323 0.54 -14.73 6.38
N ILE B 324 1.09 -13.55 6.56
CA ILE B 324 0.58 -12.56 7.50
C ILE B 324 -0.88 -12.17 7.20
N ARG B 325 -1.18 -11.94 5.92
CA ARG B 325 -2.50 -11.58 5.52
C ARG B 325 -3.48 -12.71 5.88
N LEU B 326 -3.09 -13.95 5.61
CA LEU B 326 -3.94 -15.13 5.92
C LEU B 326 -4.12 -15.37 7.41
N GLU B 327 -3.07 -15.16 8.18
CA GLU B 327 -3.10 -15.42 9.60
C GLU B 327 -3.98 -14.36 10.27
N THR B 328 -3.78 -13.09 9.89
CA THR B 328 -4.56 -12.00 10.48
C THR B 328 -6.03 -12.12 10.03
N SER B 329 -6.25 -12.54 8.79
CA SER B 329 -7.61 -12.78 8.31
C SER B 329 -8.39 -13.82 9.16
N ARG B 330 -7.82 -15.00 9.36
CA ARG B 330 -8.51 -16.08 10.06
C ARG B 330 -8.85 -15.66 11.47
N LEU B 331 -7.85 -15.15 12.18
CA LEU B 331 -8.06 -14.60 13.50
C LEU B 331 -9.27 -13.66 13.49
N LEU B 332 -9.33 -12.77 12.50
CA LEU B 332 -10.44 -11.81 12.44
C LEU B 332 -11.81 -12.48 12.20
N VAL B 333 -11.87 -13.49 11.32
CA VAL B 333 -13.11 -14.22 11.07
C VAL B 333 -13.61 -14.91 12.36
N TRP B 334 -12.70 -15.61 13.05
CA TRP B 334 -13.07 -16.33 14.27
C TRP B 334 -13.54 -15.37 15.34
N LYS B 335 -12.87 -14.23 15.45
CA LYS B 335 -13.29 -13.20 16.38
C LYS B 335 -14.69 -12.65 16.04
N ALA B 336 -14.94 -12.46 14.75
CA ALA B 336 -16.22 -11.95 14.25
C ALA B 336 -17.38 -12.93 14.48
N VAL B 337 -17.20 -14.20 14.13
CA VAL B 337 -18.28 -15.17 14.30
C VAL B 337 -18.54 -15.42 15.79
N THR B 338 -17.49 -15.48 16.59
CA THR B 338 -17.69 -15.57 18.02
C THR B 338 -18.38 -14.33 18.58
N THR B 339 -18.06 -13.15 18.05
CA THR B 339 -18.73 -11.92 18.47
C THR B 339 -20.23 -11.99 18.10
N LEU B 340 -20.52 -12.53 16.92
CA LEU B 340 -21.91 -12.71 16.50
C LEU B 340 -22.71 -13.68 17.39
N GLU B 341 -22.01 -14.63 18.01
CA GLU B 341 -22.65 -15.61 18.87
C GLU B 341 -22.78 -15.14 20.32
N ASP B 342 -22.16 -14.02 20.67
CA ASP B 342 -22.19 -13.55 22.03
C ASP B 342 -23.48 -12.78 22.33
N GLU B 343 -24.41 -13.44 23.03
CA GLU B 343 -25.70 -12.85 23.36
C GLU B 343 -25.61 -11.64 24.31
N ALA B 344 -24.46 -11.46 24.95
CA ALA B 344 -24.25 -10.31 25.84
C ALA B 344 -23.94 -8.98 25.15
N LEU B 345 -23.75 -9.00 23.83
CA LEU B 345 -23.27 -7.80 23.12
C LEU B 345 -24.39 -7.14 22.32
N GLU B 346 -24.44 -5.80 22.37
CA GLU B 346 -25.34 -5.03 21.51
C GLU B 346 -25.09 -5.35 20.04
N TRP B 347 -26.16 -5.30 19.25
CA TRP B 347 -26.09 -5.62 17.83
C TRP B 347 -25.07 -4.77 17.06
N LYS B 348 -24.99 -3.49 17.35
CA LYS B 348 -24.14 -2.60 16.58
C LYS B 348 -22.65 -2.94 16.79
N VAL B 349 -22.33 -3.56 17.92
CA VAL B 349 -20.97 -4.00 18.23
C VAL B 349 -20.65 -5.18 17.31
N LYS B 350 -21.59 -6.11 17.22
CA LYS B 350 -21.50 -7.23 16.30
C LYS B 350 -21.42 -6.80 14.84
N LEU B 351 -22.18 -5.76 14.47
CA LEU B 351 -22.26 -5.31 13.09
C LEU B 351 -20.92 -4.73 12.64
N GLU B 352 -20.34 -3.86 13.46
CA GLU B 352 -19.06 -3.19 13.18
C GLU B 352 -17.95 -4.21 12.94
N MET B 353 -17.89 -5.20 13.82
CA MET B 353 -16.93 -6.30 13.76
C MET B 353 -17.10 -7.14 12.49
N ALA B 354 -18.34 -7.40 12.10
CA ALA B 354 -18.60 -8.15 10.89
C ALA B 354 -18.19 -7.34 9.64
N MET B 355 -18.35 -6.02 9.71
CA MET B 355 -18.02 -5.11 8.61
C MET B 355 -16.51 -5.04 8.41
N GLN B 356 -15.79 -4.85 9.51
CA GLN B 356 -14.32 -4.85 9.51
C GLN B 356 -13.84 -6.12 8.84
N THR B 357 -14.44 -7.24 9.25
CA THR B 357 -13.98 -8.56 8.84
C THR B 357 -14.16 -8.74 7.35
N LYS B 358 -15.34 -8.41 6.86
CA LYS B 358 -15.60 -8.53 5.44
C LYS B 358 -14.60 -7.67 4.66
N ILE B 359 -14.41 -6.44 5.11
CA ILE B 359 -13.59 -5.45 4.41
C ILE B 359 -12.11 -5.88 4.39
N TYR B 360 -11.54 -6.21 5.55
CA TYR B 360 -10.14 -6.57 5.62
C TYR B 360 -9.86 -7.82 4.81
N THR B 361 -10.62 -8.87 5.07
CA THR B 361 -10.32 -10.19 4.53
C THR B 361 -10.43 -10.25 3.03
N THR B 362 -11.39 -9.53 2.47
CA THR B 362 -11.66 -9.59 1.04
C THR B 362 -10.64 -8.73 0.28
N ASP B 363 -10.30 -7.56 0.82
CA ASP B 363 -9.27 -6.70 0.20
C ASP B 363 -7.89 -7.36 0.15
N VAL B 364 -7.54 -8.02 1.23
CA VAL B 364 -6.21 -8.50 1.52
C VAL B 364 -5.96 -9.83 0.81
N ALA B 365 -7.04 -10.60 0.56
CA ALA B 365 -6.96 -11.87 -0.18
C ALA B 365 -6.58 -11.64 -1.65
N VAL B 366 -7.07 -10.54 -2.22
CA VAL B 366 -6.68 -10.15 -3.57
C VAL B 366 -5.15 -9.88 -3.61
N GLU B 367 -4.67 -9.07 -2.68
CA GLU B 367 -3.23 -8.79 -2.52
C GLU B 367 -2.42 -10.08 -2.35
N CYS B 368 -2.95 -11.02 -1.58
CA CYS B 368 -2.31 -12.29 -1.30
C CYS B 368 -2.14 -13.16 -2.55
N VAL B 369 -3.16 -13.20 -3.41
CA VAL B 369 -3.07 -13.99 -4.65
C VAL B 369 -2.08 -13.36 -5.65
N ILE B 370 -2.11 -12.04 -5.75
CA ILE B 370 -1.29 -11.34 -6.70
C ILE B 370 0.21 -11.36 -6.30
N ASP B 371 0.49 -11.29 -5.00
CA ASP B 371 1.85 -11.40 -4.49
C ASP B 371 2.36 -12.83 -4.71
N ALA B 372 1.48 -13.82 -4.54
CA ALA B 372 1.83 -15.24 -4.77
C ALA B 372 2.24 -15.46 -6.22
N MET B 373 1.51 -14.83 -7.14
CA MET B 373 1.80 -14.90 -8.58
C MET B 373 3.13 -14.21 -8.93
N LYS B 374 3.38 -13.05 -8.31
CA LYS B 374 4.63 -12.29 -8.56
C LYS B 374 5.83 -13.11 -8.13
N ALA B 375 5.68 -13.82 -7.00
CA ALA B 375 6.69 -14.70 -6.45
C ALA B 375 7.00 -15.90 -7.34
N VAL B 376 5.96 -16.60 -7.82
CA VAL B 376 6.11 -17.69 -8.81
C VAL B 376 6.65 -17.19 -10.16
N GLY B 377 6.29 -15.96 -10.53
CA GLY B 377 6.68 -15.39 -11.82
C GLY B 377 5.80 -15.77 -13.00
N MET B 378 6.41 -15.76 -14.19
CA MET B 378 5.72 -16.03 -15.46
C MET B 378 4.86 -17.31 -15.45
N LYS B 379 5.35 -18.37 -14.82
CA LYS B 379 4.63 -19.65 -14.76
C LYS B 379 3.22 -19.54 -14.21
N SER B 380 3.02 -18.59 -13.29
CA SER B 380 1.75 -18.43 -12.62
C SER B 380 0.64 -17.94 -13.56
N TYR B 381 1.01 -17.49 -14.76
CA TYR B 381 0.06 -16.86 -15.67
C TYR B 381 -0.56 -17.85 -16.66
N ALA B 382 -0.13 -19.11 -16.59
CA ALA B 382 -0.63 -20.18 -17.45
C ALA B 382 -1.51 -21.18 -16.70
N LYS B 383 -2.54 -21.66 -17.38
CA LYS B 383 -3.59 -22.47 -16.74
C LYS B 383 -3.19 -23.87 -16.33
N ASP B 384 -1.91 -24.24 -16.42
CA ASP B 384 -1.44 -25.47 -15.75
C ASP B 384 -1.07 -25.20 -14.31
N MET B 385 -1.31 -23.98 -13.87
CA MET B 385 -1.24 -23.65 -12.45
C MET B 385 -2.63 -23.11 -12.09
N SER B 386 -2.93 -23.07 -10.79
CA SER B 386 -4.24 -22.63 -10.29
C SER B 386 -4.48 -21.14 -10.36
N PHE B 387 -3.38 -20.37 -10.40
CA PHE B 387 -3.45 -18.90 -10.22
C PHE B 387 -4.42 -18.18 -11.16
N PRO B 388 -4.46 -18.52 -12.45
CA PRO B 388 -5.42 -17.78 -13.31
C PRO B 388 -6.88 -17.92 -12.81
N ARG B 389 -7.23 -19.12 -12.34
CA ARG B 389 -8.55 -19.35 -11.76
C ARG B 389 -8.69 -18.56 -10.45
N LEU B 390 -7.65 -18.57 -9.62
CA LEU B 390 -7.71 -17.94 -8.28
C LEU B 390 -7.84 -16.44 -8.33
N LEU B 391 -7.06 -15.84 -9.24
CA LEU B 391 -7.10 -14.40 -9.52
C LEU B 391 -8.52 -13.96 -9.86
N ASN B 392 -9.16 -14.71 -10.75
CA ASN B 392 -10.54 -14.39 -11.14
C ASN B 392 -11.52 -14.61 -9.97
N GLU B 393 -11.38 -15.73 -9.28
CA GLU B 393 -12.27 -16.02 -8.15
C GLU B 393 -12.08 -15.06 -6.97
N VAL B 394 -10.84 -14.60 -6.76
CA VAL B 394 -10.53 -13.77 -5.59
C VAL B 394 -11.13 -12.39 -5.73
N MET B 395 -11.21 -11.89 -6.97
CA MET B 395 -11.72 -10.54 -7.20
C MET B 395 -13.25 -10.38 -6.95
N CYS B 396 -13.94 -11.51 -6.76
CA CYS B 396 -15.36 -11.52 -6.43
C CYS B 396 -15.60 -10.96 -5.03
N TYR B 397 -14.75 -11.37 -4.09
CA TYR B 397 -14.96 -11.15 -2.64
C TYR B 397 -15.08 -9.69 -2.19
N PRO B 398 -14.18 -8.78 -2.65
CA PRO B 398 -14.36 -7.34 -2.32
C PRO B 398 -15.63 -6.72 -2.89
N LEU B 399 -16.19 -7.35 -3.93
CA LEU B 399 -17.31 -6.74 -4.66
C LEU B 399 -18.67 -7.35 -4.29
N PHE B 400 -18.70 -8.68 -4.12
CA PHE B 400 -19.95 -9.35 -3.77
C PHE B 400 -20.21 -9.30 -2.27
N ASP B 401 -21.33 -9.92 -1.87
CA ASP B 401 -21.82 -9.90 -0.51
C ASP B 401 -21.81 -8.51 0.09
N GLY B 402 -22.22 -7.55 -0.72
CA GLY B 402 -22.18 -6.14 -0.34
C GLY B 402 -20.76 -5.63 -0.48
N GLY B 403 -20.48 -4.96 -1.60
CA GLY B 403 -19.15 -4.43 -1.91
C GLY B 403 -18.60 -3.56 -0.80
N ASN B 404 -17.27 -3.51 -0.68
CA ASN B 404 -16.67 -2.77 0.41
C ASN B 404 -16.83 -1.27 0.30
N ILE B 405 -16.83 -0.74 -0.92
CA ILE B 405 -16.84 0.72 -1.11
C ILE B 405 -18.24 1.30 -0.86
N GLY B 406 -19.24 0.65 -1.42
CA GLY B 406 -20.59 1.17 -1.39
C GLY B 406 -21.33 0.85 -0.12
N LEU B 407 -21.21 -0.40 0.35
CA LEU B 407 -22.06 -0.91 1.41
C LEU B 407 -21.35 -1.10 2.77
N ARG B 408 -20.38 -2.00 2.85
CA ARG B 408 -19.78 -2.39 4.14
C ARG B 408 -19.03 -1.24 4.82
N ARG B 409 -18.30 -0.43 4.05
CA ARG B 409 -17.65 0.75 4.62
C ARG B 409 -18.68 1.75 5.16
N ARG B 410 -19.81 1.87 4.46
CA ARG B 410 -20.88 2.79 4.84
C ARG B 410 -21.63 2.31 6.10
N GLN B 411 -21.98 1.03 6.12
CA GLN B 411 -22.53 0.41 7.33
C GLN B 411 -21.60 0.64 8.52
N MET B 412 -20.31 0.35 8.35
CA MET B 412 -19.34 0.56 9.43
C MET B 412 -19.24 2.02 9.86
N GLN B 413 -19.19 2.89 8.87
CA GLN B 413 -19.12 4.34 9.09
C GLN B 413 -20.33 4.84 9.93
N ARG B 414 -21.53 4.38 9.61
CA ARG B 414 -22.73 4.75 10.40
C ARG B 414 -22.55 4.41 11.88
N VAL B 415 -22.21 3.15 12.17
CA VAL B 415 -21.96 2.71 13.53
C VAL B 415 -20.96 3.61 14.27
N MET B 416 -19.80 3.85 13.65
CA MET B 416 -18.75 4.66 14.29
C MET B 416 -19.18 6.07 14.63
N ALA B 417 -20.12 6.59 13.83
CA ALA B 417 -20.62 7.96 13.99
C ALA B 417 -21.63 8.13 15.15
N LEU B 418 -22.22 7.02 15.60
CA LEU B 418 -23.17 7.01 16.72
C LEU B 418 -22.57 7.51 18.01
N GLU B 419 -23.36 8.31 18.75
CA GLU B 419 -22.86 8.95 19.98
C GLU B 419 -22.34 7.96 21.03
N ASP B 420 -22.90 6.77 21.04
CA ASP B 420 -22.55 5.74 22.02
C ASP B 420 -21.76 4.59 21.38
N TYR B 421 -20.96 4.92 20.38
CA TYR B 421 -20.07 3.94 19.74
C TYR B 421 -19.00 3.55 20.75
N GLU B 422 -18.78 2.25 20.84
CA GLU B 422 -17.76 1.67 21.70
C GLU B 422 -16.82 0.84 20.85
N PRO B 423 -15.67 1.45 20.45
CA PRO B 423 -14.76 0.75 19.53
C PRO B 423 -14.36 -0.65 20.04
N TRP B 424 -14.09 -0.79 21.33
CA TRP B 424 -13.48 -2.02 21.87
C TRP B 424 -14.43 -2.93 22.65
N ALA B 425 -15.74 -2.69 22.52
CA ALA B 425 -16.75 -3.43 23.30
C ALA B 425 -16.73 -4.94 23.08
N ALA B 426 -16.32 -5.37 21.89
CA ALA B 426 -16.27 -6.80 21.54
C ALA B 426 -15.03 -7.48 22.16
N THR B 427 -14.11 -6.67 22.69
CA THR B 427 -12.88 -7.21 23.27
C THR B 427 -12.96 -7.05 24.77
N TYR B 428 -13.35 -5.86 25.20
CA TYR B 428 -13.36 -5.53 26.62
C TYR B 428 -14.76 -5.41 27.28
N GLY B 429 -15.86 -5.49 26.51
CA GLY B 429 -17.20 -4.94 26.93
C GLY B 429 -16.94 -3.53 27.44
N SER B 430 -17.79 -2.94 28.29
CA SER B 430 -19.06 -2.27 27.88
C SER B 430 -19.41 -1.18 28.93
N SER B 431 -20.71 -0.93 29.11
CA SER B 431 -21.25 -0.14 30.23
C SER B 431 -22.78 -0.06 30.10
N VAL C 1 8.78 16.52 -27.47
CA VAL C 1 8.87 16.63 -25.98
C VAL C 1 10.32 16.48 -25.52
N ASP C 2 10.65 17.20 -24.46
CA ASP C 2 12.05 17.33 -24.01
C ASP C 2 12.21 17.43 -22.49
N PHE C 3 13.30 16.88 -21.97
CA PHE C 3 13.60 16.93 -20.53
C PHE C 3 14.93 17.61 -20.23
N LYS C 4 15.58 18.14 -21.27
CA LYS C 4 16.92 18.68 -21.12
C LYS C 4 16.89 20.04 -20.46
N LEU C 5 17.81 20.25 -19.53
CA LEU C 5 17.89 21.50 -18.80
C LEU C 5 18.76 22.48 -19.55
N SER C 6 18.30 23.72 -19.66
CA SER C 6 19.07 24.80 -20.26
C SER C 6 20.22 25.24 -19.35
N PRO C 7 21.24 25.92 -19.91
CA PRO C 7 22.29 26.48 -19.05
C PRO C 7 21.77 27.28 -17.84
N SER C 8 20.69 28.03 -18.00
CA SER C 8 20.23 28.89 -16.90
C SER C 8 19.50 28.11 -15.79
N GLN C 9 18.97 26.94 -16.14
CA GLN C 9 18.37 26.02 -15.19
C GLN C 9 19.43 25.27 -14.41
N LEU C 10 20.47 24.80 -15.13
CA LEU C 10 21.64 24.23 -14.48
C LEU C 10 22.32 25.24 -13.54
N GLU C 11 22.41 26.49 -13.98
CA GLU C 11 22.99 27.55 -13.16
C GLU C 11 22.12 27.88 -11.95
N ALA C 12 20.80 27.86 -12.11
CA ALA C 12 19.89 28.05 -10.97
C ALA C 12 20.04 26.94 -9.93
N ARG C 13 20.23 25.71 -10.41
CA ARG C 13 20.53 24.58 -9.53
C ARG C 13 21.84 24.82 -8.76
N ARG C 14 22.92 25.07 -9.52
CA ARG C 14 24.25 25.34 -8.95
C ARG C 14 24.19 26.42 -7.87
N HIS C 15 23.51 27.53 -8.20
CA HIS C 15 23.31 28.65 -7.27
C HIS C 15 22.49 28.29 -6.01
N ALA C 16 21.40 27.54 -6.19
CA ALA C 16 20.62 27.08 -5.04
C ALA C 16 21.44 26.13 -4.15
N GLN C 17 22.15 25.18 -4.76
CA GLN C 17 23.00 24.26 -3.99
C GLN C 17 24.11 25.01 -3.25
N ALA C 18 24.80 25.92 -3.94
CA ALA C 18 25.89 26.71 -3.30
C ALA C 18 25.36 27.51 -2.10
N PHE C 19 24.19 28.13 -2.26
CA PHE C 19 23.58 28.91 -1.18
C PHE C 19 23.23 28.03 0.03
N ALA C 20 22.68 26.85 -0.23
CA ALA C 20 22.25 25.94 0.82
C ALA C 20 23.46 25.36 1.58
N ASN C 21 24.48 24.93 0.84
CA ASN C 21 25.71 24.43 1.45
C ASN C 21 26.55 25.46 2.23
N THR C 22 26.68 26.67 1.69
CA THR C 22 27.52 27.68 2.34
C THR C 22 26.78 28.53 3.35
N VAL C 23 25.46 28.71 3.18
CA VAL C 23 24.70 29.56 4.10
C VAL C 23 23.74 28.78 5.00
N LEU C 24 22.95 27.89 4.42
CA LEU C 24 21.85 27.29 5.16
C LEU C 24 22.32 26.27 6.22
N THR C 25 23.43 25.60 5.91
CA THR C 25 24.03 24.59 6.83
C THR C 25 24.39 25.16 8.21
N LYS C 26 24.47 26.48 8.30
CA LYS C 26 24.90 27.20 9.51
C LYS C 26 23.74 27.68 10.37
N ALA C 27 22.53 27.55 9.84
CA ALA C 27 21.34 28.03 10.52
C ALA C 27 21.08 27.21 11.77
N SER C 28 21.29 25.90 11.65
CA SER C 28 21.03 24.97 12.75
C SER C 28 21.80 25.33 14.05
N ALA C 29 23.09 25.70 13.88
CA ALA C 29 23.89 26.17 15.01
C ALA C 29 23.21 27.32 15.77
N GLU C 30 22.47 28.17 15.06
CA GLU C 30 21.84 29.34 15.67
C GLU C 30 20.48 29.04 16.27
N TYR C 31 19.64 28.31 15.54
CA TYR C 31 18.25 28.11 15.99
C TYR C 31 18.06 26.98 16.99
N SER C 32 18.94 25.98 16.95
CA SER C 32 18.78 24.77 17.80
C SER C 32 18.87 25.17 19.26
N THR C 33 19.62 26.25 19.45
CA THR C 33 19.94 26.81 20.73
C THR C 33 18.76 27.62 21.34
N GLN C 34 17.66 27.77 20.59
CA GLN C 34 16.54 28.61 21.05
C GLN C 34 15.40 27.79 21.63
N LYS C 35 14.60 28.45 22.48
CA LYS C 35 13.68 27.81 23.40
C LYS C 35 12.28 27.51 22.85
N ASP C 36 11.83 28.32 21.90
CA ASP C 36 10.48 28.19 21.40
C ASP C 36 10.39 28.55 19.90
N GLN C 37 9.24 28.30 19.29
CA GLN C 37 9.02 28.44 17.83
C GLN C 37 9.34 29.85 17.31
N LEU C 38 8.84 30.89 17.96
CA LEU C 38 9.18 32.26 17.56
C LEU C 38 10.68 32.59 17.62
N SER C 39 11.33 32.23 18.72
CA SER C 39 12.76 32.49 18.91
C SER C 39 13.59 31.76 17.87
N ARG C 40 13.17 30.52 17.56
CA ARG C 40 13.80 29.76 16.50
C ARG C 40 13.63 30.46 15.15
N PHE C 41 12.42 30.95 14.87
CA PHE C 41 12.14 31.76 13.67
C PHE C 41 13.01 33.00 13.62
N GLN C 42 13.10 33.70 14.75
CA GLN C 42 13.92 34.92 14.80
C GLN C 42 15.40 34.70 14.57
N ALA C 43 15.95 33.59 15.07
CA ALA C 43 17.38 33.27 14.90
C ALA C 43 17.68 32.88 13.44
N THR C 44 16.62 32.81 12.66
CA THR C 44 16.65 32.45 11.24
C THR C 44 16.79 33.71 10.36
N ARG C 45 16.53 34.89 10.93
CA ARG C 45 16.56 36.18 10.19
C ARG C 45 17.87 36.47 9.42
N PRO C 46 19.06 36.29 10.07
CA PRO C 46 20.29 36.50 9.30
C PRO C 46 20.40 35.64 8.03
N PHE C 47 19.70 34.51 8.01
CA PHE C 47 19.80 33.58 6.88
C PHE C 47 18.83 33.96 5.75
N TYR C 48 17.68 34.53 6.10
CA TYR C 48 16.77 35.13 5.14
C TYR C 48 17.39 36.41 4.54
N ARG C 49 18.05 37.22 5.38
CA ARG C 49 18.82 38.38 4.89
C ARG C 49 19.80 37.93 3.81
N GLU C 50 20.50 36.82 4.06
CA GLU C 50 21.41 36.29 3.05
C GLU C 50 20.66 35.80 1.82
N ALA C 51 19.48 35.22 2.02
CA ALA C 51 18.64 34.78 0.91
C ALA C 51 18.28 35.97 0.01
N VAL C 52 17.91 37.08 0.64
CA VAL C 52 17.61 38.32 -0.09
C VAL C 52 18.81 38.78 -0.90
N ARG C 53 19.98 38.76 -0.24
CA ARG C 53 21.25 39.21 -0.83
C ARG C 53 21.67 38.29 -1.99
N HIS C 54 21.28 37.02 -1.91
CA HIS C 54 21.51 36.08 -3.01
C HIS C 54 20.46 36.17 -4.12
N GLY C 55 19.53 37.11 -4.00
CA GLY C 55 18.52 37.37 -5.02
C GLY C 55 17.34 36.40 -5.00
N LEU C 56 17.22 35.62 -3.93
CA LEU C 56 16.23 34.55 -3.88
C LEU C 56 14.77 34.99 -3.65
N ILE C 57 14.59 36.13 -2.98
CA ILE C 57 13.25 36.71 -2.81
C ILE C 57 12.79 37.42 -4.09
N LYS C 58 13.70 38.13 -4.72
CA LYS C 58 13.44 38.75 -6.02
C LYS C 58 13.08 37.69 -7.08
N ALA C 59 13.62 36.48 -6.91
CA ALA C 59 13.37 35.40 -7.86
C ALA C 59 11.98 34.77 -7.72
N GLN C 60 11.21 35.25 -6.73
CA GLN C 60 9.83 34.82 -6.50
C GLN C 60 8.80 35.70 -7.24
N VAL C 61 9.29 36.74 -7.94
CA VAL C 61 8.43 37.73 -8.61
C VAL C 61 8.75 37.70 -10.10
N PRO C 62 7.73 37.65 -10.98
CA PRO C 62 8.04 37.62 -12.42
C PRO C 62 8.83 38.84 -12.91
N ILE C 63 9.57 38.63 -13.99
CA ILE C 63 10.39 39.68 -14.62
C ILE C 63 9.55 40.93 -14.99
N PRO C 64 8.35 40.76 -15.61
CA PRO C 64 7.53 41.94 -15.95
C PRO C 64 7.14 42.78 -14.73
N LEU C 65 7.16 42.18 -13.55
CA LEU C 65 6.86 42.90 -12.31
C LEU C 65 8.12 43.43 -11.59
N GLY C 66 9.26 43.34 -12.25
CA GLY C 66 10.50 43.84 -11.65
C GLY C 66 11.32 42.77 -10.93
N GLY C 67 10.84 41.53 -10.90
CA GLY C 67 11.56 40.39 -10.26
C GLY C 67 12.50 39.64 -11.18
N THR C 68 12.99 38.48 -10.76
CA THR C 68 13.94 37.75 -11.61
C THR C 68 13.51 36.32 -11.89
N MET C 69 12.25 35.99 -11.59
CA MET C 69 11.81 34.61 -11.79
C MET C 69 11.97 34.24 -13.25
N GLU C 70 12.65 33.15 -13.52
CA GLU C 70 12.89 32.77 -14.90
C GLU C 70 11.78 31.89 -15.45
N SER C 71 11.36 30.91 -14.66
CA SER C 71 10.23 30.07 -14.99
C SER C 71 9.90 29.24 -13.76
N LEU C 72 8.76 28.56 -13.81
CA LEU C 72 8.32 27.68 -12.73
C LEU C 72 9.19 26.43 -12.59
N VAL C 73 9.79 25.98 -13.68
CA VAL C 73 10.71 24.83 -13.64
C VAL C 73 12.03 25.21 -12.93
N HIS C 74 12.56 26.39 -13.24
CA HIS C 74 13.67 27.01 -12.47
C HIS C 74 13.31 26.99 -10.99
N GLU C 75 12.16 27.55 -10.66
CA GLU C 75 11.68 27.59 -9.27
C GLU C 75 11.62 26.20 -8.62
N SER C 76 11.11 25.21 -9.36
CA SER C 76 11.05 23.83 -8.90
C SER C 76 12.44 23.30 -8.57
N ILE C 77 13.42 23.66 -9.41
CA ILE C 77 14.80 23.18 -9.26
C ILE C 77 15.39 23.77 -7.97
N ILE C 78 15.19 25.07 -7.80
CA ILE C 78 15.64 25.79 -6.61
C ILE C 78 15.11 25.21 -5.32
N LEU C 79 13.80 25.05 -5.23
CA LEU C 79 13.15 24.54 -4.01
C LEU C 79 13.64 23.15 -3.66
N GLU C 80 13.77 22.29 -4.66
CA GLU C 80 14.24 20.95 -4.41
C GLU C 80 15.60 20.97 -3.72
N GLU C 81 16.54 21.72 -4.31
CA GLU C 81 17.90 21.87 -3.79
C GLU C 81 17.96 22.51 -2.40
N LEU C 82 17.12 23.51 -2.17
CA LEU C 82 17.02 24.14 -0.87
C LEU C 82 16.51 23.14 0.18
N PHE C 83 15.36 22.54 -0.11
CA PHE C 83 14.73 21.62 0.85
C PHE C 83 15.51 20.31 1.10
N ALA C 84 16.34 19.88 0.14
CA ALA C 84 17.22 18.72 0.30
C ALA C 84 18.32 18.97 1.35
N VAL C 85 18.49 20.23 1.74
CA VAL C 85 19.51 20.60 2.70
C VAL C 85 18.92 21.16 4.00
N GLU C 86 18.08 22.19 3.91
CA GLU C 86 17.58 22.84 5.12
C GLU C 86 16.31 23.61 4.80
N PRO C 87 15.16 23.10 5.26
CA PRO C 87 13.88 23.81 5.23
C PRO C 87 13.81 25.10 6.08
N ALA C 88 14.65 25.26 7.10
CA ALA C 88 14.69 26.57 7.79
C ALA C 88 15.07 27.63 6.75
N THR C 89 14.44 28.79 6.85
CA THR C 89 14.60 29.92 5.90
C THR C 89 14.02 29.64 4.50
N SER C 90 14.28 28.44 3.97
CA SER C 90 13.69 27.99 2.71
C SER C 90 12.18 28.08 2.77
N ILE C 91 11.64 27.68 3.93
CA ILE C 91 10.21 27.77 4.20
C ILE C 91 9.71 29.24 4.14
N THR C 92 10.55 30.16 4.63
CA THR C 92 10.20 31.59 4.74
C THR C 92 10.12 32.21 3.34
N ILE C 93 11.06 31.84 2.47
CA ILE C 93 11.04 32.19 1.05
C ILE C 93 9.75 31.76 0.31
N VAL C 94 9.37 30.50 0.41
CA VAL C 94 8.17 30.00 -0.25
C VAL C 94 6.86 30.55 0.32
N ALA C 95 6.83 30.83 1.62
CA ALA C 95 5.65 31.40 2.26
C ALA C 95 5.50 32.86 1.87
N THR C 96 6.62 33.56 1.79
CA THR C 96 6.65 34.91 1.22
C THR C 96 6.11 34.91 -0.23
N ALA C 97 6.58 33.96 -1.04
CA ALA C 97 6.13 33.81 -2.42
C ALA C 97 4.62 33.62 -2.51
N LEU C 98 4.08 32.77 -1.65
CA LEU C 98 2.64 32.54 -1.61
C LEU C 98 1.88 33.83 -1.24
N GLY C 99 2.38 34.54 -0.24
CA GLY C 99 1.79 35.82 0.19
C GLY C 99 1.87 36.90 -0.89
N LEU C 100 2.89 36.83 -1.75
CA LEU C 100 2.98 37.74 -2.90
C LEU C 100 2.03 37.39 -4.03
N MET C 101 1.70 36.10 -4.18
CA MET C 101 0.98 35.59 -5.35
C MET C 101 -0.34 36.33 -5.69
N PRO C 102 -1.22 36.60 -4.70
CA PRO C 102 -2.43 37.32 -5.11
C PRO C 102 -2.21 38.72 -5.73
N VAL C 103 -1.14 39.39 -5.32
CA VAL C 103 -0.75 40.65 -5.93
C VAL C 103 -0.12 40.40 -7.31
N ILE C 104 0.79 39.44 -7.39
CA ILE C 104 1.39 39.04 -8.66
C ILE C 104 0.29 38.71 -9.68
N LEU C 105 -0.77 38.04 -9.24
CA LEU C 105 -1.79 37.52 -10.18
C LEU C 105 -2.92 38.48 -10.52
N CYS C 106 -3.07 39.54 -9.72
CA CYS C 106 -4.09 40.53 -9.98
C CYS C 106 -3.73 41.34 -11.24
N ASP C 107 -4.72 41.91 -11.91
CA ASP C 107 -4.35 42.61 -13.15
C ASP C 107 -4.23 44.12 -12.95
N SER C 108 -3.71 44.52 -11.79
CA SER C 108 -3.75 45.91 -11.35
C SER C 108 -2.33 46.46 -11.15
N PRO C 109 -1.78 47.13 -12.18
CA PRO C 109 -0.40 47.66 -12.16
C PRO C 109 -0.05 48.56 -10.98
N SER C 110 -0.98 49.41 -10.52
CA SER C 110 -0.67 50.33 -9.42
C SER C 110 -0.46 49.59 -8.08
N LEU C 111 -1.30 48.60 -7.79
CA LEU C 111 -1.12 47.74 -6.60
C LEU C 111 0.18 46.98 -6.66
N GLN C 112 0.41 46.29 -7.77
CA GLN C 112 1.65 45.55 -7.97
C GLN C 112 2.86 46.43 -7.68
N GLU C 113 2.91 47.61 -8.32
CA GLU C 113 4.06 48.50 -8.22
C GLU C 113 4.32 48.88 -6.76
N LYS C 114 3.24 49.24 -6.07
CA LYS C 114 3.30 49.71 -4.70
C LYS C 114 3.67 48.60 -3.70
N PHE C 115 2.97 47.47 -3.75
CA PHE C 115 3.11 46.46 -2.71
C PHE C 115 4.23 45.46 -2.93
N LEU C 116 4.65 45.26 -4.19
CA LEU C 116 5.74 44.33 -4.47
C LEU C 116 7.12 44.98 -4.32
N LYS C 117 7.14 46.30 -4.18
CA LYS C 117 8.39 47.05 -4.26
C LYS C 117 9.49 46.57 -3.28
N PRO C 118 9.15 46.37 -1.98
CA PRO C 118 10.16 45.86 -1.03
C PRO C 118 10.82 44.53 -1.45
N PHE C 119 10.03 43.66 -2.06
CA PHE C 119 10.43 42.29 -2.41
C PHE C 119 11.36 42.16 -3.61
N ILE C 120 11.48 43.25 -4.37
CA ILE C 120 12.32 43.28 -5.56
C ILE C 120 13.55 44.19 -5.38
N SER C 121 13.65 44.84 -4.22
CA SER C 121 14.73 45.81 -3.96
C SER C 121 16.09 45.14 -3.74
N GLY C 122 16.10 43.93 -3.17
CA GLY C 122 17.35 43.24 -2.88
C GLY C 122 17.87 43.66 -1.52
N GLU C 123 16.99 44.27 -0.73
CA GLU C 123 17.34 44.87 0.55
C GLU C 123 16.44 44.40 1.67
N GLY C 124 16.98 44.39 2.88
CA GLY C 124 16.20 44.12 4.09
C GLY C 124 15.80 42.65 4.17
N GLU C 125 14.78 42.38 4.96
CA GLU C 125 14.23 41.04 5.08
C GLU C 125 12.70 41.13 5.08
N PRO C 126 12.13 41.60 3.95
CA PRO C 126 10.69 41.79 3.89
C PRO C 126 9.98 40.43 3.84
N LEU C 127 8.88 40.32 4.59
CA LEU C 127 8.08 39.10 4.65
C LEU C 127 6.69 39.33 4.07
N ALA C 128 6.15 38.31 3.38
CA ALA C 128 4.76 38.32 2.94
C ALA C 128 4.04 37.09 3.46
N SER C 129 2.73 37.22 3.63
CA SER C 129 1.94 36.11 4.11
C SER C 129 0.57 36.09 3.46
N LEU C 130 0.15 34.92 3.00
CA LEU C 130 -1.21 34.73 2.54
C LEU C 130 -2.04 34.14 3.68
N MET C 131 -2.75 35.03 4.37
CA MET C 131 -3.56 34.68 5.54
C MET C 131 -4.96 34.17 5.18
N HIS C 132 -5.05 32.86 4.97
CA HIS C 132 -6.31 32.20 4.65
C HIS C 132 -6.81 31.30 5.79
N SER C 133 -5.89 30.51 6.36
CA SER C 133 -6.22 29.47 7.35
C SER C 133 -6.71 30.01 8.69
N GLU C 134 -7.63 29.28 9.31
CA GLU C 134 -8.33 29.70 10.52
C GLU C 134 -8.35 28.60 11.59
N PRO C 135 -8.56 28.98 12.89
CA PRO C 135 -8.73 28.01 14.00
C PRO C 135 -9.80 26.95 13.75
N ASN C 136 -10.91 27.35 13.13
CA ASN C 136 -12.00 26.40 12.88
C ASN C 136 -11.82 25.52 11.66
N GLY C 137 -10.76 25.75 10.89
CA GLY C 137 -10.53 24.97 9.67
C GLY C 137 -10.99 25.75 8.45
N THR C 138 -10.59 25.30 7.25
CA THR C 138 -10.95 25.99 6.00
C THR C 138 -11.35 25.05 4.87
N ALA C 139 -11.33 23.75 5.11
CA ALA C 139 -11.65 22.79 4.08
C ALA C 139 -13.06 22.97 3.47
N ASN C 140 -13.96 23.56 4.26
CA ASN C 140 -15.36 23.77 3.84
C ASN C 140 -15.72 25.24 3.70
N TRP C 141 -14.69 26.11 3.62
CA TRP C 141 -14.90 27.55 3.48
C TRP C 141 -15.80 27.97 2.29
N LEU C 142 -15.92 27.12 1.29
CA LEU C 142 -16.81 27.44 0.19
C LEU C 142 -18.11 26.61 0.18
N GLN C 143 -18.34 25.83 1.22
CA GLN C 143 -19.56 25.04 1.30
C GLN C 143 -20.80 25.93 1.44
N LYS C 144 -21.70 25.78 0.46
CA LYS C 144 -22.98 26.48 0.48
C LYS C 144 -23.83 25.88 1.62
N GLY C 145 -24.26 26.75 2.54
CA GLY C 145 -25.05 26.31 3.69
C GLY C 145 -24.21 26.39 4.95
N GLY C 146 -22.89 26.26 4.78
CA GLY C 146 -21.95 26.27 5.89
C GLY C 146 -21.74 27.66 6.45
N PRO C 147 -21.05 27.74 7.60
CA PRO C 147 -20.71 29.01 8.27
C PRO C 147 -19.70 29.90 7.50
N GLY C 148 -18.95 29.32 6.56
CA GLY C 148 -17.93 30.03 5.80
C GLY C 148 -16.83 30.59 6.67
N LEU C 149 -15.99 31.45 6.11
CA LEU C 149 -14.87 31.99 6.88
C LEU C 149 -15.38 32.74 8.11
N GLN C 150 -14.56 32.76 9.15
CA GLN C 150 -14.95 33.42 10.38
C GLN C 150 -14.19 34.71 10.60
N THR C 151 -13.19 34.96 9.76
CA THR C 151 -12.66 36.30 9.60
C THR C 151 -13.57 36.99 8.57
N THR C 152 -14.30 38.01 8.99
CA THR C 152 -15.22 38.69 8.08
C THR C 152 -14.79 40.13 7.85
N ALA C 153 -15.29 40.71 6.76
CA ALA C 153 -15.03 42.12 6.46
C ALA C 153 -16.31 42.90 6.12
N ARG C 154 -16.35 44.15 6.54
CA ARG C 154 -17.48 45.02 6.24
C ARG C 154 -16.99 46.42 5.86
N LYS C 155 -17.66 47.02 4.88
CA LYS C 155 -17.32 48.39 4.47
C LYS C 155 -18.03 49.42 5.35
N VAL C 156 -17.23 50.31 5.92
CA VAL C 156 -17.74 51.39 6.74
C VAL C 156 -17.10 52.65 6.18
N GLY C 157 -17.88 53.39 5.39
CA GLY C 157 -17.37 54.59 4.73
C GLY C 157 -16.41 54.22 3.61
N ASN C 158 -15.23 54.81 3.63
CA ASN C 158 -14.21 54.55 2.62
C ASN C 158 -13.13 53.57 3.12
N GLU C 159 -13.50 52.71 4.05
CA GLU C 159 -12.59 51.70 4.58
C GLU C 159 -13.33 50.42 4.94
N TRP C 160 -12.56 49.34 5.06
CA TRP C 160 -13.10 48.04 5.46
C TRP C 160 -12.68 47.73 6.89
N VAL C 161 -13.54 47.01 7.60
CA VAL C 161 -13.28 46.67 8.99
C VAL C 161 -13.22 45.15 9.21
N ILE C 162 -12.06 44.68 9.65
CA ILE C 162 -11.84 43.24 9.77
C ILE C 162 -12.12 42.73 11.19
N SER C 163 -12.98 41.72 11.27
CA SER C 163 -13.32 41.07 12.52
C SER C 163 -13.16 39.54 12.41
N GLY C 164 -12.17 39.00 13.11
CA GLY C 164 -12.00 37.55 13.15
C GLY C 164 -10.59 37.03 13.36
N GLU C 165 -10.44 35.72 13.24
CA GLU C 165 -9.19 35.04 13.63
C GLU C 165 -8.54 34.21 12.53
N LYS C 166 -7.22 34.38 12.39
CA LYS C 166 -6.41 33.50 11.54
C LYS C 166 -5.44 32.65 12.38
N LEU C 167 -5.09 31.47 11.84
CA LEU C 167 -4.12 30.53 12.43
C LEU C 167 -3.35 29.85 11.29
N TRP C 168 -2.03 29.68 11.46
CA TRP C 168 -1.15 28.88 10.55
C TRP C 168 -0.40 29.60 9.43
N PRO C 169 -0.89 30.77 8.95
CA PRO C 169 -0.19 31.34 7.80
C PRO C 169 1.23 31.78 8.16
N SER C 170 2.21 31.18 7.49
CA SER C 170 3.59 31.46 7.78
C SER C 170 3.97 32.89 7.47
N ASN C 171 4.84 33.46 8.30
CA ASN C 171 5.31 34.84 8.17
C ASN C 171 4.36 35.93 8.68
N SER C 172 3.08 35.60 8.93
CA SER C 172 2.00 36.59 9.08
C SER C 172 2.25 37.77 10.04
N GLY C 173 2.95 37.49 11.16
CA GLY C 173 3.19 38.51 12.17
C GLY C 173 4.54 39.18 12.00
N GLY C 174 5.24 38.85 10.91
CA GLY C 174 6.60 39.37 10.70
C GLY C 174 7.59 38.83 11.72
N TRP C 175 8.76 39.48 11.78
CA TRP C 175 9.82 39.06 12.66
C TRP C 175 9.56 39.37 14.13
N ASP C 176 8.73 40.38 14.36
CA ASP C 176 8.60 41.02 15.68
C ASP C 176 7.16 41.05 16.17
N TYR C 177 6.28 40.32 15.50
CA TYR C 177 4.84 40.32 15.80
C TYR C 177 4.12 41.67 15.58
N LYS C 178 4.77 42.56 14.84
CA LYS C 178 4.16 43.80 14.36
C LYS C 178 3.69 43.69 12.88
N GLY C 179 3.71 42.46 12.35
CA GLY C 179 3.09 42.14 11.07
C GLY C 179 4.06 41.84 9.95
N ALA C 180 3.67 40.98 9.01
CA ALA C 180 4.43 40.81 7.78
C ALA C 180 4.45 42.14 7.02
N ASP C 181 5.49 42.36 6.22
CA ASP C 181 5.56 43.57 5.40
C ASP C 181 4.38 43.65 4.46
N LEU C 182 3.89 42.50 4.02
CA LEU C 182 2.65 42.39 3.25
C LEU C 182 1.84 41.16 3.65
N ALA C 183 0.59 41.37 4.02
CA ALA C 183 -0.32 40.27 4.29
C ALA C 183 -1.55 40.41 3.40
N CYS C 184 -1.93 39.32 2.74
CA CYS C 184 -3.20 39.27 2.03
C CYS C 184 -4.17 38.50 2.88
N VAL C 185 -5.13 39.21 3.47
CA VAL C 185 -6.07 38.62 4.41
C VAL C 185 -7.37 38.24 3.71
N VAL C 186 -7.69 36.94 3.71
CA VAL C 186 -8.89 36.48 3.03
C VAL C 186 -10.07 36.51 3.97
N CYS C 187 -11.09 37.28 3.59
CA CYS C 187 -12.28 37.48 4.42
C CYS C 187 -13.52 37.08 3.68
N ARG C 188 -14.56 36.74 4.44
CA ARG C 188 -15.91 36.58 3.92
C ARG C 188 -16.65 37.88 4.22
N VAL C 189 -17.15 38.55 3.19
CA VAL C 189 -17.91 39.79 3.37
C VAL C 189 -19.18 39.59 4.22
N SER C 190 -19.35 40.42 5.24
CA SER C 190 -20.53 40.33 6.09
C SER C 190 -20.82 41.71 6.68
N ASP C 191 -21.95 42.28 6.30
CA ASP C 191 -22.39 43.58 6.84
C ASP C 191 -22.45 43.54 8.36
N ASP C 192 -23.02 42.45 8.88
CA ASP C 192 -23.16 42.20 10.31
C ASP C 192 -22.31 40.97 10.72
N PRO C 193 -21.12 41.20 11.30
CA PRO C 193 -20.24 40.07 11.65
C PRO C 193 -20.85 39.05 12.62
N SER C 194 -22.00 39.40 13.20
CA SER C 194 -22.73 38.53 14.12
C SER C 194 -23.67 37.57 13.39
N LYS C 195 -24.09 37.90 12.17
CA LYS C 195 -25.06 37.06 11.46
C LYS C 195 -24.41 35.90 10.72
N PRO C 196 -25.07 34.72 10.73
CA PRO C 196 -24.60 33.55 9.98
C PRO C 196 -24.66 33.76 8.46
N GLN C 197 -23.69 33.19 7.76
CA GLN C 197 -23.65 33.27 6.31
C GLN C 197 -24.99 32.82 5.74
N ASP C 198 -25.56 33.66 4.88
CA ASP C 198 -26.81 33.37 4.18
C ASP C 198 -26.66 32.07 3.42
N PRO C 199 -27.48 31.05 3.75
CA PRO C 199 -27.45 29.75 3.08
C PRO C 199 -27.92 29.75 1.61
N ASN C 200 -28.42 30.89 1.14
CA ASN C 200 -28.91 30.96 -0.24
C ASN C 200 -27.95 31.65 -1.20
N VAL C 201 -26.91 32.28 -0.66
CA VAL C 201 -25.84 32.81 -1.50
C VAL C 201 -24.59 31.90 -1.54
N ASP C 202 -24.11 31.65 -2.76
CA ASP C 202 -22.86 30.96 -3.02
C ASP C 202 -21.72 31.66 -2.29
N PRO C 203 -21.05 30.94 -1.35
CA PRO C 203 -19.96 31.52 -0.55
C PRO C 203 -18.87 32.19 -1.38
N ALA C 204 -18.52 31.60 -2.54
CA ALA C 204 -17.49 32.17 -3.43
C ALA C 204 -17.77 33.61 -3.82
N THR C 205 -19.06 33.96 -3.95
CA THR C 205 -19.48 35.32 -4.28
C THR C 205 -19.23 36.32 -3.15
N GLN C 206 -18.83 35.85 -1.96
CA GLN C 206 -18.63 36.77 -0.83
C GLN C 206 -17.17 36.94 -0.38
N ILE C 207 -16.23 36.41 -1.15
CA ILE C 207 -14.79 36.50 -0.77
C ILE C 207 -14.18 37.85 -1.09
N ALA C 208 -13.51 38.45 -0.11
CA ALA C 208 -12.68 39.65 -0.28
C ALA C 208 -11.24 39.37 0.14
N VAL C 209 -10.27 40.03 -0.50
CA VAL C 209 -8.88 39.99 -0.04
C VAL C 209 -8.41 41.40 0.29
N LEU C 210 -8.04 41.61 1.54
CA LEU C 210 -7.59 42.92 1.96
C LEU C 210 -6.10 42.85 2.27
N LEU C 211 -5.38 43.82 1.73
CA LEU C 211 -3.95 43.90 1.91
C LEU C 211 -3.67 44.64 3.19
N VAL C 212 -2.78 44.08 4.01
CA VAL C 212 -2.43 44.63 5.32
C VAL C 212 -0.90 44.69 5.43
N THR C 213 -0.37 45.88 5.71
CA THR C 213 1.06 46.05 5.83
C THR C 213 1.35 46.44 7.27
N ARG C 214 2.63 46.65 7.59
CA ARG C 214 3.01 47.06 8.93
C ARG C 214 2.42 48.43 9.28
N GLU C 215 2.30 49.30 8.25
CA GLU C 215 1.63 50.59 8.39
C GLU C 215 0.14 50.45 8.71
N THR C 216 -0.56 49.58 8.00
CA THR C 216 -1.98 49.36 8.29
C THR C 216 -2.18 49.02 9.78
N ILE C 217 -1.24 48.27 10.34
CA ILE C 217 -1.29 47.84 11.75
C ILE C 217 -0.92 48.98 12.70
N ALA C 218 0.17 49.69 12.37
CA ALA C 218 0.57 50.88 13.12
C ALA C 218 -0.54 51.94 13.19
N ASN C 219 -1.34 52.05 12.13
CA ASN C 219 -2.48 52.99 12.06
C ASN C 219 -3.72 52.53 12.79
N ASN C 220 -3.70 51.30 13.29
CA ASN C 220 -4.76 50.80 14.14
C ASN C 220 -4.38 50.83 15.63
N LYS C 221 -5.39 50.72 16.50
CA LYS C 221 -5.19 50.55 17.94
C LYS C 221 -4.39 49.27 18.20
N LYS C 222 -3.57 49.28 19.27
CA LYS C 222 -2.79 48.10 19.68
C LYS C 222 -3.64 46.82 19.70
N ASP C 223 -4.84 46.91 20.26
CA ASP C 223 -5.69 45.75 20.47
C ASP C 223 -6.52 45.33 19.25
N ALA C 224 -6.39 46.04 18.13
CA ALA C 224 -7.10 45.69 16.91
C ALA C 224 -6.45 44.46 16.23
N TYR C 225 -5.17 44.29 16.50
CA TYR C 225 -4.34 43.22 15.93
C TYR C 225 -3.58 42.55 17.06
N GLN C 226 -4.02 41.35 17.44
CA GLN C 226 -3.47 40.60 18.56
C GLN C 226 -2.90 39.25 18.11
N ILE C 227 -1.65 38.97 18.49
CA ILE C 227 -1.10 37.62 18.36
C ILE C 227 -1.42 36.79 19.60
N LEU C 228 -2.34 35.84 19.47
CA LEU C 228 -2.80 35.03 20.60
C LEU C 228 -1.90 33.83 20.94
N GLY C 229 -1.06 33.42 20.00
CA GLY C 229 -0.14 32.29 20.23
C GLY C 229 0.63 31.84 19.00
N GLU C 230 1.61 30.96 19.21
CA GLU C 230 2.51 30.46 18.19
C GLU C 230 2.58 28.95 18.34
N PRO C 231 1.95 28.21 17.39
CA PRO C 231 1.98 26.73 17.44
C PRO C 231 3.38 26.15 17.58
N GLU C 232 3.51 25.08 18.38
CA GLU C 232 4.77 24.35 18.48
C GLU C 232 4.62 23.14 17.57
N LEU C 233 5.33 23.18 16.45
CA LEU C 233 5.13 22.22 15.35
C LEU C 233 6.05 21.00 15.46
N ALA C 234 5.58 19.85 14.96
CA ALA C 234 6.41 18.64 14.87
C ALA C 234 7.72 18.85 14.10
N GLY C 235 7.61 19.40 12.89
CA GLY C 235 8.77 19.70 12.07
C GLY C 235 8.62 21.12 11.53
N HIS C 236 9.64 21.61 10.82
CA HIS C 236 9.64 22.99 10.40
C HIS C 236 9.52 23.87 11.65
N ILE C 237 10.37 23.58 12.64
CA ILE C 237 10.30 24.17 13.98
C ILE C 237 10.79 25.61 14.03
N THR C 238 11.30 26.11 12.90
CA THR C 238 11.81 27.48 12.82
C THR C 238 10.89 28.42 12.02
N THR C 239 9.70 27.95 11.65
CA THR C 239 8.77 28.82 10.95
C THR C 239 7.82 29.47 11.95
N SER C 240 7.31 30.64 11.60
CA SER C 240 6.30 31.30 12.43
C SER C 240 5.02 31.34 11.63
N GLY C 241 3.92 30.90 12.23
CA GLY C 241 2.63 30.95 11.56
C GLY C 241 1.58 31.10 12.65
N PRO C 242 1.53 32.29 13.26
CA PRO C 242 0.85 32.47 14.56
C PRO C 242 -0.66 32.43 14.51
N HIS C 243 -1.25 32.54 15.68
CA HIS C 243 -2.68 32.70 15.84
C HIS C 243 -2.96 34.18 16.03
N THR C 244 -3.69 34.77 15.08
CA THR C 244 -3.94 36.21 15.04
C THR C 244 -5.43 36.52 15.18
N ARG C 245 -5.73 37.51 16.01
CA ARG C 245 -7.08 38.06 16.12
C ARG C 245 -7.16 39.48 15.57
N PHE C 246 -8.13 39.68 14.70
CA PHE C 246 -8.48 41.00 14.19
C PHE C 246 -9.72 41.44 14.94
N THR C 247 -9.60 42.53 15.69
CA THR C 247 -10.77 43.09 16.34
C THR C 247 -11.00 44.54 15.88
N GLU C 248 -12.06 44.72 15.09
CA GLU C 248 -12.39 46.01 14.47
C GLU C 248 -11.19 46.61 13.75
N PHE C 249 -10.58 45.83 12.86
CA PHE C 249 -9.32 46.24 12.24
C PHE C 249 -9.58 46.99 10.94
N HIS C 250 -9.09 48.24 10.91
CA HIS C 250 -9.44 49.18 9.85
C HIS C 250 -8.45 49.16 8.68
N VAL C 251 -8.99 48.94 7.48
CA VAL C 251 -8.18 48.87 6.25
C VAL C 251 -8.75 49.81 5.15
N PRO C 252 -7.93 50.75 4.64
CA PRO C 252 -8.36 51.63 3.54
C PRO C 252 -8.93 50.83 2.37
N HIS C 253 -9.98 51.35 1.74
CA HIS C 253 -10.62 50.70 0.60
C HIS C 253 -9.63 50.47 -0.56
N GLU C 254 -8.59 51.28 -0.62
CA GLU C 254 -7.58 51.15 -1.65
C GLU C 254 -6.64 49.95 -1.45
N ASN C 255 -6.75 49.30 -0.28
CA ASN C 255 -5.99 48.07 -0.01
C ASN C 255 -6.84 46.83 -0.33
N LEU C 256 -8.05 47.07 -0.84
CA LEU C 256 -8.84 45.97 -1.35
C LEU C 256 -8.18 45.51 -2.65
N LEU C 257 -7.80 44.23 -2.69
CA LEU C 257 -7.04 43.67 -3.80
C LEU C 257 -7.82 43.71 -5.12
N CYS C 258 -9.09 43.37 -5.05
CA CYS C 258 -9.94 43.41 -6.23
C CYS C 258 -11.39 43.45 -5.78
N THR C 259 -12.31 43.38 -6.75
CA THR C 259 -13.75 43.32 -6.48
C THR C 259 -14.09 42.02 -5.75
N PRO C 260 -14.75 42.13 -4.58
CA PRO C 260 -15.27 40.98 -3.84
C PRO C 260 -16.10 40.06 -4.71
N GLY C 261 -16.00 38.76 -4.45
CA GLY C 261 -16.72 37.78 -5.23
C GLY C 261 -15.79 36.80 -5.91
N LEU C 262 -16.31 36.16 -6.94
CA LEU C 262 -15.63 35.13 -7.70
C LEU C 262 -14.21 35.53 -8.13
N LYS C 263 -14.00 36.80 -8.40
CA LYS C 263 -12.69 37.28 -8.79
C LYS C 263 -11.67 37.15 -7.67
N ALA C 264 -12.03 37.61 -6.46
CA ALA C 264 -11.19 37.45 -5.27
C ALA C 264 -10.95 35.98 -4.93
N GLN C 265 -12.00 35.16 -4.94
CA GLN C 265 -11.88 33.72 -4.72
C GLN C 265 -10.93 33.12 -5.78
N GLY C 266 -11.04 33.61 -7.01
CA GLY C 266 -10.26 33.13 -8.14
C GLY C 266 -8.78 33.40 -7.96
N LEU C 267 -8.45 34.55 -7.38
CA LEU C 267 -7.06 34.88 -7.05
C LEU C 267 -6.51 33.93 -5.97
N VAL C 268 -7.31 33.70 -4.93
CA VAL C 268 -6.93 32.76 -3.87
C VAL C 268 -6.71 31.36 -4.45
N GLU C 269 -7.71 30.88 -5.17
CA GLU C 269 -7.65 29.56 -5.76
C GLU C 269 -6.43 29.36 -6.65
N THR C 270 -6.08 30.40 -7.42
CA THR C 270 -4.94 30.37 -8.35
C THR C 270 -3.62 30.38 -7.58
N ALA C 271 -3.49 31.28 -6.62
CA ALA C 271 -2.33 31.31 -5.74
C ALA C 271 -2.06 29.91 -5.12
N PHE C 272 -3.11 29.33 -4.54
CA PHE C 272 -3.00 28.03 -3.88
C PHE C 272 -2.82 26.84 -4.83
N ALA C 273 -3.27 26.97 -6.08
CA ALA C 273 -3.08 25.87 -7.05
C ALA C 273 -1.63 25.87 -7.51
N MET C 274 -1.05 27.05 -7.57
CA MET C 274 0.36 27.18 -7.92
C MET C 274 1.24 26.61 -6.81
N ALA C 275 0.93 26.94 -5.56
CA ALA C 275 1.57 26.36 -4.39
C ALA C 275 1.40 24.83 -4.41
N ALA C 276 0.21 24.37 -4.78
CA ALA C 276 -0.09 22.97 -4.88
C ALA C 276 0.95 22.22 -5.76
N ALA C 277 1.29 22.77 -6.91
CA ALA C 277 2.26 22.12 -7.80
C ALA C 277 3.72 22.29 -7.30
N LEU C 278 4.02 23.45 -6.71
CA LEU C 278 5.38 23.74 -6.28
C LEU C 278 5.83 22.98 -5.02
N VAL C 279 4.93 22.85 -4.07
CA VAL C 279 5.04 22.03 -2.88
C VAL C 279 5.63 20.60 -3.12
N GLY C 280 5.27 20.00 -4.26
CA GLY C 280 5.92 18.75 -4.67
C GLY C 280 7.43 18.83 -4.68
N ALA C 281 7.97 19.98 -5.05
CA ALA C 281 9.44 20.14 -5.11
C ALA C 281 10.08 20.12 -3.71
N MET C 282 9.36 20.69 -2.74
CA MET C 282 9.76 20.74 -1.34
C MET C 282 9.73 19.32 -0.76
N ALA C 283 8.61 18.63 -0.99
CA ALA C 283 8.47 17.23 -0.60
C ALA C 283 9.60 16.38 -1.19
N ILE C 284 9.86 16.55 -2.49
CA ILE C 284 10.97 15.88 -3.16
C ILE C 284 12.33 16.21 -2.51
N GLY C 285 12.57 17.47 -2.14
CA GLY C 285 13.84 17.85 -1.49
C GLY C 285 14.06 17.04 -0.21
N THR C 286 13.06 17.00 0.65
CA THR C 286 13.09 16.29 1.92
C THR C 286 13.26 14.79 1.72
N ALA C 287 12.43 14.22 0.84
CA ALA C 287 12.45 12.79 0.56
C ALA C 287 13.78 12.37 -0.10
N ARG C 288 14.32 13.25 -0.93
CA ARG C 288 15.63 13.05 -1.57
C ARG C 288 16.80 13.01 -0.56
N ALA C 289 16.75 13.90 0.42
CA ALA C 289 17.74 13.93 1.50
C ALA C 289 17.72 12.59 2.23
N ALA C 290 16.51 12.10 2.53
CA ALA C 290 16.36 10.81 3.18
C ALA C 290 16.93 9.67 2.33
N PHE C 291 16.54 9.64 1.05
CA PHE C 291 17.00 8.60 0.11
C PHE C 291 18.53 8.62 -0.08
N GLU C 292 19.11 9.80 -0.22
CA GLU C 292 20.55 9.89 -0.46
C GLU C 292 21.35 9.50 0.77
N GLU C 293 20.84 9.87 1.95
CA GLU C 293 21.50 9.49 3.19
C GLU C 293 21.46 7.95 3.37
N ALA C 294 20.30 7.33 3.11
CA ALA C 294 20.18 5.86 3.20
C ALA C 294 20.97 5.10 2.10
N LEU C 295 21.04 5.67 0.89
CA LEU C 295 21.81 5.09 -0.21
C LEU C 295 23.31 5.07 0.13
N VAL C 296 23.85 6.20 0.55
CA VAL C 296 25.27 6.33 0.90
C VAL C 296 25.58 5.33 2.02
N PHE C 297 24.74 5.30 3.04
CA PHE C 297 24.84 4.34 4.11
C PHE C 297 24.85 2.88 3.62
N ALA C 298 23.96 2.55 2.71
CA ALA C 298 23.80 1.15 2.33
C ALA C 298 24.95 0.72 1.43
N LYS C 299 25.61 1.69 0.82
CA LYS C 299 26.69 1.39 -0.11
C LYS C 299 28.02 1.35 0.62
N SER C 300 28.03 1.82 1.86
CA SER C 300 29.27 1.83 2.61
C SER C 300 29.23 1.07 3.93
N ASP C 301 28.09 0.48 4.29
CA ASP C 301 27.99 -0.20 5.59
C ASP C 301 27.47 -1.63 5.49
N THR C 302 28.14 -2.54 6.20
CA THR C 302 27.85 -3.98 6.13
C THR C 302 26.99 -4.43 7.29
N ARG C 303 26.76 -3.55 8.25
CA ARG C 303 26.00 -3.90 9.46
C ARG C 303 26.48 -5.20 10.14
N GLY C 304 27.81 -5.36 10.23
CA GLY C 304 28.43 -6.48 10.93
C GLY C 304 28.42 -7.74 10.08
N GLY C 305 28.25 -7.57 8.77
CA GLY C 305 28.18 -8.69 7.87
C GLY C 305 29.36 -8.68 6.93
N SER C 306 29.27 -9.48 5.86
CA SER C 306 30.36 -9.59 4.90
C SER C 306 30.16 -8.65 3.71
N LYS C 307 28.95 -8.14 3.52
CA LYS C 307 28.74 -7.28 2.36
C LYS C 307 27.99 -6.01 2.70
N HIS C 308 28.18 -4.97 1.88
CA HIS C 308 27.38 -3.75 1.97
C HIS C 308 25.90 -4.14 1.89
N ILE C 309 25.10 -3.51 2.76
CA ILE C 309 23.71 -3.93 2.95
C ILE C 309 22.85 -3.74 1.70
N ILE C 310 23.28 -2.89 0.78
CA ILE C 310 22.59 -2.71 -0.50
C ILE C 310 22.56 -4.02 -1.31
N GLU C 311 23.44 -4.95 -0.98
CA GLU C 311 23.49 -6.22 -1.68
C GLU C 311 22.38 -7.15 -1.18
N HIS C 312 21.65 -6.75 -0.14
CA HIS C 312 20.52 -7.55 0.35
C HIS C 312 19.26 -7.10 -0.36
N GLN C 313 18.60 -8.04 -1.04
CA GLN C 313 17.40 -7.71 -1.85
C GLN C 313 16.35 -6.86 -1.10
N SER C 314 16.11 -7.16 0.18
CA SER C 314 15.07 -6.41 0.93
C SER C 314 15.46 -4.94 1.13
N VAL C 315 16.76 -4.67 1.32
CA VAL C 315 17.30 -3.30 1.44
C VAL C 315 17.20 -2.59 0.11
N ALA C 316 17.72 -3.24 -0.94
CA ALA C 316 17.66 -2.72 -2.28
C ALA C 316 16.23 -2.40 -2.72
N ASP C 317 15.28 -3.26 -2.39
CA ASP C 317 13.86 -3.04 -2.69
C ASP C 317 13.30 -1.73 -2.15
N LYS C 318 13.63 -1.39 -0.89
CA LYS C 318 13.27 -0.11 -0.28
C LYS C 318 13.83 1.07 -1.06
N LEU C 319 15.12 1.00 -1.40
CA LEU C 319 15.78 2.10 -2.07
C LEU C 319 15.27 2.25 -3.49
N ILE C 320 14.96 1.12 -4.15
CA ILE C 320 14.30 1.13 -5.44
C ILE C 320 12.95 1.86 -5.35
N ASP C 321 12.14 1.48 -4.36
CA ASP C 321 10.86 2.14 -4.11
C ASP C 321 11.02 3.64 -3.86
N CYS C 322 11.99 4.00 -3.02
CA CYS C 322 12.32 5.43 -2.77
C CYS C 322 12.62 6.16 -4.08
N LYS C 323 13.56 5.60 -4.84
CA LYS C 323 14.00 6.17 -6.10
C LYS C 323 12.83 6.39 -7.08
N ILE C 324 12.00 5.37 -7.25
CA ILE C 324 10.84 5.46 -8.11
C ILE C 324 9.89 6.57 -7.68
N ARG C 325 9.62 6.65 -6.38
CA ARG C 325 8.79 7.72 -5.84
C ARG C 325 9.33 9.10 -6.15
N LEU C 326 10.64 9.28 -5.98
CA LEU C 326 11.29 10.56 -6.24
C LEU C 326 11.23 10.93 -7.73
N GLU C 327 11.51 9.96 -8.60
CA GLU C 327 11.57 10.19 -10.02
C GLU C 327 10.19 10.52 -10.62
N THR C 328 9.18 9.71 -10.29
CA THR C 328 7.80 10.03 -10.68
C THR C 328 7.36 11.39 -10.14
N SER C 329 7.72 11.70 -8.89
CA SER C 329 7.31 12.95 -8.28
C SER C 329 7.85 14.16 -9.03
N ARG C 330 9.15 14.10 -9.37
CA ARG C 330 9.77 15.26 -10.01
C ARG C 330 9.19 15.48 -11.40
N LEU C 331 8.98 14.39 -12.13
CA LEU C 331 8.36 14.46 -13.48
C LEU C 331 6.98 15.09 -13.41
N LEU C 332 6.23 14.71 -12.39
CA LEU C 332 4.87 15.23 -12.18
C LEU C 332 4.91 16.71 -11.79
N VAL C 333 5.84 17.09 -10.94
CA VAL C 333 6.00 18.52 -10.66
C VAL C 333 6.35 19.35 -11.93
N TRP C 334 7.31 18.88 -12.73
CA TRP C 334 7.69 19.64 -13.93
C TRP C 334 6.53 19.64 -14.92
N LYS C 335 5.82 18.52 -15.01
CA LYS C 335 4.59 18.47 -15.81
C LYS C 335 3.52 19.47 -15.34
N ALA C 336 3.32 19.53 -14.02
CA ALA C 336 2.36 20.47 -13.44
C ALA C 336 2.67 21.96 -13.67
N VAL C 337 3.90 22.40 -13.34
CA VAL C 337 4.23 23.84 -13.39
C VAL C 337 4.22 24.32 -14.86
N THR C 338 4.66 23.42 -15.73
CA THR C 338 4.59 23.51 -17.18
C THR C 338 3.12 23.60 -17.70
N THR C 339 2.27 22.70 -17.23
CA THR C 339 0.83 22.78 -17.47
C THR C 339 0.27 24.15 -17.06
N LEU C 340 0.66 24.65 -15.89
CA LEU C 340 0.18 25.94 -15.37
C LEU C 340 0.66 27.16 -16.16
N GLU C 341 1.78 27.01 -16.86
CA GLU C 341 2.32 28.11 -17.68
C GLU C 341 1.76 28.09 -19.11
N ASP C 342 0.91 27.10 -19.39
CA ASP C 342 0.36 26.96 -20.73
C ASP C 342 -0.91 27.79 -20.88
N GLU C 343 -0.80 28.88 -21.63
CA GLU C 343 -1.92 29.83 -21.85
C GLU C 343 -3.07 29.25 -22.66
N ALA C 344 -2.79 28.24 -23.47
CA ALA C 344 -3.78 27.53 -24.28
C ALA C 344 -4.70 26.58 -23.50
N LEU C 345 -4.38 26.27 -22.23
CA LEU C 345 -5.16 25.31 -21.46
C LEU C 345 -6.13 26.03 -20.55
N GLU C 346 -7.34 25.49 -20.44
CA GLU C 346 -8.36 26.07 -19.57
C GLU C 346 -7.97 25.85 -18.11
N TRP C 347 -8.54 26.64 -17.21
CA TRP C 347 -8.19 26.60 -15.81
C TRP C 347 -8.39 25.24 -15.16
N LYS C 348 -9.52 24.59 -15.43
CA LYS C 348 -9.86 23.30 -14.82
C LYS C 348 -8.85 22.19 -15.09
N VAL C 349 -8.21 22.25 -16.26
CA VAL C 349 -7.20 21.26 -16.65
C VAL C 349 -5.93 21.44 -15.80
N LYS C 350 -5.50 22.69 -15.69
CA LYS C 350 -4.41 23.12 -14.81
C LYS C 350 -4.65 22.78 -13.35
N LEU C 351 -5.85 23.11 -12.87
CA LEU C 351 -6.22 22.88 -11.46
C LEU C 351 -6.15 21.40 -11.18
N GLU C 352 -6.76 20.59 -12.05
CA GLU C 352 -6.70 19.15 -11.91
C GLU C 352 -5.25 18.63 -11.86
N MET C 353 -4.40 19.14 -12.76
CA MET C 353 -3.00 18.75 -12.77
C MET C 353 -2.32 19.12 -11.44
N ALA C 354 -2.61 20.32 -10.95
CA ALA C 354 -1.97 20.81 -9.75
C ALA C 354 -2.37 19.96 -8.53
N MET C 355 -3.65 19.59 -8.44
CA MET C 355 -4.20 18.79 -7.36
C MET C 355 -3.58 17.41 -7.29
N GLN C 356 -3.55 16.72 -8.43
CA GLN C 356 -2.86 15.43 -8.58
C GLN C 356 -1.44 15.46 -8.04
N THR C 357 -0.73 16.52 -8.42
CA THR C 357 0.66 16.73 -8.06
C THR C 357 0.88 16.88 -6.54
N LYS C 358 0.11 17.77 -5.92
CA LYS C 358 0.20 17.97 -4.48
C LYS C 358 -0.09 16.65 -3.77
N ILE C 359 -1.17 15.97 -4.15
CA ILE C 359 -1.57 14.70 -3.53
C ILE C 359 -0.51 13.60 -3.65
N TYR C 360 -0.15 13.22 -4.87
CA TYR C 360 0.85 12.17 -5.06
C TYR C 360 2.18 12.48 -4.38
N THR C 361 2.77 13.62 -4.71
CA THR C 361 4.11 13.92 -4.24
C THR C 361 4.22 13.99 -2.71
N THR C 362 3.20 14.56 -2.06
CA THR C 362 3.25 14.68 -0.60
C THR C 362 3.01 13.35 0.12
N ASP C 363 2.06 12.55 -0.34
CA ASP C 363 1.81 11.25 0.24
C ASP C 363 3.02 10.34 0.10
N VAL C 364 3.59 10.38 -1.11
CA VAL C 364 4.68 9.49 -1.50
C VAL C 364 6.01 9.89 -0.82
N ALA C 365 6.24 11.19 -0.59
CA ALA C 365 7.44 11.64 0.13
C ALA C 365 7.53 11.05 1.54
N VAL C 366 6.38 10.88 2.18
CA VAL C 366 6.33 10.31 3.50
C VAL C 366 6.82 8.87 3.51
N GLU C 367 6.26 8.04 2.61
CA GLU C 367 6.64 6.63 2.43
C GLU C 367 8.14 6.52 2.14
N CYS C 368 8.60 7.39 1.25
CA CYS C 368 10.00 7.45 0.86
C CYS C 368 10.91 7.63 2.09
N VAL C 369 10.59 8.60 2.96
CA VAL C 369 11.41 8.85 4.15
C VAL C 369 11.37 7.66 5.13
N ILE C 370 10.19 7.07 5.30
CA ILE C 370 10.03 5.92 6.21
C ILE C 370 10.70 4.62 5.69
N ASP C 371 10.64 4.41 4.37
CA ASP C 371 11.34 3.30 3.74
C ASP C 371 12.86 3.49 3.83
N ALA C 372 13.33 4.71 3.63
CA ALA C 372 14.76 5.02 3.86
C ALA C 372 15.27 4.66 5.28
N MET C 373 14.49 5.05 6.31
CA MET C 373 14.76 4.69 7.70
C MET C 373 14.80 3.20 7.98
N LYS C 374 13.82 2.48 7.42
CA LYS C 374 13.71 1.04 7.57
C LYS C 374 14.91 0.35 6.93
N ALA C 375 15.38 0.90 5.80
CA ALA C 375 16.59 0.44 5.09
C ALA C 375 17.83 0.58 5.99
N VAL C 376 17.96 1.75 6.64
CA VAL C 376 19.11 2.06 7.49
C VAL C 376 19.01 1.26 8.79
N GLY C 377 17.77 1.07 9.26
CA GLY C 377 17.51 0.39 10.50
C GLY C 377 17.64 1.29 11.70
N MET C 378 18.09 0.73 12.82
CA MET C 378 18.08 1.40 14.11
C MET C 378 18.82 2.75 14.12
N LYS C 379 19.97 2.80 13.45
CA LYS C 379 20.78 4.01 13.41
C LYS C 379 19.97 5.24 12.92
N SER C 380 18.96 5.01 12.08
CA SER C 380 18.16 6.13 11.52
C SER C 380 17.32 6.83 12.59
N TYR C 381 17.20 6.24 13.77
CA TYR C 381 16.28 6.74 14.79
C TYR C 381 16.93 7.76 15.72
N ALA C 382 18.24 7.98 15.51
CA ALA C 382 19.00 8.89 16.37
C ALA C 382 19.46 10.13 15.62
N LYS C 383 19.64 11.23 16.36
CA LYS C 383 19.81 12.56 15.74
C LYS C 383 21.23 12.87 15.30
N ASP C 384 22.14 11.91 15.41
CA ASP C 384 23.37 12.01 14.66
C ASP C 384 23.15 11.67 13.18
N MET C 385 21.97 11.16 12.82
CA MET C 385 21.56 11.08 11.41
C MET C 385 20.45 12.10 11.12
N SER C 386 20.19 12.34 9.83
CA SER C 386 19.19 13.33 9.38
C SER C 386 17.75 12.91 9.61
N PHE C 387 17.52 11.61 9.68
CA PHE C 387 16.16 11.03 9.59
C PHE C 387 15.13 11.51 10.61
N PRO C 388 15.51 11.66 11.90
CA PRO C 388 14.50 12.17 12.86
C PRO C 388 13.90 13.51 12.44
N ARG C 389 14.76 14.45 12.03
CA ARG C 389 14.33 15.72 11.47
C ARG C 389 13.46 15.53 10.20
N LEU C 390 13.93 14.70 9.25
CA LEU C 390 13.22 14.46 7.98
C LEU C 390 11.84 13.86 8.17
N LEU C 391 11.72 12.95 9.14
CA LEU C 391 10.43 12.30 9.47
C LEU C 391 9.37 13.32 9.84
N ASN C 392 9.74 14.24 10.73
CA ASN C 392 8.85 15.24 11.21
C ASN C 392 8.56 16.27 10.10
N GLU C 393 9.61 16.70 9.40
CA GLU C 393 9.45 17.65 8.26
C GLU C 393 8.57 17.14 7.11
N VAL C 394 8.73 15.86 6.74
CA VAL C 394 7.95 15.28 5.64
C VAL C 394 6.42 15.14 5.91
N MET C 395 6.03 14.96 7.18
CA MET C 395 4.60 14.82 7.54
C MET C 395 3.83 16.14 7.45
N CYS C 396 4.56 17.23 7.32
CA CYS C 396 3.93 18.51 7.08
C CYS C 396 3.22 18.52 5.74
N TYR C 397 3.83 17.92 4.72
CA TYR C 397 3.47 18.19 3.32
C TYR C 397 2.07 17.66 2.88
N PRO C 398 1.68 16.43 3.28
CA PRO C 398 0.29 16.07 2.98
C PRO C 398 -0.81 16.83 3.76
N LEU C 399 -0.42 17.51 4.84
CA LEU C 399 -1.40 18.16 5.71
C LEU C 399 -1.52 19.66 5.43
N PHE C 400 -0.40 20.28 5.07
CA PHE C 400 -0.33 21.72 4.87
C PHE C 400 -0.68 22.07 3.41
N ASP C 401 -0.62 23.35 3.06
CA ASP C 401 -0.95 23.82 1.70
C ASP C 401 -2.26 23.22 1.18
N GLY C 402 -3.28 23.16 2.05
CA GLY C 402 -4.52 22.46 1.73
C GLY C 402 -4.29 20.97 1.82
N GLY C 403 -4.76 20.35 2.91
CA GLY C 403 -4.52 18.93 3.15
C GLY C 403 -5.11 18.12 2.03
N ASN C 404 -4.54 16.95 1.74
CA ASN C 404 -5.01 16.11 0.66
C ASN C 404 -6.43 15.53 0.88
N ILE C 405 -6.80 15.26 2.13
CA ILE C 405 -8.04 14.54 2.39
C ILE C 405 -9.24 15.48 2.26
N GLY C 406 -9.16 16.63 2.91
CA GLY C 406 -10.26 17.56 2.96
C GLY C 406 -10.35 18.56 1.81
N LEU C 407 -9.19 19.01 1.32
CA LEU C 407 -9.14 20.05 0.30
C LEU C 407 -8.76 19.55 -1.10
N ARG C 408 -7.52 19.08 -1.29
CA ARG C 408 -7.03 18.81 -2.65
C ARG C 408 -7.79 17.68 -3.36
N ARG C 409 -8.14 16.62 -2.62
CA ARG C 409 -8.94 15.56 -3.24
C ARG C 409 -10.36 16.02 -3.64
N ARG C 410 -10.98 16.90 -2.84
CA ARG C 410 -12.30 17.41 -3.16
C ARG C 410 -12.26 18.47 -4.24
N GLN C 411 -11.18 19.25 -4.29
CA GLN C 411 -10.97 20.16 -5.44
C GLN C 411 -10.83 19.34 -6.72
N MET C 412 -10.07 18.25 -6.64
CA MET C 412 -9.88 17.42 -7.81
C MET C 412 -11.16 16.68 -8.22
N GLN C 413 -11.82 16.04 -7.25
CA GLN C 413 -13.08 15.35 -7.44
C GLN C 413 -14.10 16.25 -8.16
N ARG C 414 -14.22 17.49 -7.70
CA ARG C 414 -15.16 18.44 -8.27
C ARG C 414 -14.92 18.66 -9.77
N VAL C 415 -13.66 18.81 -10.17
CA VAL C 415 -13.28 18.93 -11.58
C VAL C 415 -13.67 17.68 -12.40
N MET C 416 -13.43 16.49 -11.84
CA MET C 416 -13.63 15.23 -12.56
C MET C 416 -15.11 14.93 -12.77
N ALA C 417 -15.95 15.47 -11.89
CA ALA C 417 -17.38 15.27 -11.93
C ALA C 417 -18.07 16.19 -12.94
N LEU C 418 -17.41 17.29 -13.34
CA LEU C 418 -17.95 18.20 -14.35
C LEU C 418 -18.20 17.46 -15.66
N GLU C 419 -19.27 17.83 -16.36
CA GLU C 419 -19.64 17.15 -17.62
C GLU C 419 -18.60 17.29 -18.73
N ASP C 420 -17.90 18.42 -18.76
CA ASP C 420 -16.90 18.69 -19.79
C ASP C 420 -15.46 18.27 -19.42
N TYR C 421 -15.28 17.66 -18.26
CA TYR C 421 -14.01 17.06 -17.85
C TYR C 421 -13.30 16.29 -18.96
N GLU C 422 -12.10 16.72 -19.29
CA GLU C 422 -11.26 16.03 -20.27
C GLU C 422 -10.01 15.55 -19.54
N PRO C 423 -9.96 14.26 -19.16
CA PRO C 423 -8.87 13.72 -18.32
C PRO C 423 -7.47 14.02 -18.84
N TRP C 424 -7.28 13.90 -20.16
CA TRP C 424 -5.96 14.00 -20.79
C TRP C 424 -5.70 15.29 -21.56
N ALA C 425 -6.45 16.34 -21.28
CA ALA C 425 -6.29 17.60 -21.99
C ALA C 425 -4.87 18.19 -21.85
N ALA C 426 -4.24 18.04 -20.68
CA ALA C 426 -2.90 18.57 -20.44
C ALA C 426 -1.84 17.81 -21.23
N THR C 427 -2.19 16.62 -21.70
CA THR C 427 -1.24 15.77 -22.41
C THR C 427 -1.46 15.78 -23.91
N TYR C 428 -2.70 15.52 -24.31
CA TYR C 428 -3.01 15.26 -25.70
C TYR C 428 -3.75 16.41 -26.36
N GLY C 429 -3.81 17.55 -25.68
CA GLY C 429 -4.52 18.73 -26.16
C GLY C 429 -6.01 18.57 -25.98
N SER C 430 -6.74 19.68 -26.03
CA SER C 430 -8.20 19.69 -25.81
C SER C 430 -8.98 19.32 -27.08
N VAL D 1 -12.71 -22.46 20.73
CA VAL D 1 -11.94 -21.18 20.72
C VAL D 1 -12.77 -20.11 21.41
N ASP D 2 -12.07 -19.17 22.03
CA ASP D 2 -12.70 -18.33 23.02
C ASP D 2 -11.89 -17.04 23.13
N PHE D 3 -12.57 -15.91 23.09
CA PHE D 3 -11.92 -14.61 23.20
C PHE D 3 -12.26 -13.87 24.50
N LYS D 4 -13.07 -14.50 25.34
CA LYS D 4 -13.53 -13.84 26.57
C LYS D 4 -12.41 -13.61 27.57
N LEU D 5 -12.50 -12.49 28.28
CA LEU D 5 -11.50 -12.19 29.28
C LEU D 5 -12.00 -12.57 30.67
N SER D 6 -11.07 -12.99 31.51
CA SER D 6 -11.37 -13.43 32.85
C SER D 6 -11.44 -12.20 33.74
N PRO D 7 -12.11 -12.29 34.91
CA PRO D 7 -12.09 -11.16 35.85
C PRO D 7 -10.68 -10.68 36.21
N SER D 8 -9.68 -11.55 36.15
CA SER D 8 -8.33 -11.13 36.50
C SER D 8 -7.62 -10.40 35.33
N GLN D 9 -7.96 -10.79 34.11
CA GLN D 9 -7.50 -10.09 32.91
C GLN D 9 -8.12 -8.71 32.87
N LEU D 10 -9.41 -8.62 33.19
CA LEU D 10 -10.08 -7.34 33.31
C LEU D 10 -9.49 -6.48 34.43
N GLU D 11 -9.15 -7.12 35.56
CA GLU D 11 -8.53 -6.39 36.65
C GLU D 11 -7.15 -5.84 36.28
N ALA D 12 -6.38 -6.61 35.52
CA ALA D 12 -5.06 -6.15 35.08
C ALA D 12 -5.19 -4.90 34.24
N ARG D 13 -6.21 -4.87 33.39
CA ARG D 13 -6.49 -3.72 32.53
C ARG D 13 -6.80 -2.47 33.37
N ARG D 14 -7.74 -2.63 34.31
CA ARG D 14 -8.17 -1.56 35.20
C ARG D 14 -6.97 -1.04 35.98
N HIS D 15 -6.25 -1.98 36.61
CA HIS D 15 -5.02 -1.65 37.34
C HIS D 15 -4.04 -0.87 36.48
N ALA D 16 -3.78 -1.36 35.26
CA ALA D 16 -2.85 -0.66 34.35
C ALA D 16 -3.33 0.75 33.91
N GLN D 17 -4.59 0.87 33.49
CA GLN D 17 -5.16 2.19 33.12
C GLN D 17 -5.03 3.21 34.26
N ALA D 18 -5.43 2.79 35.46
CA ALA D 18 -5.37 3.65 36.66
C ALA D 18 -3.96 4.11 36.96
N PHE D 19 -3.00 3.19 36.85
CA PHE D 19 -1.61 3.55 37.07
C PHE D 19 -1.16 4.54 36.00
N ALA D 20 -1.49 4.25 34.75
CA ALA D 20 -1.16 5.17 33.64
C ALA D 20 -1.75 6.55 33.86
N ASN D 21 -3.04 6.59 34.18
CA ASN D 21 -3.80 7.83 34.27
C ASN D 21 -3.44 8.73 35.45
N THR D 22 -3.24 8.08 36.61
CA THR D 22 -2.96 8.79 37.85
C THR D 22 -1.47 9.09 38.03
N VAL D 23 -0.62 8.20 37.53
CA VAL D 23 0.83 8.33 37.75
C VAL D 23 1.56 8.82 36.51
N LEU D 24 1.49 8.04 35.42
CA LEU D 24 2.30 8.29 34.21
C LEU D 24 2.02 9.63 33.52
N THR D 25 0.76 10.07 33.55
CA THR D 25 0.38 11.42 33.08
C THR D 25 1.17 12.56 33.73
N LYS D 26 1.71 12.32 34.93
CA LYS D 26 2.47 13.35 35.60
C LYS D 26 3.93 13.39 35.17
N ALA D 27 4.37 12.42 34.36
CA ALA D 27 5.80 12.33 34.04
C ALA D 27 6.27 13.46 33.11
N SER D 28 5.43 13.81 32.14
CA SER D 28 5.73 14.86 31.15
C SER D 28 6.16 16.21 31.75
N ALA D 29 5.40 16.70 32.73
CA ALA D 29 5.77 17.90 33.51
C ALA D 29 7.19 17.85 34.11
N GLU D 30 7.69 16.64 34.43
CA GLU D 30 9.05 16.51 34.97
C GLU D 30 10.10 16.37 33.89
N TYR D 31 9.88 15.46 32.94
CA TYR D 31 10.95 15.22 31.97
C TYR D 31 11.07 16.31 30.91
N SER D 32 9.97 16.98 30.57
CA SER D 32 9.97 18.05 29.56
C SER D 32 10.95 19.21 29.81
N THR D 33 11.39 19.40 31.05
CA THR D 33 12.29 20.52 31.36
C THR D 33 13.77 20.16 31.29
N GLN D 34 14.06 18.89 31.02
CA GLN D 34 15.44 18.45 31.00
C GLN D 34 15.95 18.60 29.59
N LYS D 35 17.23 18.88 29.40
CA LYS D 35 17.65 19.15 28.03
C LYS D 35 18.59 18.11 27.38
N ASP D 36 18.51 16.86 27.86
CA ASP D 36 19.18 15.74 27.18
C ASP D 36 18.55 14.41 27.57
N GLN D 37 18.86 13.37 26.79
CA GLN D 37 18.30 12.04 26.97
C GLN D 37 18.51 11.49 28.41
N LEU D 38 19.75 11.50 28.91
CA LEU D 38 20.01 10.97 30.28
C LEU D 38 19.21 11.71 31.35
N SER D 39 19.24 13.05 31.33
CA SER D 39 18.45 13.88 32.29
C SER D 39 16.97 13.59 32.22
N ARG D 40 16.46 13.39 31.00
CA ARG D 40 15.06 13.01 30.82
C ARG D 40 14.80 11.61 31.38
N PHE D 41 15.73 10.69 31.15
CA PHE D 41 15.66 9.36 31.76
C PHE D 41 15.64 9.49 33.29
N GLN D 42 16.61 10.20 33.85
CA GLN D 42 16.69 10.38 35.31
C GLN D 42 15.44 11.01 35.91
N ALA D 43 14.84 11.98 35.19
CA ALA D 43 13.57 12.58 35.62
C ALA D 43 12.42 11.56 35.72
N THR D 44 12.58 10.38 35.12
CA THR D 44 11.48 9.39 35.18
C THR D 44 11.65 8.43 36.36
N ARG D 45 12.79 8.53 37.05
CA ARG D 45 13.05 7.61 38.18
C ARG D 45 11.90 7.52 39.18
N PRO D 46 11.29 8.67 39.60
CA PRO D 46 10.17 8.58 40.54
C PRO D 46 8.95 7.84 40.00
N PHE D 47 8.80 7.78 38.69
CA PHE D 47 7.63 7.08 38.12
C PHE D 47 7.86 5.59 38.04
N TYR D 48 9.11 5.19 37.78
CA TYR D 48 9.47 3.76 37.81
C TYR D 48 9.40 3.24 39.26
N ARG D 49 9.85 4.07 40.21
CA ARG D 49 9.68 3.81 41.66
C ARG D 49 8.22 3.54 41.98
N GLU D 50 7.31 4.36 41.45
CA GLU D 50 5.87 4.13 41.61
C GLU D 50 5.40 2.88 40.89
N ALA D 51 6.01 2.59 39.75
CA ALA D 51 5.71 1.37 39.00
C ALA D 51 6.06 0.14 39.83
N VAL D 52 7.22 0.19 40.48
CA VAL D 52 7.65 -0.90 41.37
C VAL D 52 6.65 -1.02 42.52
N ARG D 53 6.30 0.10 43.16
CA ARG D 53 5.34 0.10 44.28
C ARG D 53 3.99 -0.51 43.86
N HIS D 54 3.61 -0.27 42.60
CA HIS D 54 2.38 -0.84 42.06
C HIS D 54 2.49 -2.31 41.62
N GLY D 55 3.65 -2.94 41.88
CA GLY D 55 3.86 -4.36 41.57
C GLY D 55 4.08 -4.67 40.09
N LEU D 56 4.43 -3.66 39.30
CA LEU D 56 4.56 -3.87 37.85
C LEU D 56 5.87 -4.56 37.40
N ILE D 57 6.96 -4.31 38.13
CA ILE D 57 8.23 -4.96 37.86
C ILE D 57 8.16 -6.41 38.35
N LYS D 58 7.55 -6.62 39.51
CA LYS D 58 7.28 -7.98 39.97
C LYS D 58 6.38 -8.76 38.99
N ALA D 59 5.47 -8.08 38.30
CA ALA D 59 4.59 -8.78 37.35
C ALA D 59 5.31 -9.20 36.05
N GLN D 60 6.60 -8.89 35.95
CA GLN D 60 7.39 -9.30 34.78
C GLN D 60 8.00 -10.71 34.97
N VAL D 61 7.98 -11.18 36.21
CA VAL D 61 8.56 -12.48 36.60
C VAL D 61 7.44 -13.52 36.80
N PRO D 62 7.56 -14.73 36.21
CA PRO D 62 6.50 -15.73 36.44
C PRO D 62 6.35 -16.12 37.93
N ILE D 63 5.16 -16.60 38.27
CA ILE D 63 4.82 -17.01 39.63
C ILE D 63 5.76 -18.10 40.24
N PRO D 64 6.10 -19.17 39.47
CA PRO D 64 7.01 -20.21 40.02
C PRO D 64 8.39 -19.67 40.35
N LEU D 65 8.64 -18.41 40.01
CA LEU D 65 9.95 -17.81 40.18
C LEU D 65 9.89 -16.68 41.21
N GLY D 66 8.74 -16.55 41.86
CA GLY D 66 8.55 -15.56 42.92
C GLY D 66 7.92 -14.26 42.44
N GLY D 67 7.61 -14.18 41.16
CA GLY D 67 6.97 -12.98 40.58
C GLY D 67 5.46 -13.09 40.65
N THR D 68 4.76 -12.20 39.96
CA THR D 68 3.30 -12.17 39.97
C THR D 68 2.67 -12.19 38.59
N MET D 69 3.45 -12.50 37.54
CA MET D 69 2.92 -12.58 36.18
C MET D 69 1.87 -13.68 36.06
N GLU D 70 0.67 -13.32 35.63
CA GLU D 70 -0.41 -14.30 35.53
C GLU D 70 -0.45 -15.00 34.19
N SER D 71 -0.18 -14.25 33.12
CA SER D 71 -0.01 -14.82 31.78
C SER D 71 0.50 -13.78 30.80
N LEU D 72 0.80 -14.24 29.60
CA LEU D 72 1.29 -13.40 28.52
C LEU D 72 0.17 -12.53 27.97
N VAL D 73 -1.06 -13.02 28.00
CA VAL D 73 -2.22 -12.19 27.60
C VAL D 73 -2.49 -11.05 28.61
N HIS D 74 -2.33 -11.31 29.91
CA HIS D 74 -2.39 -10.25 30.91
C HIS D 74 -1.33 -9.24 30.58
N GLU D 75 -0.15 -9.74 30.23
CA GLU D 75 1.00 -8.88 30.01
C GLU D 75 0.74 -7.96 28.81
N SER D 76 0.20 -8.53 27.73
CA SER D 76 -0.21 -7.82 26.54
C SER D 76 -1.22 -6.70 26.82
N ILE D 77 -2.24 -7.04 27.63
CA ILE D 77 -3.26 -6.08 28.06
C ILE D 77 -2.63 -4.91 28.82
N ILE D 78 -1.73 -5.22 29.75
CA ILE D 78 -1.06 -4.19 30.57
C ILE D 78 -0.22 -3.25 29.71
N LEU D 79 0.59 -3.84 28.81
CA LEU D 79 1.47 -3.05 27.98
C LEU D 79 0.67 -2.11 27.06
N GLU D 80 -0.44 -2.60 26.52
CA GLU D 80 -1.30 -1.78 25.66
C GLU D 80 -1.86 -0.56 26.44
N GLU D 81 -2.37 -0.80 27.64
CA GLU D 81 -2.88 0.33 28.45
C GLU D 81 -1.76 1.31 28.76
N LEU D 82 -0.60 0.77 29.07
CA LEU D 82 0.51 1.62 29.46
C LEU D 82 0.98 2.48 28.30
N PHE D 83 1.18 1.86 27.14
CA PHE D 83 1.69 2.55 25.96
C PHE D 83 0.66 3.48 25.28
N ALA D 84 -0.61 3.20 25.51
CA ALA D 84 -1.70 4.06 25.10
C ALA D 84 -1.67 5.42 25.80
N VAL D 85 -0.96 5.54 26.92
CA VAL D 85 -0.91 6.82 27.62
C VAL D 85 0.45 7.47 27.56
N GLU D 86 1.51 6.72 27.91
CA GLU D 86 2.83 7.30 28.11
C GLU D 86 3.92 6.20 28.12
N PRO D 87 4.73 6.12 27.04
CA PRO D 87 5.86 5.18 26.98
C PRO D 87 7.01 5.52 27.96
N ALA D 88 7.11 6.76 28.44
CA ALA D 88 8.06 7.08 29.52
C ALA D 88 7.81 6.14 30.71
N THR D 89 8.88 5.55 31.25
CA THR D 89 8.75 4.55 32.35
C THR D 89 8.22 3.18 31.87
N SER D 90 7.11 3.17 31.15
CA SER D 90 6.59 1.94 30.54
C SER D 90 7.68 1.20 29.76
N ILE D 91 8.46 1.94 28.99
CA ILE D 91 9.58 1.37 28.24
C ILE D 91 10.68 0.77 29.18
N THR D 92 10.92 1.44 30.30
CA THR D 92 11.91 0.98 31.29
C THR D 92 11.46 -0.35 31.87
N ILE D 93 10.15 -0.49 32.07
CA ILE D 93 9.58 -1.70 32.61
C ILE D 93 9.82 -2.89 31.66
N VAL D 94 9.51 -2.71 30.37
CA VAL D 94 9.68 -3.82 29.41
C VAL D 94 11.15 -4.08 29.08
N ALA D 95 11.99 -3.06 29.15
CA ALA D 95 13.41 -3.26 28.92
C ALA D 95 14.02 -4.10 30.03
N THR D 96 13.52 -3.90 31.25
CA THR D 96 13.91 -4.69 32.43
C THR D 96 13.46 -6.14 32.24
N ALA D 97 12.21 -6.31 31.79
CA ALA D 97 11.64 -7.61 31.51
C ALA D 97 12.48 -8.40 30.49
N LEU D 98 12.89 -7.74 29.41
CA LEU D 98 13.78 -8.34 28.46
C LEU D 98 15.13 -8.69 29.12
N GLY D 99 15.65 -7.77 29.93
CA GLY D 99 16.90 -7.98 30.63
C GLY D 99 16.85 -9.17 31.57
N LEU D 100 15.66 -9.44 32.13
CA LEU D 100 15.49 -10.53 33.10
C LEU D 100 15.32 -11.88 32.45
N MET D 101 14.89 -11.85 31.18
CA MET D 101 14.42 -13.03 30.44
C MET D 101 15.43 -14.18 30.30
N PRO D 102 16.70 -13.91 29.90
CA PRO D 102 17.67 -15.00 29.88
C PRO D 102 17.76 -15.75 31.24
N VAL D 103 17.52 -15.04 32.33
CA VAL D 103 17.61 -15.67 33.64
C VAL D 103 16.35 -16.49 33.90
N ILE D 104 15.19 -15.88 33.57
CA ILE D 104 13.88 -16.51 33.70
C ILE D 104 13.79 -17.78 32.86
N LEU D 105 14.40 -17.75 31.68
CA LEU D 105 14.33 -18.87 30.75
C LEU D 105 15.39 -19.94 31.01
N CYS D 106 16.53 -19.56 31.57
CA CYS D 106 17.61 -20.52 31.82
C CYS D 106 17.04 -21.52 32.80
N ASP D 107 17.72 -22.62 33.04
CA ASP D 107 17.05 -23.45 34.02
C ASP D 107 17.90 -23.95 35.22
N SER D 108 18.74 -23.01 35.67
CA SER D 108 19.48 -23.11 36.89
C SER D 108 18.73 -22.41 38.03
N PRO D 109 17.99 -23.19 38.86
CA PRO D 109 17.15 -22.64 39.94
C PRO D 109 17.87 -21.73 40.95
N SER D 110 19.15 -21.97 41.22
CA SER D 110 19.85 -21.16 42.21
C SER D 110 20.37 -19.85 41.62
N LEU D 111 20.75 -19.88 40.34
CA LEU D 111 21.10 -18.66 39.62
C LEU D 111 19.87 -17.73 39.57
N GLN D 112 18.73 -18.30 39.23
CA GLN D 112 17.46 -17.58 39.19
C GLN D 112 17.17 -16.90 40.51
N GLU D 113 17.12 -17.68 41.58
CA GLU D 113 16.83 -17.18 42.91
C GLU D 113 17.74 -16.03 43.29
N LYS D 114 19.03 -16.15 42.96
CA LYS D 114 20.01 -15.12 43.30
C LYS D 114 19.77 -13.83 42.53
N PHE D 115 19.63 -13.93 41.22
CA PHE D 115 19.61 -12.75 40.36
C PHE D 115 18.22 -12.09 40.21
N LEU D 116 17.17 -12.85 40.51
CA LEU D 116 15.83 -12.33 40.39
C LEU D 116 15.32 -11.68 41.68
N LYS D 117 16.03 -11.87 42.80
CA LYS D 117 15.60 -11.36 44.10
C LYS D 117 15.20 -9.86 44.10
N PRO D 118 16.12 -8.96 43.69
CA PRO D 118 15.75 -7.53 43.74
C PRO D 118 14.50 -7.15 42.92
N PHE D 119 14.20 -7.91 41.88
CA PHE D 119 13.09 -7.59 40.96
C PHE D 119 11.74 -8.06 41.45
N ILE D 120 11.75 -8.95 42.46
CA ILE D 120 10.49 -9.46 43.02
C ILE D 120 10.20 -8.96 44.43
N SER D 121 11.04 -8.03 44.90
CA SER D 121 10.98 -7.55 46.28
C SER D 121 9.97 -6.42 46.49
N GLY D 122 9.57 -5.73 45.42
CA GLY D 122 8.63 -4.61 45.52
C GLY D 122 9.24 -3.32 46.04
N GLU D 123 10.58 -3.22 45.95
CA GLU D 123 11.33 -2.12 46.54
C GLU D 123 12.41 -1.58 45.61
N GLY D 124 12.72 -0.31 45.80
CA GLY D 124 13.75 0.38 45.05
C GLY D 124 13.33 0.58 43.60
N GLU D 125 14.32 0.87 42.76
CA GLU D 125 14.08 1.00 41.32
C GLU D 125 15.10 0.11 40.62
N PRO D 126 14.98 -1.23 40.79
CA PRO D 126 15.99 -2.09 40.15
C PRO D 126 15.82 -2.12 38.64
N LEU D 127 16.93 -1.98 37.91
CA LEU D 127 16.92 -2.09 36.44
C LEU D 127 17.63 -3.33 35.90
N ALA D 128 17.09 -3.89 34.82
CA ALA D 128 17.75 -4.94 34.05
C ALA D 128 17.85 -4.55 32.58
N SER D 129 18.81 -5.14 31.89
CA SER D 129 19.07 -4.84 30.51
C SER D 129 19.73 -6.03 29.80
N LEU D 130 19.16 -6.44 28.67
CA LEU D 130 19.78 -7.41 27.79
C LEU D 130 20.69 -6.65 26.83
N MET D 131 21.99 -6.74 27.07
CA MET D 131 22.96 -6.04 26.25
C MET D 131 23.42 -6.88 25.07
N HIS D 132 22.75 -6.70 23.94
CA HIS D 132 23.06 -7.40 22.73
C HIS D 132 23.56 -6.49 21.61
N SER D 133 22.82 -5.40 21.33
CA SER D 133 23.09 -4.56 20.15
C SER D 133 24.44 -3.84 20.20
N GLU D 134 24.99 -3.56 19.02
CA GLU D 134 26.35 -3.02 18.92
C GLU D 134 26.41 -1.87 17.94
N PRO D 135 27.47 -1.04 18.04
CA PRO D 135 27.67 0.05 17.11
C PRO D 135 27.72 -0.38 15.64
N ASN D 136 28.30 -1.55 15.36
CA ASN D 136 28.48 -2.03 13.99
C ASN D 136 27.23 -2.77 13.47
N GLY D 137 26.21 -2.92 14.31
CA GLY D 137 25.00 -3.64 13.92
C GLY D 137 24.99 -5.06 14.43
N THR D 138 23.85 -5.74 14.35
CA THR D 138 23.73 -7.13 14.81
C THR D 138 22.89 -8.06 13.92
N ALA D 139 22.34 -7.53 12.83
CA ALA D 139 21.49 -8.34 11.93
C ALA D 139 22.22 -9.58 11.42
N ASN D 140 23.55 -9.48 11.29
CA ASN D 140 24.34 -10.59 10.79
C ASN D 140 25.23 -11.27 11.87
N TRP D 141 24.88 -11.09 13.15
CA TRP D 141 25.68 -11.64 14.25
C TRP D 141 25.93 -13.15 14.12
N LEU D 142 25.01 -13.85 13.45
CA LEU D 142 25.10 -15.30 13.35
C LEU D 142 25.53 -15.79 11.98
N GLN D 143 25.92 -14.87 11.11
CA GLN D 143 26.32 -15.21 9.75
C GLN D 143 27.68 -15.90 9.78
N LYS D 144 27.71 -17.15 9.30
CA LYS D 144 28.96 -17.91 9.23
C LYS D 144 29.96 -17.22 8.31
N GLY D 145 31.18 -17.05 8.78
CA GLY D 145 32.18 -16.42 7.93
C GLY D 145 32.11 -14.90 7.93
N GLY D 146 31.26 -14.35 8.80
CA GLY D 146 31.23 -12.91 9.00
C GLY D 146 32.01 -12.56 10.26
N PRO D 147 32.14 -11.26 10.56
CA PRO D 147 32.87 -10.75 11.73
C PRO D 147 32.26 -11.18 13.07
N GLY D 148 30.95 -11.36 13.12
CA GLY D 148 30.29 -11.74 14.35
C GLY D 148 30.23 -10.59 15.33
N LEU D 149 29.78 -10.88 16.55
CA LEU D 149 29.74 -9.86 17.59
C LEU D 149 31.13 -9.26 17.82
N GLN D 150 31.17 -7.95 17.89
CA GLN D 150 32.42 -7.25 18.17
C GLN D 150 32.66 -7.10 19.67
N THR D 151 31.69 -7.51 20.48
CA THR D 151 31.88 -7.70 21.91
C THR D 151 32.20 -9.17 22.16
N THR D 152 33.34 -9.39 22.81
CA THR D 152 34.04 -10.65 22.83
C THR D 152 34.41 -10.99 24.28
N ALA D 153 34.42 -12.27 24.64
CA ALA D 153 34.85 -12.68 25.97
C ALA D 153 35.90 -13.80 25.85
N ARG D 154 36.82 -13.85 26.81
CA ARG D 154 37.83 -14.92 26.91
C ARG D 154 37.96 -15.36 28.37
N LYS D 155 38.24 -16.64 28.57
CA LYS D 155 38.45 -17.18 29.91
C LYS D 155 39.92 -16.94 30.29
N VAL D 156 40.13 -16.38 31.49
CA VAL D 156 41.49 -16.16 32.03
C VAL D 156 41.45 -16.55 33.51
N GLY D 157 41.96 -17.73 33.85
CA GLY D 157 41.87 -18.24 35.20
C GLY D 157 40.41 -18.46 35.57
N ASN D 158 40.05 -18.08 36.79
CA ASN D 158 38.68 -18.20 37.32
C ASN D 158 37.70 -17.14 36.75
N GLU D 159 38.12 -16.40 35.73
CA GLU D 159 37.33 -15.27 35.24
C GLU D 159 37.20 -15.18 33.72
N TRP D 160 36.19 -14.41 33.30
CA TRP D 160 36.00 -13.98 31.92
C TRP D 160 36.37 -12.51 31.72
N VAL D 161 37.00 -12.22 30.58
CA VAL D 161 37.40 -10.85 30.27
C VAL D 161 36.66 -10.37 29.02
N ILE D 162 35.76 -9.40 29.20
CA ILE D 162 35.00 -8.79 28.10
C ILE D 162 35.75 -7.65 27.41
N SER D 163 35.83 -7.70 26.09
CA SER D 163 36.31 -6.59 25.25
C SER D 163 35.29 -6.22 24.18
N GLY D 164 34.98 -4.93 24.08
CA GLY D 164 34.19 -4.42 22.98
C GLY D 164 33.12 -3.40 23.35
N GLU D 165 32.22 -3.15 22.40
CA GLU D 165 31.24 -2.08 22.58
C GLU D 165 29.83 -2.58 22.37
N LYS D 166 28.94 -2.09 23.24
CA LYS D 166 27.50 -2.24 23.03
C LYS D 166 26.89 -0.84 22.78
N LEU D 167 25.72 -0.82 22.15
CA LEU D 167 25.00 0.42 21.85
C LEU D 167 23.53 0.08 21.73
N TRP D 168 22.66 0.90 22.33
CA TRP D 168 21.17 0.78 22.29
C TRP D 168 20.50 0.05 23.45
N PRO D 169 21.22 -0.83 24.19
CA PRO D 169 20.41 -1.61 25.14
C PRO D 169 19.83 -0.74 26.25
N SER D 170 18.51 -0.64 26.27
CA SER D 170 17.82 0.21 27.22
C SER D 170 18.15 -0.20 28.66
N ASN D 171 18.35 0.80 29.52
CA ASN D 171 18.69 0.62 30.95
C ASN D 171 20.15 0.22 31.25
N SER D 172 20.97 -0.03 30.22
CA SER D 172 22.25 -0.72 30.44
C SER D 172 23.21 -0.05 31.42
N GLY D 173 23.23 1.28 31.43
CA GLY D 173 24.11 2.00 32.35
C GLY D 173 23.49 2.36 33.70
N GLY D 174 22.26 1.90 33.95
CA GLY D 174 21.54 2.23 35.17
C GLY D 174 21.05 3.67 35.20
N TRP D 175 20.62 4.12 36.38
CA TRP D 175 20.19 5.50 36.58
C TRP D 175 21.33 6.49 36.54
N ASP D 176 22.54 6.00 36.85
CA ASP D 176 23.69 6.87 37.13
C ASP D 176 24.97 6.54 36.37
N TYR D 177 24.82 5.68 35.36
CA TYR D 177 25.97 5.19 34.57
C TYR D 177 26.99 4.38 35.38
N LYS D 178 26.55 3.73 36.45
CA LYS D 178 27.43 2.84 37.21
C LYS D 178 26.98 1.41 36.94
N GLY D 179 25.92 1.32 36.14
CA GLY D 179 25.44 0.05 35.62
C GLY D 179 24.03 -0.24 36.04
N ALA D 180 23.33 -1.01 35.22
CA ALA D 180 22.05 -1.58 35.58
C ALA D 180 22.28 -2.56 36.73
N ASP D 181 21.23 -2.85 37.48
CA ASP D 181 21.30 -3.84 38.55
C ASP D 181 21.59 -5.26 38.03
N LEU D 182 21.05 -5.59 36.87
CA LEU D 182 21.43 -6.82 36.18
C LEU D 182 21.50 -6.54 34.69
N ALA D 183 22.67 -6.76 34.10
CA ALA D 183 22.86 -6.68 32.66
C ALA D 183 23.26 -8.07 32.16
N CYS D 184 22.62 -8.54 31.10
CA CYS D 184 22.99 -9.80 30.46
C CYS D 184 23.74 -9.45 29.22
N VAL D 185 25.05 -9.64 29.23
CA VAL D 185 25.91 -9.21 28.12
C VAL D 185 26.19 -10.36 27.16
N VAL D 186 25.80 -10.17 25.90
CA VAL D 186 25.96 -11.18 24.87
C VAL D 186 27.31 -11.04 24.18
N CYS D 187 28.14 -12.09 24.29
CA CYS D 187 29.51 -12.06 23.76
C CYS D 187 29.80 -13.17 22.74
N ARG D 188 30.75 -12.90 21.86
CA ARG D 188 31.34 -13.93 21.04
C ARG D 188 32.65 -14.35 21.74
N VAL D 189 32.73 -15.62 22.11
CA VAL D 189 33.91 -16.17 22.75
C VAL D 189 35.08 -16.04 21.78
N SER D 190 36.19 -15.49 22.28
CA SER D 190 37.40 -15.33 21.47
C SER D 190 38.64 -15.20 22.33
N ASP D 191 39.59 -16.13 22.16
CA ASP D 191 40.84 -16.11 22.91
C ASP D 191 41.80 -15.02 22.48
N ASP D 192 41.82 -14.71 21.19
CA ASP D 192 42.52 -13.54 20.70
C ASP D 192 41.54 -12.61 19.97
N PRO D 193 41.13 -11.52 20.66
CA PRO D 193 40.25 -10.48 20.13
C PRO D 193 40.75 -9.79 18.86
N SER D 194 42.07 -9.77 18.63
CA SER D 194 42.62 -9.11 17.45
C SER D 194 42.52 -9.97 16.19
N LYS D 195 42.17 -11.25 16.34
CA LYS D 195 41.94 -12.16 15.22
C LYS D 195 40.45 -12.20 14.85
N PRO D 196 40.13 -12.25 13.54
CA PRO D 196 38.74 -12.39 13.08
C PRO D 196 38.07 -13.66 13.60
N GLN D 197 36.73 -13.68 13.62
CA GLN D 197 35.98 -14.90 13.89
C GLN D 197 36.37 -15.97 12.84
N ASP D 198 36.60 -17.19 13.29
CA ASP D 198 36.97 -18.32 12.44
C ASP D 198 35.84 -18.61 11.43
N PRO D 199 36.10 -18.43 10.12
CA PRO D 199 35.04 -18.59 9.12
C PRO D 199 34.52 -20.01 8.96
N ASN D 200 35.15 -20.98 9.61
CA ASN D 200 34.72 -22.37 9.51
C ASN D 200 34.08 -22.91 10.78
N VAL D 201 33.84 -22.00 11.73
CA VAL D 201 33.07 -22.33 12.92
C VAL D 201 31.73 -21.58 12.88
N ASP D 202 30.66 -22.32 13.15
CA ASP D 202 29.32 -21.79 13.21
C ASP D 202 29.25 -20.75 14.35
N PRO D 203 28.90 -19.49 14.01
CA PRO D 203 28.83 -18.40 15.02
C PRO D 203 28.02 -18.72 16.27
N ALA D 204 26.92 -19.47 16.12
CA ALA D 204 26.04 -19.79 17.22
C ALA D 204 26.69 -20.62 18.32
N THR D 205 27.80 -21.30 18.01
CA THR D 205 28.47 -22.14 18.98
C THR D 205 29.45 -21.37 19.87
N GLN D 206 29.78 -20.15 19.46
CA GLN D 206 30.70 -19.29 20.19
C GLN D 206 30.00 -18.25 21.08
N ILE D 207 28.67 -18.36 21.25
CA ILE D 207 27.92 -17.36 22.03
C ILE D 207 27.98 -17.62 23.53
N ALA D 208 28.28 -16.58 24.32
CA ALA D 208 28.19 -16.67 25.77
C ALA D 208 27.40 -15.48 26.31
N VAL D 209 26.71 -15.69 27.43
CA VAL D 209 25.99 -14.61 28.10
C VAL D 209 26.60 -14.44 29.49
N LEU D 210 27.10 -13.23 29.79
CA LEU D 210 27.73 -12.96 31.07
C LEU D 210 26.93 -11.94 31.87
N LEU D 211 26.60 -12.31 33.09
CA LEU D 211 25.87 -11.44 34.01
C LEU D 211 26.82 -10.43 34.66
N VAL D 212 26.54 -9.15 34.43
CA VAL D 212 27.34 -8.04 34.93
C VAL D 212 26.43 -7.19 35.81
N THR D 213 26.81 -7.04 37.07
CA THR D 213 26.03 -6.26 38.05
C THR D 213 26.77 -4.98 38.40
N ARG D 214 26.16 -4.12 39.21
CA ARG D 214 26.85 -2.93 39.70
C ARG D 214 28.14 -3.33 40.49
N GLU D 215 28.05 -4.43 41.25
CA GLU D 215 29.23 -4.96 41.98
C GLU D 215 30.31 -5.36 40.99
N THR D 216 29.93 -6.05 39.91
CA THR D 216 30.90 -6.44 38.88
C THR D 216 31.67 -5.23 38.35
N ILE D 217 30.95 -4.13 38.14
CA ILE D 217 31.52 -2.91 37.53
C ILE D 217 32.39 -2.20 38.54
N ALA D 218 31.91 -2.14 39.79
CA ALA D 218 32.69 -1.62 40.93
C ALA D 218 34.02 -2.40 41.17
N ASN D 219 34.01 -3.71 40.91
CA ASN D 219 35.22 -4.52 41.05
C ASN D 219 36.21 -4.32 39.91
N ASN D 220 35.86 -3.47 38.97
CA ASN D 220 36.77 -3.21 37.87
C ASN D 220 37.44 -1.85 37.95
N LYS D 221 38.57 -1.72 37.27
CA LYS D 221 39.21 -0.42 37.05
C LYS D 221 38.23 0.52 36.34
N LYS D 222 38.43 1.82 36.52
CA LYS D 222 37.47 2.80 36.04
C LYS D 222 37.37 2.82 34.52
N ASP D 223 38.49 2.61 33.84
CA ASP D 223 38.52 2.68 32.38
C ASP D 223 38.20 1.36 31.64
N ALA D 224 37.72 0.37 32.41
CA ALA D 224 37.32 -0.94 31.90
C ALA D 224 35.84 -0.98 31.49
N TYR D 225 35.07 -0.06 32.06
CA TYR D 225 33.66 0.12 31.76
C TYR D 225 33.42 1.62 31.58
N GLN D 226 33.13 2.06 30.35
CA GLN D 226 32.79 3.47 30.11
C GLN D 226 31.61 3.71 29.19
N ILE D 227 30.79 4.69 29.57
CA ILE D 227 29.73 5.20 28.71
C ILE D 227 30.36 6.26 27.80
N LEU D 228 30.28 6.04 26.50
CA LEU D 228 30.93 6.92 25.53
C LEU D 228 29.93 7.95 25.01
N GLY D 229 28.65 7.71 25.27
CA GLY D 229 27.62 8.55 24.70
C GLY D 229 26.24 7.99 24.96
N GLU D 230 25.26 8.77 24.57
CA GLU D 230 23.87 8.49 24.83
C GLU D 230 23.13 9.08 23.63
N PRO D 231 22.60 8.20 22.77
CA PRO D 231 21.85 8.64 21.58
C PRO D 231 20.63 9.53 21.92
N GLU D 232 20.46 10.59 21.14
CA GLU D 232 19.28 11.43 21.22
C GLU D 232 18.27 10.87 20.24
N LEU D 233 17.18 10.34 20.77
CA LEU D 233 16.27 9.55 19.96
C LEU D 233 15.13 10.42 19.41
N ALA D 234 14.62 10.05 18.23
CA ALA D 234 13.48 10.75 17.66
C ALA D 234 12.31 10.74 18.62
N GLY D 235 12.03 9.58 19.20
CA GLY D 235 10.91 9.41 20.13
C GLY D 235 11.41 8.52 21.25
N HIS D 236 10.54 8.22 22.22
CA HIS D 236 10.98 7.54 23.45
C HIS D 236 12.20 8.28 23.98
N ILE D 237 12.02 9.59 24.10
CA ILE D 237 13.09 10.51 24.47
C ILE D 237 13.50 10.44 25.99
N THR D 238 12.80 9.65 26.78
CA THR D 238 13.16 9.48 28.19
C THR D 238 13.79 8.10 28.50
N THR D 239 14.10 7.32 27.47
CA THR D 239 14.78 6.05 27.77
C THR D 239 16.29 6.26 27.73
N SER D 240 17.03 5.36 28.37
CA SER D 240 18.47 5.37 28.25
C SER D 240 18.91 4.06 27.61
N GLY D 241 19.78 4.14 26.60
CA GLY D 241 20.35 2.98 25.93
C GLY D 241 21.69 3.35 25.33
N PRO D 242 22.71 3.49 26.18
CA PRO D 242 23.94 4.19 25.78
C PRO D 242 24.95 3.39 24.96
N HIS D 243 26.04 4.06 24.60
CA HIS D 243 27.19 3.47 23.94
C HIS D 243 28.22 3.12 25.02
N THR D 244 28.34 1.82 25.32
CA THR D 244 29.25 1.31 26.36
C THR D 244 30.48 0.65 25.75
N ARG D 245 31.66 0.95 26.30
CA ARG D 245 32.90 0.24 25.96
C ARG D 245 33.39 -0.60 27.13
N PHE D 246 33.64 -1.88 26.87
CA PHE D 246 34.33 -2.75 27.83
C PHE D 246 35.79 -2.90 27.43
N THR D 247 36.71 -2.56 28.32
CA THR D 247 38.13 -2.74 28.05
C THR D 247 38.72 -3.63 29.16
N GLU D 248 39.12 -4.84 28.80
CA GLU D 248 39.71 -5.76 29.78
C GLU D 248 38.83 -5.83 31.05
N PHE D 249 37.53 -5.99 30.84
CA PHE D 249 36.55 -6.02 31.89
C PHE D 249 36.38 -7.43 32.45
N HIS D 250 36.67 -7.57 33.75
CA HIS D 250 36.74 -8.88 34.40
C HIS D 250 35.41 -9.29 35.00
N VAL D 251 34.94 -10.49 34.63
CA VAL D 251 33.68 -11.03 35.18
C VAL D 251 33.89 -12.45 35.77
N PRO D 252 33.38 -12.69 37.00
CA PRO D 252 33.51 -13.96 37.71
C PRO D 252 32.87 -15.09 36.92
N HIS D 253 33.51 -16.27 36.92
CA HIS D 253 32.96 -17.45 36.23
C HIS D 253 31.54 -17.79 36.68
N GLU D 254 31.23 -17.58 37.96
CA GLU D 254 29.90 -17.87 38.49
C GLU D 254 28.81 -16.97 37.89
N ASN D 255 29.23 -15.96 37.11
CA ASN D 255 28.28 -15.07 36.42
C ASN D 255 28.00 -15.45 34.96
N LEU D 256 28.60 -16.55 34.51
CA LEU D 256 28.32 -17.08 33.18
C LEU D 256 26.94 -17.69 33.25
N LEU D 257 26.07 -17.31 32.32
CA LEU D 257 24.67 -17.74 32.38
C LEU D 257 24.52 -19.25 32.20
N CYS D 258 25.28 -19.80 31.27
CA CYS D 258 25.27 -21.22 30.96
C CYS D 258 26.50 -21.51 30.15
N THR D 259 26.75 -22.77 29.84
CA THR D 259 27.85 -23.18 29.00
C THR D 259 27.80 -22.39 27.68
N PRO D 260 28.90 -21.76 27.28
CA PRO D 260 28.92 -21.09 25.97
C PRO D 260 28.46 -22.00 24.82
N GLY D 261 27.83 -21.38 23.81
CA GLY D 261 27.42 -22.11 22.62
C GLY D 261 25.94 -22.08 22.37
N LEU D 262 25.44 -23.15 21.78
CA LEU D 262 24.08 -23.20 21.26
C LEU D 262 22.98 -22.96 22.30
N LYS D 263 23.20 -23.40 23.53
CA LYS D 263 22.24 -23.17 24.61
C LYS D 263 22.18 -21.68 24.97
N ALA D 264 23.33 -21.00 24.89
CA ALA D 264 23.39 -19.57 25.18
C ALA D 264 22.73 -18.80 24.04
N GLN D 265 23.01 -19.20 22.81
CA GLN D 265 22.34 -18.62 21.66
C GLN D 265 20.82 -18.77 21.82
N GLY D 266 20.38 -19.97 22.21
CA GLY D 266 18.96 -20.27 22.37
C GLY D 266 18.25 -19.48 23.45
N LEU D 267 18.94 -19.24 24.56
CA LEU D 267 18.46 -18.33 25.59
C LEU D 267 18.21 -16.90 25.04
N VAL D 268 19.11 -16.42 24.19
CA VAL D 268 18.98 -15.10 23.57
C VAL D 268 17.81 -15.05 22.57
N GLU D 269 17.79 -16.02 21.66
CA GLU D 269 16.74 -16.13 20.66
C GLU D 269 15.33 -16.22 21.25
N THR D 270 15.23 -16.90 22.38
CA THR D 270 13.94 -17.12 23.02
C THR D 270 13.49 -15.84 23.70
N ALA D 271 14.42 -15.16 24.36
CA ALA D 271 14.12 -13.89 24.98
C ALA D 271 13.62 -12.91 23.91
N PHE D 272 14.34 -12.80 22.80
CA PHE D 272 13.98 -11.85 21.75
C PHE D 272 12.72 -12.24 20.97
N ALA D 273 12.40 -13.53 20.96
CA ALA D 273 11.18 -14.02 20.33
C ALA D 273 9.95 -13.67 21.18
N MET D 274 10.07 -13.82 22.50
CA MET D 274 9.02 -13.40 23.40
C MET D 274 8.74 -11.91 23.27
N ALA D 275 9.83 -11.13 23.17
CA ALA D 275 9.76 -9.68 23.03
C ALA D 275 9.14 -9.32 21.67
N ALA D 276 9.48 -10.08 20.63
CA ALA D 276 8.93 -9.84 19.30
C ALA D 276 7.40 -9.92 19.32
N ALA D 277 6.88 -10.89 20.06
CA ALA D 277 5.46 -11.12 20.19
C ALA D 277 4.78 -10.07 21.08
N LEU D 278 5.47 -9.61 22.12
CA LEU D 278 4.88 -8.65 23.06
C LEU D 278 5.00 -7.19 22.63
N VAL D 279 5.98 -6.91 21.78
CA VAL D 279 6.19 -5.57 21.26
C VAL D 279 4.97 -5.03 20.47
N GLY D 280 4.17 -5.94 19.92
CA GLY D 280 2.94 -5.58 19.23
C GLY D 280 1.97 -4.85 20.14
N ALA D 281 1.98 -5.20 21.43
CA ALA D 281 1.11 -4.57 22.43
C ALA D 281 1.49 -3.12 22.64
N MET D 282 2.80 -2.86 22.66
CA MET D 282 3.34 -1.50 22.73
C MET D 282 2.93 -0.68 21.50
N ALA D 283 3.04 -1.29 20.33
CA ALA D 283 2.69 -0.65 19.07
C ALA D 283 1.18 -0.38 18.99
N ILE D 284 0.38 -1.34 19.44
CA ILE D 284 -1.07 -1.17 19.55
C ILE D 284 -1.40 0.02 20.47
N GLY D 285 -0.78 0.08 21.64
CA GLY D 285 -1.01 1.20 22.58
C GLY D 285 -0.80 2.55 21.90
N THR D 286 0.35 2.69 21.24
CA THR D 286 0.70 3.94 20.59
C THR D 286 -0.31 4.30 19.46
N ALA D 287 -0.58 3.36 18.55
CA ALA D 287 -1.50 3.55 17.44
C ALA D 287 -2.97 3.78 17.89
N ARG D 288 -3.36 3.11 18.98
CA ARG D 288 -4.72 3.24 19.53
C ARG D 288 -4.92 4.65 20.08
N ALA D 289 -3.91 5.15 20.77
CA ALA D 289 -3.91 6.53 21.24
C ALA D 289 -4.15 7.51 20.07
N ALA D 290 -3.43 7.31 18.95
CA ALA D 290 -3.67 8.07 17.72
C ALA D 290 -5.08 7.89 17.18
N PHE D 291 -5.51 6.64 17.01
CA PHE D 291 -6.83 6.37 16.46
C PHE D 291 -7.96 7.01 17.30
N GLU D 292 -7.85 6.88 18.62
CA GLU D 292 -8.88 7.39 19.51
C GLU D 292 -8.90 8.89 19.58
N GLU D 293 -7.73 9.54 19.55
CA GLU D 293 -7.72 10.99 19.50
C GLU D 293 -8.33 11.47 18.16
N ALA D 294 -8.05 10.77 17.07
CA ALA D 294 -8.62 11.11 15.77
C ALA D 294 -10.14 10.87 15.73
N LEU D 295 -10.56 9.71 16.23
CA LEU D 295 -11.96 9.37 16.28
C LEU D 295 -12.75 10.44 17.06
N VAL D 296 -12.30 10.72 18.29
CA VAL D 296 -12.95 11.73 19.14
C VAL D 296 -13.09 13.07 18.39
N PHE D 297 -11.98 13.59 17.89
CA PHE D 297 -11.95 14.80 17.04
C PHE D 297 -12.94 14.71 15.87
N ALA D 298 -12.91 13.61 15.13
CA ALA D 298 -13.77 13.47 13.95
C ALA D 298 -15.26 13.45 14.26
N LYS D 299 -15.60 13.09 15.49
CA LYS D 299 -17.00 13.08 15.94
C LYS D 299 -17.40 14.34 16.69
N SER D 300 -16.48 15.29 16.87
CA SER D 300 -16.76 16.51 17.66
C SER D 300 -16.52 17.77 16.83
N ASP D 301 -15.94 17.61 15.64
CA ASP D 301 -15.47 18.75 14.88
C ASP D 301 -15.94 18.73 13.44
N THR D 302 -16.49 19.85 12.99
CA THR D 302 -17.02 20.03 11.64
C THR D 302 -16.01 20.67 10.68
N ARG D 303 -14.91 21.20 11.23
CA ARG D 303 -13.87 21.90 10.47
C ARG D 303 -14.48 23.00 9.59
N GLY D 304 -15.28 23.84 10.25
CA GLY D 304 -16.00 24.93 9.61
C GLY D 304 -17.08 24.51 8.63
N GLY D 305 -17.46 23.24 8.66
CA GLY D 305 -18.48 22.68 7.78
C GLY D 305 -19.81 22.60 8.53
N SER D 306 -20.79 21.92 7.97
CA SER D 306 -22.09 21.81 8.62
C SER D 306 -22.28 20.47 9.37
N LYS D 307 -21.43 19.49 9.09
CA LYS D 307 -21.46 18.20 9.80
C LYS D 307 -20.09 17.79 10.37
N HIS D 308 -20.10 16.93 11.40
CA HIS D 308 -18.87 16.33 11.93
C HIS D 308 -18.08 15.64 10.81
N ILE D 309 -16.76 15.79 10.82
CA ILE D 309 -15.95 15.29 9.69
C ILE D 309 -15.99 13.77 9.52
N ILE D 310 -16.30 13.02 10.58
CA ILE D 310 -16.57 11.58 10.43
C ILE D 310 -17.65 11.25 9.38
N GLU D 311 -18.48 12.23 9.07
CA GLU D 311 -19.57 12.09 8.06
C GLU D 311 -19.05 12.10 6.60
N HIS D 312 -17.85 12.64 6.39
CA HIS D 312 -17.14 12.55 5.10
C HIS D 312 -16.52 11.17 4.90
N GLN D 313 -16.89 10.51 3.81
CA GLN D 313 -16.39 9.17 3.47
C GLN D 313 -14.87 8.98 3.56
N SER D 314 -14.11 9.97 3.06
CA SER D 314 -12.65 9.86 3.03
C SER D 314 -12.04 9.84 4.45
N VAL D 315 -12.59 10.68 5.32
CA VAL D 315 -12.24 10.69 6.75
C VAL D 315 -12.60 9.37 7.41
N ALA D 316 -13.82 8.92 7.23
CA ALA D 316 -14.25 7.66 7.84
C ALA D 316 -13.43 6.48 7.30
N ASP D 317 -13.07 6.54 6.02
CA ASP D 317 -12.23 5.50 5.42
C ASP D 317 -10.91 5.37 6.18
N LYS D 318 -10.31 6.49 6.58
CA LYS D 318 -9.07 6.52 7.33
C LYS D 318 -9.25 5.83 8.70
N LEU D 319 -10.35 6.15 9.38
CA LEU D 319 -10.63 5.61 10.72
C LEU D 319 -10.93 4.12 10.67
N ILE D 320 -11.65 3.72 9.63
CA ILE D 320 -11.92 2.32 9.36
C ILE D 320 -10.62 1.50 9.22
N ASP D 321 -9.72 1.97 8.37
CA ASP D 321 -8.43 1.32 8.13
C ASP D 321 -7.64 1.26 9.42
N CYS D 322 -7.69 2.35 10.18
CA CYS D 322 -7.05 2.46 11.50
C CYS D 322 -7.57 1.38 12.42
N LYS D 323 -8.89 1.30 12.56
CA LYS D 323 -9.58 0.34 13.41
C LYS D 323 -9.18 -1.08 13.07
N ILE D 324 -9.28 -1.40 11.78
CA ILE D 324 -8.94 -2.73 11.25
C ILE D 324 -7.49 -3.15 11.60
N ARG D 325 -6.53 -2.23 11.39
CA ARG D 325 -5.15 -2.47 11.74
C ARG D 325 -5.00 -2.80 13.23
N LEU D 326 -5.67 -2.01 14.08
CA LEU D 326 -5.58 -2.21 15.51
C LEU D 326 -6.19 -3.53 15.96
N GLU D 327 -7.32 -3.91 15.34
CA GLU D 327 -8.03 -5.12 15.72
C GLU D 327 -7.31 -6.39 15.27
N THR D 328 -6.90 -6.43 14.01
CA THR D 328 -6.07 -7.53 13.50
C THR D 328 -4.76 -7.65 14.32
N SER D 329 -4.18 -6.50 14.68
CA SER D 329 -2.92 -6.48 15.44
C SER D 329 -3.05 -7.17 16.80
N ARG D 330 -4.07 -6.76 17.58
CA ARG D 330 -4.33 -7.32 18.90
C ARG D 330 -4.63 -8.82 18.87
N LEU D 331 -5.50 -9.22 17.95
CA LEU D 331 -5.78 -10.63 17.72
C LEU D 331 -4.48 -11.42 17.47
N LEU D 332 -3.61 -10.87 16.63
CA LEU D 332 -2.38 -11.59 16.26
C LEU D 332 -1.43 -11.66 17.47
N VAL D 333 -1.40 -10.59 18.27
CA VAL D 333 -0.59 -10.57 19.48
C VAL D 333 -1.08 -11.64 20.48
N TRP D 334 -2.39 -11.74 20.67
CA TRP D 334 -2.97 -12.73 21.56
C TRP D 334 -2.70 -14.12 21.03
N LYS D 335 -2.91 -14.32 19.73
CA LYS D 335 -2.53 -15.56 19.08
C LYS D 335 -1.03 -15.93 19.31
N ALA D 336 -0.15 -14.95 19.14
CA ALA D 336 1.29 -15.15 19.27
C ALA D 336 1.72 -15.55 20.68
N VAL D 337 1.24 -14.83 21.69
CA VAL D 337 1.68 -15.09 23.07
C VAL D 337 1.15 -16.42 23.58
N THR D 338 -0.07 -16.71 23.16
CA THR D 338 -0.76 -17.97 23.40
C THR D 338 -0.03 -19.17 22.77
N THR D 339 0.43 -19.00 21.54
CA THR D 339 1.22 -20.00 20.84
C THR D 339 2.54 -20.27 21.61
N LEU D 340 3.18 -19.21 22.09
CA LEU D 340 4.42 -19.32 22.86
C LEU D 340 4.25 -20.09 24.18
N GLU D 341 3.05 -20.02 24.75
CA GLU D 341 2.73 -20.70 26.00
C GLU D 341 2.33 -22.18 25.78
N ASP D 342 2.09 -22.55 24.53
CA ASP D 342 1.65 -23.90 24.20
C ASP D 342 2.83 -24.89 24.16
N GLU D 343 2.88 -25.72 25.20
CA GLU D 343 3.96 -26.68 25.42
C GLU D 343 3.98 -27.81 24.39
N ALA D 344 2.86 -28.04 23.73
CA ALA D 344 2.77 -29.09 22.73
C ALA D 344 3.28 -28.68 21.35
N LEU D 345 3.80 -27.46 21.21
CA LEU D 345 4.24 -26.96 19.90
C LEU D 345 5.75 -26.81 19.82
N GLU D 346 6.30 -27.11 18.65
CA GLU D 346 7.71 -26.94 18.38
C GLU D 346 8.15 -25.48 18.36
N TRP D 347 9.42 -25.26 18.66
CA TRP D 347 10.00 -23.93 18.69
C TRP D 347 9.82 -23.21 17.35
N LYS D 348 10.17 -23.91 16.26
CA LYS D 348 9.96 -23.46 14.87
C LYS D 348 8.63 -22.75 14.69
N VAL D 349 7.57 -23.36 15.23
CA VAL D 349 6.20 -22.89 15.07
C VAL D 349 5.97 -21.62 15.87
N LYS D 350 6.40 -21.63 17.13
CA LYS D 350 6.34 -20.46 18.01
C LYS D 350 7.14 -19.26 17.47
N LEU D 351 8.34 -19.52 16.98
CA LEU D 351 9.21 -18.50 16.44
C LEU D 351 8.56 -17.79 15.24
N GLU D 352 8.14 -18.58 14.25
CA GLU D 352 7.47 -18.04 13.07
C GLU D 352 6.28 -17.12 13.44
N MET D 353 5.49 -17.55 14.41
CA MET D 353 4.31 -16.80 14.84
C MET D 353 4.75 -15.51 15.48
N ALA D 354 5.80 -15.60 16.29
CA ALA D 354 6.37 -14.43 16.94
C ALA D 354 6.93 -13.44 15.92
N MET D 355 7.59 -13.94 14.87
CA MET D 355 8.13 -13.05 13.84
C MET D 355 7.04 -12.31 13.07
N GLN D 356 6.02 -13.03 12.61
CA GLN D 356 4.86 -12.46 11.90
C GLN D 356 4.26 -11.35 12.67
N THR D 357 4.13 -11.58 13.97
CA THR D 357 3.48 -10.64 14.87
C THR D 357 4.29 -9.36 14.97
N LYS D 358 5.56 -9.48 15.28
CA LYS D 358 6.41 -8.29 15.33
C LYS D 358 6.31 -7.50 14.01
N ILE D 359 6.42 -8.19 12.88
CA ILE D 359 6.47 -7.57 11.57
C ILE D 359 5.17 -6.81 11.23
N TYR D 360 4.04 -7.50 11.34
CA TYR D 360 2.74 -6.94 11.02
C TYR D 360 2.40 -5.79 11.95
N THR D 361 2.42 -6.04 13.26
CA THR D 361 1.93 -5.04 14.23
C THR D 361 2.74 -3.75 14.19
N THR D 362 4.05 -3.88 13.99
CA THR D 362 4.91 -2.70 14.01
C THR D 362 4.85 -1.88 12.70
N ASP D 363 4.81 -2.56 11.54
CA ASP D 363 4.56 -1.85 10.27
C ASP D 363 3.21 -1.10 10.26
N VAL D 364 2.17 -1.83 10.61
CA VAL D 364 0.81 -1.37 10.54
C VAL D 364 0.52 -0.25 11.58
N ALA D 365 1.20 -0.28 12.73
CA ALA D 365 0.99 0.80 13.70
C ALA D 365 1.37 2.17 13.12
N VAL D 366 2.45 2.16 12.34
CA VAL D 366 2.97 3.38 11.70
C VAL D 366 1.89 3.98 10.79
N GLU D 367 1.35 3.16 9.89
CA GLU D 367 0.28 3.54 8.98
C GLU D 367 -0.93 4.06 9.75
N CYS D 368 -1.21 3.44 10.89
CA CYS D 368 -2.37 3.77 11.70
C CYS D 368 -2.23 5.18 12.28
N VAL D 369 -1.04 5.53 12.77
CA VAL D 369 -0.74 6.87 13.31
C VAL D 369 -0.80 7.97 12.22
N ILE D 370 -0.26 7.64 11.06
CA ILE D 370 -0.16 8.57 9.93
C ILE D 370 -1.54 8.82 9.30
N ASP D 371 -2.38 7.78 9.24
CA ASP D 371 -3.72 7.91 8.71
C ASP D 371 -4.59 8.75 9.65
N ALA D 372 -4.42 8.52 10.96
CA ALA D 372 -5.11 9.34 11.99
C ALA D 372 -4.75 10.82 11.84
N MET D 373 -3.47 11.10 11.60
CA MET D 373 -3.01 12.47 11.37
C MET D 373 -3.63 13.11 10.12
N LYS D 374 -3.72 12.35 9.03
CA LYS D 374 -4.32 12.80 7.77
C LYS D 374 -5.81 13.13 7.94
N ALA D 375 -6.50 12.31 8.75
CA ALA D 375 -7.92 12.49 9.05
C ALA D 375 -8.22 13.76 9.88
N VAL D 376 -7.38 14.03 10.87
CA VAL D 376 -7.48 15.23 11.73
C VAL D 376 -7.02 16.48 10.95
N GLY D 377 -6.05 16.31 10.06
CA GLY D 377 -5.55 17.42 9.24
C GLY D 377 -4.44 18.23 9.86
N MET D 378 -4.37 19.51 9.49
CA MET D 378 -3.29 20.36 9.95
C MET D 378 -3.10 20.35 11.48
N LYS D 379 -4.21 20.27 12.22
CA LYS D 379 -4.17 20.35 13.68
C LYS D 379 -3.33 19.26 14.35
N SER D 380 -3.18 18.11 13.67
CA SER D 380 -2.40 16.98 14.19
C SER D 380 -0.91 17.30 14.26
N TYR D 381 -0.50 18.36 13.58
CA TYR D 381 0.92 18.67 13.43
C TYR D 381 1.48 19.54 14.57
N ALA D 382 0.57 20.07 15.39
CA ALA D 382 0.93 20.94 16.52
C ALA D 382 0.92 20.18 17.84
N LYS D 383 1.83 20.56 18.73
CA LYS D 383 2.08 19.82 19.97
C LYS D 383 1.02 20.04 21.06
N ASP D 384 -0.08 20.75 20.75
CA ASP D 384 -1.22 20.72 21.65
C ASP D 384 -2.14 19.53 21.35
N MET D 385 -1.72 18.70 20.40
CA MET D 385 -2.31 17.36 20.20
C MET D 385 -1.19 16.36 20.44
N SER D 386 -1.50 15.08 20.51
CA SER D 386 -0.45 14.11 20.86
C SER D 386 0.29 13.52 19.69
N PHE D 387 -0.23 13.74 18.48
CA PHE D 387 0.34 13.12 17.26
C PHE D 387 1.83 13.41 17.00
N PRO D 388 2.31 14.65 17.22
CA PRO D 388 3.75 14.76 17.02
C PRO D 388 4.52 13.73 17.87
N ARG D 389 4.15 13.59 19.15
CA ARG D 389 4.82 12.63 20.03
C ARG D 389 4.63 11.21 19.50
N LEU D 390 3.40 10.90 19.10
CA LEU D 390 3.06 9.53 18.66
C LEU D 390 3.76 9.13 17.37
N LEU D 391 3.89 10.08 16.46
CA LEU D 391 4.52 9.82 15.17
C LEU D 391 5.97 9.41 15.39
N ASN D 392 6.66 10.11 16.28
CA ASN D 392 8.05 9.77 16.60
C ASN D 392 8.18 8.44 17.37
N GLU D 393 7.24 8.20 18.30
CA GLU D 393 7.27 6.98 19.12
C GLU D 393 6.97 5.72 18.31
N VAL D 394 5.99 5.82 17.40
CA VAL D 394 5.58 4.65 16.62
C VAL D 394 6.65 4.17 15.61
N MET D 395 7.50 5.08 15.15
CA MET D 395 8.57 4.75 14.21
C MET D 395 9.72 3.95 14.83
N CYS D 396 9.81 3.95 16.15
CA CYS D 396 10.75 3.07 16.88
C CYS D 396 10.46 1.60 16.58
N TYR D 397 9.17 1.27 16.57
CA TYR D 397 8.72 -0.10 16.65
C TYR D 397 9.16 -1.03 15.51
N PRO D 398 9.05 -0.58 14.23
CA PRO D 398 9.55 -1.41 13.13
C PRO D 398 11.06 -1.55 13.13
N LEU D 399 11.75 -0.65 13.84
CA LEU D 399 13.22 -0.60 13.76
C LEU D 399 13.87 -1.34 14.92
N PHE D 400 13.24 -1.24 16.09
CA PHE D 400 13.83 -1.77 17.31
C PHE D 400 13.36 -3.19 17.56
N ASP D 401 13.82 -3.74 18.68
CA ASP D 401 13.57 -5.14 19.02
C ASP D 401 13.81 -6.09 17.84
N GLY D 402 14.92 -5.89 17.14
CA GLY D 402 15.20 -6.59 15.90
C GLY D 402 14.36 -5.95 14.80
N GLY D 403 14.99 -5.12 13.97
CA GLY D 403 14.28 -4.51 12.84
C GLY D 403 13.62 -5.54 11.95
N ASN D 404 12.51 -5.15 11.34
CA ASN D 404 11.73 -6.06 10.50
C ASN D 404 12.53 -6.51 9.28
N ILE D 405 13.24 -5.60 8.64
CA ILE D 405 13.91 -5.86 7.37
C ILE D 405 15.13 -6.77 7.52
N GLY D 406 15.98 -6.47 8.49
CA GLY D 406 17.28 -7.17 8.60
C GLY D 406 17.27 -8.41 9.46
N LEU D 407 16.41 -8.39 10.49
CA LEU D 407 16.36 -9.48 11.47
C LEU D 407 15.07 -10.29 11.39
N ARG D 408 13.92 -9.68 11.68
CA ARG D 408 12.68 -10.48 11.84
C ARG D 408 12.21 -11.25 10.60
N ARG D 409 12.28 -10.59 9.44
CA ARG D 409 11.94 -11.24 8.18
C ARG D 409 12.92 -12.36 7.82
N ARG D 410 14.20 -12.15 8.12
CA ARG D 410 15.23 -13.15 7.83
C ARG D 410 15.03 -14.38 8.71
N GLN D 411 14.68 -14.17 9.98
CA GLN D 411 14.41 -15.28 10.90
C GLN D 411 13.17 -16.06 10.46
N MET D 412 12.16 -15.35 9.99
CA MET D 412 10.94 -15.99 9.54
C MET D 412 11.16 -16.77 8.23
N GLN D 413 11.86 -16.13 7.28
CA GLN D 413 12.28 -16.74 6.02
C GLN D 413 13.04 -18.04 6.26
N ARG D 414 13.92 -18.04 7.27
CA ARG D 414 14.72 -19.25 7.50
C ARG D 414 13.81 -20.38 7.97
N VAL D 415 12.87 -20.07 8.85
CA VAL D 415 11.84 -21.07 9.24
C VAL D 415 11.05 -21.59 8.02
N MET D 416 10.58 -20.68 7.17
CA MET D 416 9.74 -21.07 6.03
C MET D 416 10.48 -21.96 5.03
N ALA D 417 11.80 -21.74 4.91
CA ALA D 417 12.64 -22.52 4.02
C ALA D 417 12.92 -23.95 4.53
N LEU D 418 12.70 -24.20 5.80
CA LEU D 418 12.88 -25.55 6.37
C LEU D 418 12.00 -26.59 5.73
N GLU D 419 12.60 -27.74 5.44
CA GLU D 419 11.90 -28.81 4.73
C GLU D 419 10.66 -29.27 5.48
N ASP D 420 10.70 -29.23 6.82
CA ASP D 420 9.60 -29.70 7.65
C ASP D 420 8.68 -28.58 8.15
N TYR D 421 8.66 -27.46 7.42
CA TYR D 421 7.83 -26.29 7.73
C TYR D 421 6.35 -26.63 7.63
N GLU D 422 5.63 -26.34 8.71
CA GLU D 422 4.19 -26.53 8.75
C GLU D 422 3.48 -25.20 8.98
N PRO D 423 3.10 -24.51 7.90
CA PRO D 423 2.62 -23.14 8.04
C PRO D 423 1.50 -22.94 9.07
N TRP D 424 0.58 -23.91 9.14
CA TRP D 424 -0.60 -23.79 10.00
C TRP D 424 -0.53 -24.62 11.29
N ALA D 425 0.66 -25.11 11.64
CA ALA D 425 0.82 -25.91 12.86
C ALA D 425 0.24 -25.26 14.12
N ALA D 426 0.33 -23.93 14.22
CA ALA D 426 -0.17 -23.19 15.38
C ALA D 426 -1.71 -23.09 15.43
N THR D 427 -2.36 -23.47 14.33
CA THR D 427 -3.81 -23.33 14.22
C THR D 427 -4.46 -24.71 14.24
N TYR D 428 -4.01 -25.55 13.33
CA TYR D 428 -4.66 -26.82 13.09
C TYR D 428 -3.85 -27.97 13.68
N GLY D 429 -2.68 -27.67 14.24
CA GLY D 429 -1.84 -28.69 14.86
C GLY D 429 -0.86 -29.32 13.89
N SER D 430 0.07 -30.10 14.42
CA SER D 430 1.07 -30.82 13.60
C SER D 430 0.58 -32.22 13.20
#